data_6PVC
#
_entry.id   6PVC
#
_cell.length_a   214.291
_cell.length_b   69.834
_cell.length_c   141.618
_cell.angle_alpha   90.000
_cell.angle_beta   103.319
_cell.angle_gamma   90.000
#
_symmetry.space_group_name_H-M   'C 1 2 1'
#
loop_
_entity.id
_entity.type
_entity.pdbx_description
1 polymer 'Major histocompatibility complex class I-related gene protein'
2 polymer Beta-2-microglobulin
3 polymer 'Human TCR alpha chain'
4 polymer 'Human TCR beta chain'
5 non-polymer GLYCEROL
6 non-polymer N-(2,6-dioxo-1,2,3,6-tetrahydropyrimidine-4-carbonyl)-beta-alanine
7 non-polymer 'SODIUM ION'
8 non-polymer 'ACETATE ION'
9 water water
#
loop_
_entity_poly.entity_id
_entity_poly.type
_entity_poly.pdbx_seq_one_letter_code
_entity_poly.pdbx_strand_id
1 'polypeptide(L)'
;MRTHSLRYFRLGVSDPIHGVPEFISVGYVDSHPITTYDSVTRQKEPRAPWMAENLAPDHWERYTQLLRGWQQMFKVELKR
LQRHYNHSGSHTYQRMIGCELLEDGSTTGFLQYAYDGQDFLIFNKDTLSWLAVDNVAHTIKQAWEANQHELLYQKNWLEE
ECIAWLKRFLEYGKDTLQRTEPPLVRVNRKETFPGVTALFCKAHGFYPPEIYMTWMKNGEEIVQEIDYGDILPSGDGTYQ
AWASIELDPQSSNLYSCHVEHSGVHMVLQVP
;
A,C
2 'polypeptide(L)'
;MIQRTPKIQVYSRHPAENGKSNFLNCYVSGFHPSDIEVDLLKNGERIEKVEHSDLSFSKDWSFYLLYYTEFTPTEKDEYA
CRVNHVTLSQPKIVKWDRDM
;
B,D
3 'polypeptide(L)'
;MGQNIDQPTEMTATEGAIVQINCTYQTSGFNGLFWYQQHAGEAPTFLSYNVLDGLEEKGRFSSFLSRSKGYSYLLLKELQ
MKDSASYLCAVKDSNYQLIWGAGTKLIIKPDIQNPDPAVYQLRDSKSSDKSVCLFTDFDSQTNVSQSKDSDVYITDKCVL
DMRSMDFKSNSAVAWSNKSDFACANAFNNSIIPEDTFFPSPESS
;
E,G
4 'polypeptide(L)'
;MNAGVTQTPKFQVLKTGQSMTLQCAQDMNHNSMYWYRQDPGMGLRLIYYSASEGTTDKGEVPNGYNVSRLNKREFSLRLE
SAAPSQTSVYFCASSVWTGEGSGELFFGEGSRLTVLEDLKNVFPPEVAVFEPSEAEISHTQKATLVCLATGFYPDHVELS
WWVNGKEVHSGVCTDPQPLKEQPALNDSRYALSSRLRVSATFWQNPRNHFRCQVQFYGLSENDEWTQDRAKPVTQIVSAE
AWGRAD
;
F,H
#
loop_
_chem_comp.id
_chem_comp.type
_chem_comp.name
_chem_comp.formula
ACT non-polymer 'ACETATE ION' 'C2 H3 O2 -1'
GOL non-polymer GLYCEROL 'C3 H8 O3'
NA non-polymer 'SODIUM ION' 'Na 1'
P1J non-polymer N-(2,6-dioxo-1,2,3,6-tetrahydropyrimidine-4-carbonyl)-beta-alanine 'C8 H9 N3 O5'
#
# COMPACT_ATOMS: atom_id res chain seq x y z
N MET A 1 27.37 -56.93 23.45
CA MET A 1 25.96 -57.01 23.13
C MET A 1 25.74 -58.07 22.06
N ARG A 2 24.65 -58.82 22.19
CA ARG A 2 24.19 -59.61 21.08
C ARG A 2 23.85 -58.69 19.89
N THR A 3 23.58 -59.30 18.74
CA THR A 3 23.10 -58.58 17.56
C THR A 3 21.71 -57.99 17.81
N HIS A 4 21.48 -56.77 17.33
CA HIS A 4 20.19 -56.14 17.48
C HIS A 4 19.84 -55.41 16.17
N SER A 5 18.55 -55.16 15.96
CA SER A 5 18.13 -54.49 14.73
C SER A 5 17.01 -53.51 15.01
N LEU A 6 16.90 -52.52 14.13
CA LEU A 6 15.80 -51.57 14.12
C LEU A 6 15.21 -51.58 12.72
N ARG A 7 13.88 -51.68 12.62
CA ARG A 7 13.27 -51.61 11.30
CA ARG A 7 13.23 -51.69 11.31
C ARG A 7 11.89 -50.96 11.40
N TYR A 8 11.53 -50.27 10.31
CA TYR A 8 10.20 -49.68 10.13
C TYR A 8 9.56 -50.28 8.88
N PHE A 9 8.32 -50.72 9.03
CA PHE A 9 7.51 -51.20 7.93
C PHE A 9 6.43 -50.19 7.58
N ARG A 10 6.07 -50.16 6.30
CA ARG A 10 4.83 -49.53 5.84
C ARG A 10 4.04 -50.53 5.02
N LEU A 11 2.72 -50.46 5.17
CA LEU A 11 1.74 -51.25 4.41
C LEU A 11 0.70 -50.30 3.85
N GLY A 12 0.49 -50.35 2.55
CA GLY A 12 -0.60 -49.60 1.90
C GLY A 12 -1.48 -50.57 1.12
N VAL A 13 -2.80 -50.34 1.18
CA VAL A 13 -3.81 -51.19 0.56
C VAL A 13 -4.68 -50.31 -0.33
N SER A 14 -4.81 -50.68 -1.61
CA SER A 14 -5.36 -49.74 -2.60
C SER A 14 -6.87 -49.65 -2.59
N ASP A 15 -7.58 -50.65 -2.07
CA ASP A 15 -9.05 -50.62 -2.06
C ASP A 15 -9.55 -51.36 -0.84
N PRO A 16 -9.35 -50.80 0.36
CA PRO A 16 -9.54 -51.59 1.58
C PRO A 16 -11.00 -51.84 1.92
N ILE A 17 -11.24 -53.00 2.55
CA ILE A 17 -12.54 -53.29 3.13
C ILE A 17 -12.87 -52.24 4.20
N HIS A 18 -14.18 -52.04 4.46
CA HIS A 18 -14.66 -50.90 5.24
C HIS A 18 -13.88 -50.69 6.54
N GLY A 19 -13.55 -51.76 7.25
CA GLY A 19 -12.87 -51.60 8.52
C GLY A 19 -11.41 -51.19 8.40
N VAL A 20 -10.73 -51.69 7.37
CA VAL A 20 -9.27 -51.73 7.30
C VAL A 20 -8.64 -50.37 6.98
N PRO A 21 -7.57 -49.99 7.68
CA PRO A 21 -6.82 -48.78 7.29
C PRO A 21 -6.18 -48.94 5.93
N GLU A 22 -6.14 -47.86 5.16
CA GLU A 22 -5.44 -47.92 3.88
C GLU A 22 -3.92 -47.86 4.05
N PHE A 23 -3.41 -47.44 5.22
CA PHE A 23 -1.97 -47.29 5.49
C PHE A 23 -1.68 -47.64 6.95
N ILE A 24 -0.65 -48.47 7.17
CA ILE A 24 -0.15 -48.80 8.51
C ILE A 24 1.38 -48.73 8.49
N SER A 25 1.97 -48.21 9.57
CA SER A 25 3.41 -48.22 9.72
C SER A 25 3.76 -48.61 11.15
N VAL A 26 4.59 -49.64 11.30
CA VAL A 26 5.04 -50.14 12.60
C VAL A 26 6.56 -50.22 12.63
N GLY A 27 7.15 -49.79 13.74
CA GLY A 27 8.56 -49.99 13.99
C GLY A 27 8.80 -51.13 14.97
N TYR A 28 9.97 -51.76 14.83
CA TYR A 28 10.42 -52.87 15.69
C TYR A 28 11.87 -52.66 16.11
N VAL A 29 12.18 -53.01 17.36
CA VAL A 29 13.55 -53.29 17.78
C VAL A 29 13.60 -54.78 18.11
N ASP A 30 14.45 -55.51 17.39
CA ASP A 30 14.45 -56.99 17.40
C ASP A 30 13.02 -57.42 17.11
N SER A 31 12.44 -58.33 17.88
CA SER A 31 11.06 -58.76 17.69
CA SER A 31 11.06 -58.72 17.63
C SER A 31 10.05 -57.86 18.40
N HIS A 32 10.48 -56.76 19.02
CA HIS A 32 9.57 -55.98 19.87
C HIS A 32 8.96 -54.81 19.11
N PRO A 33 7.64 -54.74 18.97
CA PRO A 33 7.04 -53.55 18.37
C PRO A 33 7.34 -52.35 19.26
N ILE A 34 7.79 -51.23 18.64
CA ILE A 34 8.13 -50.04 19.42
C ILE A 34 7.23 -48.86 19.05
N THR A 35 6.76 -48.78 17.81
CA THR A 35 5.96 -47.64 17.36
C THR A 35 4.84 -48.11 16.44
N THR A 36 3.74 -47.36 16.42
CA THR A 36 2.69 -47.67 15.45
C THR A 36 2.02 -46.38 14.97
N TYR A 37 1.48 -46.45 13.76
CA TYR A 37 0.76 -45.36 13.13
C TYR A 37 -0.18 -45.99 12.10
N ASP A 38 -1.38 -45.43 11.92
CA ASP A 38 -2.18 -45.86 10.78
C ASP A 38 -3.10 -44.73 10.33
N SER A 39 -3.75 -44.94 9.20
CA SER A 39 -4.58 -43.90 8.58
C SER A 39 -5.93 -43.74 9.26
N VAL A 40 -6.29 -44.61 10.21
CA VAL A 40 -7.50 -44.40 11.00
C VAL A 40 -7.21 -43.46 12.17
N THR A 41 -6.25 -43.81 13.02
CA THR A 41 -5.89 -42.95 14.15
C THR A 41 -5.16 -41.68 13.70
N ARG A 42 -4.43 -41.74 12.59
CA ARG A 42 -3.57 -40.64 12.14
C ARG A 42 -2.64 -40.13 13.25
N GLN A 43 -2.25 -40.99 14.19
CA GLN A 43 -1.32 -40.63 15.26
C GLN A 43 -0.22 -41.68 15.36
N LYS A 44 1.03 -41.23 15.53
CA LYS A 44 2.09 -42.18 15.85
C LYS A 44 2.14 -42.37 17.36
N GLU A 45 2.18 -43.62 17.80
CA GLU A 45 2.09 -44.00 19.20
C GLU A 45 3.17 -45.01 19.57
N PRO A 46 3.62 -45.00 20.82
CA PRO A 46 4.53 -46.04 21.28
C PRO A 46 3.83 -47.39 21.43
N ARG A 47 4.56 -48.46 21.13
CA ARG A 47 4.09 -49.81 21.40
C ARG A 47 4.94 -50.52 22.44
N ALA A 48 5.83 -49.80 23.10
CA ALA A 48 6.63 -50.39 24.16
C ALA A 48 6.67 -49.37 25.28
N PRO A 49 6.58 -49.82 26.53
CA PRO A 49 6.58 -48.84 27.63
C PRO A 49 7.85 -48.00 27.67
N TRP A 50 9.00 -48.61 27.40
CA TRP A 50 10.25 -47.88 27.52
C TRP A 50 10.49 -46.93 26.35
N MET A 51 9.64 -46.96 25.32
CA MET A 51 9.65 -45.90 24.33
C MET A 51 8.85 -44.71 24.82
N ALA A 52 7.64 -44.95 25.33
CA ALA A 52 6.84 -43.87 25.85
C ALA A 52 7.52 -43.22 27.05
N GLU A 53 8.24 -44.02 27.83
CA GLU A 53 8.86 -43.51 29.05
C GLU A 53 9.98 -42.54 28.74
N ASN A 54 10.62 -42.68 27.57
CA ASN A 54 11.86 -41.97 27.29
C ASN A 54 11.78 -40.97 26.15
N LEU A 55 10.66 -40.89 25.45
CA LEU A 55 10.47 -39.91 24.38
C LEU A 55 9.33 -38.98 24.76
N ALA A 56 9.60 -37.68 24.82
CA ALA A 56 8.61 -36.73 25.27
C ALA A 56 7.54 -36.50 24.20
N PRO A 57 6.37 -35.97 24.58
CA PRO A 57 5.29 -35.78 23.60
C PRO A 57 5.69 -35.02 22.36
N ASP A 58 6.67 -34.12 22.44
CA ASP A 58 7.13 -33.38 21.27
C ASP A 58 7.67 -34.32 20.19
N HIS A 59 8.29 -35.42 20.59
CA HIS A 59 8.81 -36.38 19.62
C HIS A 59 7.67 -37.05 18.87
N TRP A 60 6.64 -37.49 19.60
CA TRP A 60 5.52 -38.17 18.94
C TRP A 60 4.73 -37.21 18.07
N GLU A 61 4.63 -35.95 18.48
CA GLU A 61 3.97 -34.95 17.64
C GLU A 61 4.69 -34.80 16.32
N ARG A 62 6.01 -34.59 16.37
N ARG A 62 6.01 -34.60 16.35
CA ARG A 62 6.79 -34.43 15.15
CA ARG A 62 6.78 -34.41 15.12
C ARG A 62 6.66 -35.64 14.23
C ARG A 62 6.68 -35.63 14.22
N TYR A 63 6.83 -36.83 14.78
CA TYR A 63 6.79 -38.02 13.93
C TYR A 63 5.39 -38.30 13.43
N THR A 64 4.36 -37.99 14.21
CA THR A 64 2.99 -38.04 13.70
C THR A 64 2.85 -37.21 12.42
N GLN A 65 3.42 -35.99 12.40
CA GLN A 65 3.32 -35.17 11.19
C GLN A 65 4.11 -35.79 10.05
N LEU A 66 5.32 -36.30 10.33
CA LEU A 66 6.08 -36.98 9.28
C LEU A 66 5.28 -38.14 8.70
N LEU A 67 4.62 -38.93 9.54
N LEU A 67 4.63 -38.94 9.55
CA LEU A 67 3.92 -40.11 9.05
CA LEU A 67 3.91 -40.12 9.08
C LEU A 67 2.67 -39.74 8.26
C LEU A 67 2.66 -39.75 8.28
N ARG A 68 2.01 -38.62 8.60
CA ARG A 68 0.89 -38.17 7.78
C ARG A 68 1.35 -37.87 6.35
N GLY A 69 2.52 -37.25 6.19
CA GLY A 69 3.04 -37.02 4.85
C GLY A 69 3.55 -38.29 4.16
N TRP A 70 4.27 -39.15 4.89
CA TRP A 70 4.69 -40.41 4.28
C TRP A 70 3.47 -41.23 3.85
N GLN A 71 2.38 -41.18 4.60
CA GLN A 71 1.15 -41.86 4.18
C GLN A 71 0.67 -41.38 2.81
N GLN A 72 0.61 -40.06 2.60
CA GLN A 72 0.15 -39.54 1.31
C GLN A 72 1.11 -39.94 0.19
N MET A 73 2.41 -39.87 0.46
CA MET A 73 3.38 -40.27 -0.55
C MET A 73 3.18 -41.74 -0.92
N PHE A 74 2.88 -42.57 0.09
CA PHE A 74 2.74 -44.01 -0.15
C PHE A 74 1.55 -44.29 -1.05
N LYS A 75 0.44 -43.58 -0.80
CA LYS A 75 -0.73 -43.73 -1.65
C LYS A 75 -0.43 -43.32 -3.09
N VAL A 76 0.29 -42.21 -3.27
CA VAL A 76 0.63 -41.75 -4.61
C VAL A 76 1.49 -42.79 -5.33
N GLU A 77 2.43 -43.43 -4.62
CA GLU A 77 3.27 -44.44 -5.25
C GLU A 77 2.46 -45.67 -5.64
N LEU A 78 1.58 -46.14 -4.73
CA LEU A 78 0.77 -47.32 -5.03
C LEU A 78 -0.13 -47.07 -6.23
N LYS A 79 -0.79 -45.92 -6.23
CA LYS A 79 -1.66 -45.58 -7.36
C LYS A 79 -0.90 -45.68 -8.68
N ARG A 80 0.34 -45.18 -8.69
CA ARG A 80 1.20 -45.28 -9.88
C ARG A 80 1.51 -46.74 -10.22
N LEU A 81 1.92 -47.55 -9.23
CA LEU A 81 2.26 -48.93 -9.52
C LEU A 81 1.07 -49.67 -10.15
N GLN A 82 -0.09 -49.58 -9.53
CA GLN A 82 -1.24 -50.34 -9.99
C GLN A 82 -1.67 -49.88 -11.39
N ARG A 83 -1.64 -48.57 -11.62
CA ARG A 83 -1.93 -48.07 -12.96
C ARG A 83 -0.96 -48.64 -13.98
N HIS A 84 0.32 -48.74 -13.62
CA HIS A 84 1.29 -49.30 -14.56
C HIS A 84 1.18 -50.81 -14.67
N TYR A 85 0.79 -51.50 -13.60
CA TYR A 85 0.54 -52.93 -13.72
C TYR A 85 -0.72 -53.23 -14.50
N ASN A 86 -1.54 -52.19 -14.76
CA ASN A 86 -2.87 -52.37 -15.33
C ASN A 86 -3.67 -53.38 -14.52
N HIS A 87 -3.61 -53.24 -13.19
CA HIS A 87 -4.34 -54.10 -12.26
C HIS A 87 -5.60 -53.41 -11.75
N SER A 88 -6.70 -54.16 -11.71
CA SER A 88 -7.91 -53.72 -11.03
C SER A 88 -7.98 -54.37 -9.65
N GLY A 89 -8.81 -53.79 -8.78
CA GLY A 89 -9.06 -54.36 -7.47
C GLY A 89 -8.14 -53.81 -6.39
N SER A 90 -8.07 -54.55 -5.29
CA SER A 90 -7.25 -54.16 -4.15
C SER A 90 -5.89 -54.86 -4.21
N HIS A 91 -4.84 -54.06 -4.13
CA HIS A 91 -3.47 -54.54 -4.13
C HIS A 91 -2.71 -53.89 -2.99
N THR A 92 -1.63 -54.53 -2.55
CA THR A 92 -0.86 -54.03 -1.42
C THR A 92 0.50 -53.53 -1.88
N TYR A 93 0.99 -52.55 -1.12
CA TYR A 93 2.31 -51.96 -1.28
C TYR A 93 2.98 -52.02 0.08
N GLN A 94 4.21 -52.50 0.14
CA GLN A 94 4.92 -52.58 1.42
C GLN A 94 6.33 -52.02 1.32
N ARG A 95 6.81 -51.50 2.45
CA ARG A 95 8.17 -51.01 2.56
C ARG A 95 8.77 -51.48 3.87
N MET A 96 10.07 -51.75 3.86
CA MET A 96 10.76 -52.01 5.10
CA MET A 96 10.79 -52.06 5.09
C MET A 96 12.13 -51.39 5.04
N ILE A 97 12.48 -50.63 6.07
CA ILE A 97 13.79 -50.01 6.15
C ILE A 97 14.34 -50.28 7.53
N GLY A 98 15.65 -50.47 7.63
CA GLY A 98 16.20 -50.70 8.95
C GLY A 98 17.69 -51.00 8.91
N CYS A 99 18.21 -51.40 10.08
CA CYS A 99 19.64 -51.61 10.23
C CYS A 99 19.86 -52.65 11.31
N GLU A 100 21.05 -53.26 11.29
CA GLU A 100 21.48 -54.16 12.35
C GLU A 100 22.82 -53.71 12.88
N LEU A 101 23.01 -53.85 14.19
CA LEU A 101 24.28 -53.65 14.87
C LEU A 101 24.72 -55.03 15.36
N LEU A 102 25.76 -55.58 14.74
CA LEU A 102 26.13 -56.97 15.03
C LEU A 102 27.01 -57.08 16.26
N GLU A 103 27.15 -58.33 16.73
CA GLU A 103 27.86 -58.58 17.98
C GLU A 103 29.30 -58.04 17.91
N ASP A 104 29.99 -58.26 16.77
CA ASP A 104 31.33 -57.69 16.51
C ASP A 104 31.34 -56.17 16.23
N GLY A 105 30.25 -55.42 16.36
CA GLY A 105 30.28 -53.99 16.08
C GLY A 105 30.15 -53.60 14.62
N SER A 106 30.19 -54.55 13.69
CA SER A 106 29.87 -54.24 12.31
C SER A 106 28.38 -53.90 12.15
N THR A 107 28.01 -53.36 10.98
CA THR A 107 26.63 -52.92 10.78
C THR A 107 26.16 -53.31 9.39
N THR A 108 24.86 -53.51 9.25
CA THR A 108 24.20 -53.68 7.97
C THR A 108 23.03 -52.72 7.92
N GLY A 109 22.53 -52.50 6.71
CA GLY A 109 21.39 -51.61 6.51
C GLY A 109 20.65 -52.04 5.27
N PHE A 110 19.33 -51.88 5.30
CA PHE A 110 18.54 -52.44 4.21
C PHE A 110 17.32 -51.56 3.97
N LEU A 111 16.83 -51.60 2.74
CA LEU A 111 15.66 -50.86 2.33
C LEU A 111 15.06 -51.58 1.14
N GLN A 112 13.79 -51.94 1.24
CA GLN A 112 13.19 -52.65 0.12
C GLN A 112 11.68 -52.45 0.15
N TYR A 113 11.06 -52.77 -1.01
CA TYR A 113 9.65 -52.58 -1.29
C TYR A 113 9.06 -53.85 -1.87
N ALA A 114 7.79 -54.08 -1.58
CA ALA A 114 7.01 -55.18 -2.14
C ALA A 114 5.69 -54.71 -2.72
N TYR A 115 5.23 -55.44 -3.74
CA TYR A 115 3.89 -55.28 -4.30
C TYR A 115 3.17 -56.62 -4.26
N ASP A 116 1.98 -56.64 -3.65
CA ASP A 116 1.19 -57.84 -3.42
C ASP A 116 2.02 -58.88 -2.65
N GLY A 117 2.87 -58.40 -1.74
CA GLY A 117 3.62 -59.28 -0.88
C GLY A 117 4.83 -59.92 -1.50
N GLN A 118 5.27 -59.45 -2.67
CA GLN A 118 6.40 -60.02 -3.38
C GLN A 118 7.42 -58.94 -3.59
N ASP A 119 8.72 -59.27 -3.46
CA ASP A 119 9.76 -58.29 -3.67
C ASP A 119 9.47 -57.46 -4.90
N PHE A 120 9.79 -56.16 -4.84
CA PHE A 120 9.53 -55.25 -5.94
C PHE A 120 10.77 -54.43 -6.28
N LEU A 121 11.31 -53.71 -5.28
CA LEU A 121 12.54 -52.97 -5.43
C LEU A 121 13.41 -53.19 -4.21
N ILE A 122 14.71 -53.37 -4.43
CA ILE A 122 15.66 -53.66 -3.36
C ILE A 122 16.84 -52.71 -3.49
N PHE A 123 17.07 -51.90 -2.45
CA PHE A 123 18.15 -50.93 -2.46
C PHE A 123 19.48 -51.62 -2.14
N ASN A 124 20.51 -51.27 -2.91
CA ASN A 124 21.90 -51.66 -2.63
C ASN A 124 22.65 -50.39 -2.25
N LYS A 125 22.90 -50.21 -0.96
CA LYS A 125 23.50 -48.97 -0.48
C LYS A 125 24.99 -48.91 -0.72
N ASP A 126 25.59 -49.99 -1.21
CA ASP A 126 27.01 -49.95 -1.51
C ASP A 126 27.27 -49.58 -2.97
N THR A 127 26.47 -50.08 -3.91
CA THR A 127 26.54 -49.60 -5.28
C THR A 127 25.57 -48.46 -5.56
N LEU A 128 24.77 -48.04 -4.57
CA LEU A 128 23.80 -46.94 -4.72
CA LEU A 128 23.81 -46.94 -4.73
C LEU A 128 22.89 -47.16 -5.92
N SER A 129 22.29 -48.35 -5.97
CA SER A 129 21.42 -48.71 -7.08
C SER A 129 20.22 -49.47 -6.54
N TRP A 130 19.19 -49.52 -7.38
CA TRP A 130 17.95 -50.21 -7.06
C TRP A 130 17.83 -51.44 -7.94
N LEU A 131 17.55 -52.58 -7.33
CA LEU A 131 17.29 -53.81 -8.07
C LEU A 131 15.80 -53.92 -8.36
N ALA A 132 15.44 -54.03 -9.64
CA ALA A 132 14.05 -54.13 -10.10
C ALA A 132 13.71 -55.57 -10.51
N VAL A 133 12.57 -56.09 -10.03
CA VAL A 133 12.14 -57.46 -10.31
C VAL A 133 11.33 -57.59 -11.60
N ASP A 134 10.74 -56.51 -12.10
CA ASP A 134 9.98 -56.57 -13.34
C ASP A 134 10.08 -55.19 -13.99
N ASN A 135 9.39 -55.02 -15.11
CA ASN A 135 9.58 -53.78 -15.83
CA ASN A 135 9.52 -53.80 -15.88
C ASN A 135 8.75 -52.62 -15.27
N VAL A 136 7.78 -52.89 -14.41
CA VAL A 136 7.16 -51.79 -13.68
C VAL A 136 8.14 -51.26 -12.63
N ALA A 137 8.76 -52.17 -11.86
CA ALA A 137 9.82 -51.76 -10.94
C ALA A 137 10.95 -51.06 -11.69
N HIS A 138 11.22 -51.51 -12.91
CA HIS A 138 12.32 -50.94 -13.69
C HIS A 138 12.07 -49.48 -14.02
N THR A 139 10.82 -49.11 -14.35
CA THR A 139 10.53 -47.70 -14.57
C THR A 139 10.79 -46.90 -13.31
N ILE A 140 10.37 -47.43 -12.15
CA ILE A 140 10.57 -46.70 -10.90
C ILE A 140 12.05 -46.57 -10.59
N LYS A 141 12.78 -47.67 -10.72
CA LYS A 141 14.23 -47.67 -10.55
C LYS A 141 14.87 -46.51 -11.33
N GLN A 142 14.46 -46.32 -12.59
CA GLN A 142 15.07 -45.26 -13.40
C GLN A 142 14.75 -43.87 -12.84
N ALA A 143 13.50 -43.64 -12.46
CA ALA A 143 13.14 -42.36 -11.85
C ALA A 143 13.87 -42.15 -10.52
N TRP A 144 13.93 -43.18 -9.68
CA TRP A 144 14.55 -43.00 -8.37
C TRP A 144 16.06 -42.80 -8.50
N GLU A 145 16.71 -43.55 -9.40
CA GLU A 145 18.13 -43.41 -9.60
C GLU A 145 18.51 -42.10 -10.28
N ALA A 146 17.55 -41.41 -10.91
CA ALA A 146 17.81 -40.09 -11.45
C ALA A 146 17.87 -39.02 -10.37
N ASN A 147 17.49 -39.36 -9.14
CA ASN A 147 17.50 -38.42 -8.01
C ASN A 147 18.63 -38.88 -7.09
N GLN A 148 19.85 -38.54 -7.49
CA GLN A 148 21.01 -39.13 -6.83
C GLN A 148 21.14 -38.69 -5.39
N HIS A 149 20.67 -37.47 -5.08
CA HIS A 149 20.76 -36.97 -3.72
C HIS A 149 19.89 -37.79 -2.77
N GLU A 150 18.75 -38.26 -3.25
CA GLU A 150 17.88 -39.02 -2.39
C GLU A 150 18.47 -40.40 -2.08
N LEU A 151 19.15 -41.01 -3.06
CA LEU A 151 19.88 -42.25 -2.79
C LEU A 151 20.95 -42.04 -1.72
N LEU A 152 21.67 -40.90 -1.82
CA LEU A 152 22.69 -40.58 -0.83
C LEU A 152 22.06 -40.31 0.52
N TYR A 153 20.94 -39.59 0.56
CA TYR A 153 20.22 -39.43 1.82
C TYR A 153 19.88 -40.79 2.44
N GLN A 154 19.41 -41.75 1.63
CA GLN A 154 19.03 -43.06 2.16
C GLN A 154 20.24 -43.82 2.71
N LYS A 155 21.38 -43.75 2.01
CA LYS A 155 22.57 -44.44 2.48
C LYS A 155 23.04 -43.89 3.81
N ASN A 156 23.03 -42.55 3.95
CA ASN A 156 23.41 -41.94 5.23
C ASN A 156 22.44 -42.30 6.33
N TRP A 157 21.15 -42.37 6.00
CA TRP A 157 20.20 -42.74 7.05
C TRP A 157 20.45 -44.19 7.50
N LEU A 158 20.66 -45.09 6.55
CA LEU A 158 20.85 -46.50 6.89
C LEU A 158 22.12 -46.70 7.71
N GLU A 159 23.20 -46.05 7.31
CA GLU A 159 24.51 -46.32 7.86
C GLU A 159 24.79 -45.53 9.12
N GLU A 160 24.27 -44.30 9.23
CA GLU A 160 24.56 -43.48 10.40
C GLU A 160 23.33 -43.26 11.28
N GLU A 161 22.26 -42.64 10.74
CA GLU A 161 21.10 -42.28 11.57
C GLU A 161 20.46 -43.50 12.20
N CYS A 162 20.20 -44.53 11.39
CA CYS A 162 19.48 -45.71 11.89
C CYS A 162 20.25 -46.37 13.03
N ILE A 163 21.58 -46.44 12.91
CA ILE A 163 22.40 -47.08 13.94
C ILE A 163 22.39 -46.24 15.21
N ALA A 164 22.41 -44.90 15.06
CA ALA A 164 22.32 -44.05 16.25
C ALA A 164 20.97 -44.22 16.94
N TRP A 165 19.88 -44.30 16.17
CA TRP A 165 18.57 -44.50 16.79
C TRP A 165 18.56 -45.83 17.52
N LEU A 166 19.03 -46.87 16.84
CA LEU A 166 19.03 -48.21 17.41
C LEU A 166 19.78 -48.24 18.74
N LYS A 167 20.95 -47.59 18.79
CA LYS A 167 21.71 -47.57 20.05
C LYS A 167 20.95 -46.83 21.13
N ARG A 168 20.24 -45.76 20.76
CA ARG A 168 19.45 -45.02 21.72
C ARG A 168 18.28 -45.87 22.24
N PHE A 169 17.55 -46.55 21.35
CA PHE A 169 16.45 -47.40 21.82
C PHE A 169 16.96 -48.61 22.61
N LEU A 170 18.10 -49.17 22.21
CA LEU A 170 18.67 -50.28 22.96
C LEU A 170 18.93 -49.91 24.42
N GLU A 171 19.44 -48.69 24.66
CA GLU A 171 19.62 -48.19 26.03
C GLU A 171 18.27 -47.99 26.72
N TYR A 172 17.32 -47.32 26.04
CA TYR A 172 15.99 -47.15 26.63
C TYR A 172 15.41 -48.49 27.08
N GLY A 173 15.54 -49.52 26.25
CA GLY A 173 14.91 -50.80 26.52
C GLY A 173 15.81 -51.87 27.14
N LYS A 174 16.90 -51.43 27.76
CA LYS A 174 17.99 -52.32 28.16
C LYS A 174 17.48 -53.47 29.02
N ASP A 175 16.62 -53.17 29.98
CA ASP A 175 16.16 -54.22 30.89
C ASP A 175 15.31 -55.26 30.18
N THR A 176 14.72 -54.93 29.05
CA THR A 176 13.97 -55.90 28.27
C THR A 176 14.86 -56.59 27.25
N LEU A 177 15.63 -55.80 26.50
CA LEU A 177 16.28 -56.24 25.28
C LEU A 177 17.60 -56.93 25.55
N GLN A 178 18.26 -56.58 26.64
CA GLN A 178 19.59 -57.11 26.92
C GLN A 178 19.56 -58.19 28.01
N ARG A 179 18.39 -58.61 28.45
CA ARG A 179 18.29 -59.66 29.46
C ARG A 179 18.46 -61.05 28.82
N THR A 180 18.64 -62.07 29.68
CA THR A 180 18.67 -63.46 29.23
C THR A 180 17.80 -64.30 30.16
N GLU A 181 16.87 -65.05 29.58
CA GLU A 181 16.14 -66.06 30.33
C GLU A 181 16.44 -67.40 29.69
N PRO A 182 17.15 -68.30 30.39
CA PRO A 182 17.57 -69.57 29.77
C PRO A 182 16.39 -70.47 29.46
N PRO A 183 16.54 -71.37 28.50
CA PRO A 183 15.48 -72.31 28.20
C PRO A 183 15.37 -73.40 29.27
N LEU A 184 14.12 -73.81 29.53
CA LEU A 184 13.79 -75.07 30.17
C LEU A 184 13.56 -76.10 29.07
N VAL A 185 14.31 -77.20 29.09
CA VAL A 185 14.32 -78.15 28.00
C VAL A 185 14.00 -79.54 28.54
N ARG A 186 13.17 -80.28 27.80
CA ARG A 186 12.82 -81.64 28.17
C ARG A 186 12.68 -82.46 26.90
N VAL A 187 12.81 -83.78 27.04
CA VAL A 187 12.58 -84.70 25.94
C VAL A 187 11.39 -85.56 26.30
N ASN A 188 10.41 -85.66 25.38
CA ASN A 188 9.33 -86.62 25.53
C ASN A 188 9.20 -87.40 24.23
N ARG A 189 8.24 -88.33 24.19
CA ARG A 189 8.03 -89.14 22.99
C ARG A 189 6.54 -89.30 22.74
N LYS A 190 6.14 -89.12 21.48
CA LYS A 190 4.75 -89.18 21.05
C LYS A 190 4.56 -90.29 20.02
N THR A 197 6.79 -93.57 16.57
CA THR A 197 7.40 -93.06 17.80
C THR A 197 8.56 -92.09 17.51
N ALA A 198 8.39 -90.84 17.94
CA ALA A 198 9.39 -89.81 17.73
C ALA A 198 9.85 -89.26 19.08
N LEU A 199 11.09 -88.78 19.12
CA LEU A 199 11.57 -88.02 20.27
C LEU A 199 11.31 -86.54 20.01
N PHE A 200 10.66 -85.87 20.95
CA PHE A 200 10.48 -84.43 20.87
C PHE A 200 11.37 -83.76 21.91
N CYS A 201 12.24 -82.87 21.46
CA CYS A 201 13.00 -82.00 22.32
C CYS A 201 12.25 -80.67 22.39
N LYS A 202 11.81 -80.29 23.59
CA LYS A 202 10.95 -79.13 23.77
C LYS A 202 11.60 -78.14 24.71
N ALA A 203 11.65 -76.87 24.29
CA ALA A 203 12.25 -75.81 25.08
C ALA A 203 11.22 -74.70 25.25
N HIS A 204 11.16 -74.12 26.45
CA HIS A 204 10.27 -73.00 26.66
C HIS A 204 10.84 -72.09 27.74
N GLY A 205 10.24 -70.92 27.87
CA GLY A 205 10.64 -69.98 28.89
C GLY A 205 11.80 -69.09 28.54
N PHE A 206 12.26 -69.07 27.29
CA PHE A 206 13.54 -68.44 26.99
C PHE A 206 13.38 -67.07 26.31
N TYR A 207 14.39 -66.22 26.49
CA TYR A 207 14.52 -64.88 25.91
C TYR A 207 16.03 -64.66 25.82
N PRO A 208 16.56 -64.19 24.69
CA PRO A 208 15.86 -63.75 23.45
C PRO A 208 15.32 -64.93 22.66
N PRO A 209 14.48 -64.69 21.64
CA PRO A 209 13.93 -65.81 20.86
C PRO A 209 14.95 -66.61 20.06
N GLU A 210 16.06 -66.03 19.63
CA GLU A 210 17.07 -66.83 18.91
C GLU A 210 17.51 -68.04 19.73
N ILE A 211 17.34 -69.24 19.17
CA ILE A 211 17.76 -70.48 19.82
C ILE A 211 18.04 -71.49 18.72
N TYR A 212 18.94 -72.43 18.99
CA TYR A 212 19.26 -73.49 18.03
C TYR A 212 19.11 -74.83 18.74
N MET A 213 18.18 -75.63 18.25
CA MET A 213 17.88 -76.97 18.73
C MET A 213 18.16 -77.96 17.62
N THR A 214 18.79 -79.09 17.95
CA THR A 214 18.96 -80.13 16.96
C THR A 214 19.09 -81.47 17.65
N TRP A 215 19.00 -82.54 16.86
CA TRP A 215 19.19 -83.90 17.34
C TRP A 215 20.48 -84.46 16.76
N MET A 216 21.21 -85.18 17.60
CA MET A 216 22.39 -85.91 17.20
C MET A 216 22.09 -87.39 17.37
N LYS A 217 22.58 -88.20 16.44
CA LYS A 217 22.39 -89.63 16.47
C LYS A 217 23.78 -90.24 16.52
N ASN A 218 24.15 -90.80 17.67
CA ASN A 218 25.49 -91.34 17.90
C ASN A 218 26.56 -90.31 17.56
N GLY A 219 26.31 -89.06 17.94
CA GLY A 219 27.29 -88.00 17.80
C GLY A 219 27.35 -87.32 16.45
N GLU A 220 26.53 -87.73 15.49
CA GLU A 220 26.44 -87.09 14.19
C GLU A 220 25.05 -86.50 14.01
N GLU A 221 24.99 -85.38 13.29
CA GLU A 221 23.76 -84.62 13.09
C GLU A 221 23.21 -84.92 11.70
N ILE A 222 21.98 -85.44 11.64
CA ILE A 222 21.33 -85.70 10.36
C ILE A 222 20.18 -84.73 10.17
N VAL A 223 20.46 -83.57 9.56
CA VAL A 223 19.47 -82.50 9.43
C VAL A 223 18.28 -82.93 8.59
N GLN A 224 18.48 -83.90 7.69
CA GLN A 224 17.39 -84.39 6.85
C GLN A 224 16.37 -85.17 7.65
N GLU A 225 16.77 -85.76 8.77
CA GLU A 225 15.87 -86.56 9.58
C GLU A 225 15.15 -85.77 10.65
N ILE A 226 15.36 -84.45 10.76
CA ILE A 226 14.88 -83.66 11.88
C ILE A 226 13.75 -82.74 11.43
N ASP A 227 12.61 -82.82 12.12
CA ASP A 227 11.54 -81.84 11.96
C ASP A 227 11.73 -80.69 12.95
N TYR A 228 11.94 -79.48 12.43
CA TYR A 228 12.22 -78.32 13.26
C TYR A 228 10.96 -77.49 13.47
N GLY A 229 10.50 -77.40 14.72
CA GLY A 229 9.40 -76.52 15.05
C GLY A 229 9.79 -75.05 15.00
N ASP A 230 8.76 -74.20 14.87
CA ASP A 230 9.00 -72.76 14.84
C ASP A 230 9.31 -72.24 16.24
N ILE A 231 9.99 -71.10 16.30
CA ILE A 231 10.11 -70.37 17.55
C ILE A 231 8.83 -69.56 17.76
N LEU A 232 8.11 -69.84 18.83
CA LEU A 232 6.78 -69.26 18.99
C LEU A 232 6.70 -68.40 20.25
N PRO A 233 5.97 -67.29 20.22
CA PRO A 233 5.80 -66.49 21.43
C PRO A 233 4.85 -67.18 22.36
N SER A 234 5.19 -67.19 23.64
CA SER A 234 4.32 -67.77 24.65
C SER A 234 3.34 -66.79 25.25
N GLY A 235 3.49 -65.49 24.98
CA GLY A 235 2.57 -64.47 25.46
C GLY A 235 3.01 -63.73 26.70
N ASP A 236 4.06 -64.19 27.37
CA ASP A 236 4.55 -63.51 28.57
C ASP A 236 5.89 -62.84 28.33
N GLY A 237 6.32 -62.75 27.07
CA GLY A 237 7.60 -62.18 26.73
C GLY A 237 8.71 -63.20 26.52
N THR A 238 8.47 -64.47 26.81
CA THR A 238 9.41 -65.54 26.51
C THR A 238 8.89 -66.36 25.33
N TYR A 239 9.67 -67.34 24.90
CA TYR A 239 9.38 -68.10 23.69
C TYR A 239 9.51 -69.59 23.95
N GLN A 240 8.96 -70.37 23.02
CA GLN A 240 9.07 -71.83 23.06
C GLN A 240 9.38 -72.34 21.65
N ALA A 241 9.91 -73.55 21.61
CA ALA A 241 10.38 -74.15 20.37
C ALA A 241 10.49 -75.66 20.60
N TRP A 242 10.64 -76.41 19.52
CA TRP A 242 10.79 -77.85 19.63
C TRP A 242 11.45 -78.35 18.35
N ALA A 243 11.99 -79.57 18.44
CA ALA A 243 12.57 -80.31 17.32
C ALA A 243 12.32 -81.79 17.58
N SER A 244 12.16 -82.56 16.51
CA SER A 244 11.80 -83.97 16.64
C SER A 244 12.54 -84.83 15.63
N ILE A 245 12.76 -86.09 16.00
CA ILE A 245 13.30 -87.12 15.12
C ILE A 245 12.51 -88.39 15.36
N GLU A 246 12.43 -89.23 14.34
CA GLU A 246 11.68 -90.48 14.44
C GLU A 246 12.61 -91.63 14.81
N LEU A 247 12.13 -92.49 15.71
CA LEU A 247 12.93 -93.59 16.22
C LEU A 247 12.94 -94.77 15.25
N ASP A 248 14.13 -95.35 15.06
CA ASP A 248 14.25 -96.59 14.29
C ASP A 248 13.76 -97.76 15.13
N PRO A 249 12.64 -98.39 14.74
CA PRO A 249 12.06 -99.43 15.62
C PRO A 249 12.86 -100.73 15.61
N GLN A 250 13.77 -100.90 14.64
CA GLN A 250 14.55 -102.12 14.51
C GLN A 250 15.92 -102.04 15.20
N SER A 251 16.52 -100.85 15.27
CA SER A 251 17.82 -100.68 15.92
C SER A 251 17.75 -99.53 16.91
N SER A 252 18.26 -99.75 18.12
CA SER A 252 18.40 -98.63 19.04
C SER A 252 19.57 -97.76 18.61
N ASN A 253 19.54 -96.50 19.05
CA ASN A 253 20.62 -95.57 18.79
C ASN A 253 20.73 -94.64 19.98
N LEU A 254 21.90 -94.02 20.12
CA LEU A 254 22.12 -93.05 21.19
C LEU A 254 21.77 -91.67 20.66
N TYR A 255 20.57 -91.19 20.99
CA TYR A 255 20.15 -89.87 20.57
C TYR A 255 20.38 -88.85 21.68
N SER A 256 20.64 -87.61 21.27
CA SER A 256 20.81 -86.55 22.25
C SER A 256 20.27 -85.27 21.64
N CYS A 257 19.48 -84.55 22.42
CA CYS A 257 19.08 -83.21 22.02
C CYS A 257 20.16 -82.21 22.41
N HIS A 258 20.44 -81.26 21.48
CA HIS A 258 21.41 -80.19 21.68
C HIS A 258 20.73 -78.86 21.55
N VAL A 259 20.91 -77.99 22.54
CA VAL A 259 20.29 -76.68 22.56
C VAL A 259 21.38 -75.65 22.82
N GLU A 260 21.46 -74.63 21.96
CA GLU A 260 22.37 -73.52 22.12
C GLU A 260 21.54 -72.25 22.30
N HIS A 261 21.81 -71.52 23.38
CA HIS A 261 21.06 -70.31 23.65
C HIS A 261 21.95 -69.32 24.38
N SER A 262 22.12 -68.15 23.78
CA SER A 262 22.82 -67.02 24.40
CA SER A 262 22.82 -67.01 24.39
C SER A 262 24.16 -67.42 24.99
N GLY A 263 24.94 -68.17 24.22
CA GLY A 263 26.29 -68.55 24.60
C GLY A 263 26.42 -69.69 25.58
N VAL A 264 25.34 -70.42 25.86
CA VAL A 264 25.34 -71.60 26.72
C VAL A 264 24.85 -72.78 25.90
N HIS A 265 25.57 -73.90 25.97
N HIS A 265 25.55 -73.90 26.00
CA HIS A 265 25.15 -75.10 25.25
CA HIS A 265 25.19 -75.13 25.29
C HIS A 265 24.67 -76.16 26.24
C HIS A 265 24.66 -76.16 26.26
N MET A 266 23.68 -76.94 25.80
CA MET A 266 23.01 -77.91 26.66
C MET A 266 22.85 -79.20 25.89
N VAL A 267 23.06 -80.35 26.55
CA VAL A 267 22.88 -81.68 25.95
C VAL A 267 21.95 -82.50 26.83
N LEU A 268 20.93 -83.09 26.23
CA LEU A 268 20.01 -84.02 26.90
C LEU A 268 20.20 -85.38 26.22
N GLN A 269 21.00 -86.24 26.83
CA GLN A 269 21.19 -87.59 26.33
CA GLN A 269 21.18 -87.59 26.32
C GLN A 269 19.97 -88.44 26.65
N VAL A 270 19.43 -89.12 25.66
CA VAL A 270 18.22 -89.93 25.84
C VAL A 270 18.66 -91.35 26.18
N PRO A 271 18.31 -91.87 27.35
CA PRO A 271 18.75 -93.20 27.79
C PRO A 271 17.93 -94.31 27.13
N MET B 1 -1.12 -63.12 -9.19
CA MET B 1 -1.04 -62.59 -7.84
C MET B 1 -0.97 -63.71 -6.82
N ILE B 2 0.01 -63.66 -5.92
CA ILE B 2 0.21 -64.71 -4.94
C ILE B 2 -0.44 -64.29 -3.63
N GLN B 3 -1.34 -65.14 -3.14
CA GLN B 3 -1.86 -65.05 -1.79
C GLN B 3 -1.32 -66.23 -0.99
N ARG B 4 -1.08 -66.01 0.30
CA ARG B 4 -0.45 -67.02 1.14
C ARG B 4 -1.39 -67.36 2.28
N THR B 5 -1.61 -68.66 2.45
CA THR B 5 -2.55 -69.17 3.43
C THR B 5 -1.89 -69.19 4.82
N PRO B 6 -2.66 -68.91 5.87
CA PRO B 6 -2.05 -68.81 7.20
C PRO B 6 -1.69 -70.18 7.75
N LYS B 7 -0.55 -70.21 8.43
CA LYS B 7 -0.20 -71.33 9.29
C LYS B 7 -0.80 -71.06 10.66
N ILE B 8 -1.35 -72.10 11.27
CA ILE B 8 -2.14 -71.98 12.49
C ILE B 8 -1.59 -72.95 13.52
N GLN B 9 -1.05 -72.43 14.63
CA GLN B 9 -0.47 -73.24 15.68
C GLN B 9 -1.13 -72.91 17.01
N VAL B 10 -1.53 -73.95 17.73
CA VAL B 10 -2.28 -73.86 18.98
C VAL B 10 -1.47 -74.58 20.05
N TYR B 11 -1.27 -73.93 21.19
CA TYR B 11 -0.33 -74.39 22.18
C TYR B 11 -0.60 -73.62 23.46
N SER B 12 -0.12 -74.14 24.58
CA SER B 12 -0.28 -73.44 25.84
C SER B 12 0.98 -72.65 26.15
N ARG B 13 0.82 -71.58 26.94
CA ARG B 13 1.98 -70.78 27.33
C ARG B 13 2.96 -71.61 28.13
N HIS B 14 2.48 -72.33 29.14
CA HIS B 14 3.30 -73.24 29.91
C HIS B 14 2.86 -74.67 29.66
N PRO B 15 3.73 -75.66 29.90
CA PRO B 15 3.30 -77.05 29.80
C PRO B 15 2.02 -77.26 30.58
N ALA B 16 1.03 -77.83 29.91
CA ALA B 16 -0.31 -77.90 30.46
C ALA B 16 -0.38 -79.00 31.50
N GLU B 17 -1.00 -78.69 32.63
CA GLU B 17 -1.35 -79.65 33.67
C GLU B 17 -2.80 -79.38 34.06
N ASN B 18 -3.65 -80.40 33.95
CA ASN B 18 -5.06 -80.21 34.26
C ASN B 18 -5.23 -79.62 35.65
N GLY B 19 -6.05 -78.59 35.75
CA GLY B 19 -6.34 -77.93 37.00
C GLY B 19 -5.54 -76.67 37.25
N LYS B 20 -4.34 -76.56 36.69
CA LYS B 20 -3.51 -75.38 36.85
C LYS B 20 -3.82 -74.37 35.76
N SER B 21 -3.88 -73.10 36.14
CA SER B 21 -4.28 -72.08 35.20
C SER B 21 -3.18 -71.82 34.18
N ASN B 22 -3.58 -71.47 32.97
CA ASN B 22 -2.65 -71.38 31.85
C ASN B 22 -3.20 -70.38 30.83
N PHE B 23 -2.53 -70.26 29.70
CA PHE B 23 -3.00 -69.47 28.58
C PHE B 23 -2.98 -70.33 27.34
N LEU B 24 -4.07 -70.30 26.57
CA LEU B 24 -4.15 -70.98 25.28
C LEU B 24 -3.77 -70.01 24.19
N ASN B 25 -2.83 -70.39 23.33
CA ASN B 25 -2.33 -69.52 22.28
C ASN B 25 -2.77 -70.03 20.93
N CYS B 26 -3.10 -69.10 20.03
CA CYS B 26 -3.21 -69.40 18.61
C CYS B 26 -2.34 -68.41 17.85
N TYR B 27 -1.26 -68.91 17.25
CA TYR B 27 -0.31 -68.11 16.50
C TYR B 27 -0.59 -68.34 15.02
N VAL B 28 -1.01 -67.27 14.33
CA VAL B 28 -1.41 -67.31 12.93
C VAL B 28 -0.38 -66.52 12.13
N SER B 29 0.26 -67.16 11.16
CA SER B 29 1.44 -66.53 10.58
C SER B 29 1.59 -66.92 9.12
N GLY B 30 2.48 -66.18 8.44
CA GLY B 30 2.84 -66.38 7.06
C GLY B 30 1.78 -66.08 6.03
N PHE B 31 0.69 -65.41 6.41
CA PHE B 31 -0.40 -65.14 5.48
C PHE B 31 -0.26 -63.78 4.78
N HIS B 32 -0.88 -63.69 3.61
CA HIS B 32 -0.92 -62.46 2.83
C HIS B 32 -2.10 -62.62 1.88
N PRO B 33 -2.98 -61.60 1.75
CA PRO B 33 -2.94 -60.27 2.38
C PRO B 33 -3.40 -60.28 3.84
N SER B 34 -3.63 -59.11 4.43
CA SER B 34 -3.58 -58.98 5.88
C SER B 34 -4.90 -59.26 6.61
N ASP B 35 -6.03 -59.18 5.93
CA ASP B 35 -7.33 -59.35 6.60
C ASP B 35 -7.49 -60.80 7.02
N ILE B 36 -7.89 -61.03 8.27
CA ILE B 36 -8.02 -62.38 8.78
C ILE B 36 -9.02 -62.32 9.92
N GLU B 37 -9.67 -63.46 10.17
CA GLU B 37 -10.56 -63.63 11.31
C GLU B 37 -10.10 -64.84 12.10
N VAL B 38 -10.01 -64.68 13.42
CA VAL B 38 -9.49 -65.71 14.29
C VAL B 38 -10.43 -65.86 15.49
N ASP B 39 -10.83 -67.09 15.77
CA ASP B 39 -11.63 -67.39 16.94
C ASP B 39 -11.03 -68.60 17.65
N LEU B 40 -11.06 -68.54 18.98
CA LEU B 40 -10.74 -69.70 19.80
C LEU B 40 -12.04 -70.39 20.19
N LEU B 41 -12.02 -71.72 20.21
CA LEU B 41 -13.22 -72.53 20.47
C LEU B 41 -13.01 -73.38 21.70
N LYS B 42 -14.00 -73.38 22.58
CA LYS B 42 -14.09 -74.33 23.70
C LYS B 42 -15.28 -75.24 23.44
N ASN B 43 -14.99 -76.53 23.15
CA ASN B 43 -16.01 -77.52 22.80
C ASN B 43 -16.84 -77.05 21.60
N GLY B 44 -16.16 -76.49 20.60
CA GLY B 44 -16.80 -75.99 19.41
C GLY B 44 -17.50 -74.65 19.56
N GLU B 45 -17.39 -74.00 20.71
CA GLU B 45 -18.06 -72.74 20.98
C GLU B 45 -17.03 -71.62 21.12
N ARG B 46 -17.32 -70.47 20.52
CA ARG B 46 -16.42 -69.33 20.57
C ARG B 46 -16.25 -68.81 22.00
N ILE B 47 -14.99 -68.59 22.41
CA ILE B 47 -14.69 -67.92 23.67
C ILE B 47 -14.91 -66.42 23.49
N GLU B 48 -15.47 -65.78 24.52
CA GLU B 48 -15.80 -64.36 24.40
C GLU B 48 -14.60 -63.47 24.70
N LYS B 49 -13.93 -63.71 25.83
CA LYS B 49 -12.84 -62.85 26.28
C LYS B 49 -11.52 -63.33 25.65
N VAL B 50 -11.33 -62.98 24.38
CA VAL B 50 -10.15 -63.35 23.61
C VAL B 50 -9.35 -62.09 23.31
N GLU B 51 -8.05 -62.10 23.65
CA GLU B 51 -7.14 -61.02 23.36
C GLU B 51 -6.26 -61.34 22.15
N HIS B 52 -5.63 -60.31 21.58
CA HIS B 52 -4.75 -60.55 20.46
C HIS B 52 -3.78 -59.38 20.29
N SER B 53 -2.62 -59.69 19.74
CA SER B 53 -1.63 -58.68 19.45
C SER B 53 -2.05 -57.89 18.23
N ASP B 54 -1.48 -56.70 18.10
CA ASP B 54 -1.59 -55.96 16.85
C ASP B 54 -1.00 -56.78 15.72
N LEU B 55 -1.59 -56.64 14.53
CA LEU B 55 -1.03 -57.18 13.30
C LEU B 55 0.48 -56.92 13.22
N SER B 56 1.26 -57.96 12.93
CA SER B 56 2.71 -57.83 12.88
C SER B 56 3.23 -58.17 11.48
N PHE B 57 4.44 -57.69 11.21
CA PHE B 57 5.03 -57.71 9.87
C PHE B 57 6.30 -58.53 9.88
N SER B 58 6.42 -59.49 8.96
CA SER B 58 7.65 -60.23 8.77
C SER B 58 8.44 -59.68 7.60
N LYS B 59 9.75 -59.91 7.63
CA LYS B 59 10.59 -59.40 6.55
C LYS B 59 10.31 -60.06 5.22
N ASP B 60 9.62 -61.21 5.21
CA ASP B 60 9.23 -61.81 3.93
C ASP B 60 7.90 -61.25 3.41
N TRP B 61 7.41 -60.20 4.03
CA TRP B 61 6.23 -59.41 3.69
C TRP B 61 4.94 -60.07 4.18
N SER B 62 4.97 -61.29 4.72
CA SER B 62 3.75 -61.87 5.28
C SER B 62 3.46 -61.25 6.65
N PHE B 63 2.30 -61.58 7.22
CA PHE B 63 1.88 -61.02 8.49
C PHE B 63 1.74 -62.13 9.53
N TYR B 64 1.72 -61.74 10.81
CA TYR B 64 1.45 -62.70 11.88
C TYR B 64 0.74 -62.02 13.03
N LEU B 65 0.09 -62.84 13.85
CA LEU B 65 -0.83 -62.47 14.91
C LEU B 65 -0.81 -63.55 15.99
N LEU B 66 -1.01 -63.15 17.24
CA LEU B 66 -1.12 -64.06 18.35
C LEU B 66 -2.42 -63.78 19.09
N TYR B 67 -3.32 -64.78 19.12
CA TYR B 67 -4.56 -64.75 19.88
C TYR B 67 -4.39 -65.64 21.11
N TYR B 68 -4.99 -65.23 22.22
CA TYR B 68 -4.77 -66.00 23.44
C TYR B 68 -5.89 -65.75 24.44
N THR B 69 -6.07 -66.71 25.34
N THR B 69 -6.09 -66.72 25.32
CA THR B 69 -7.01 -66.52 26.44
CA THR B 69 -7.05 -66.62 26.42
C THR B 69 -6.56 -67.32 27.63
C THR B 69 -6.49 -67.31 27.66
N GLU B 70 -6.89 -66.81 28.82
CA GLU B 70 -6.62 -67.51 30.05
C GLU B 70 -7.64 -68.64 30.21
N PHE B 71 -7.17 -69.78 30.68
CA PHE B 71 -8.05 -70.94 30.82
C PHE B 71 -7.41 -71.91 31.80
N THR B 72 -8.24 -72.81 32.31
CA THR B 72 -7.76 -73.95 33.09
C THR B 72 -8.13 -75.22 32.35
N PRO B 73 -7.17 -75.94 31.79
CA PRO B 73 -7.50 -77.13 31.02
C PRO B 73 -8.01 -78.26 31.91
N THR B 74 -8.94 -79.04 31.37
CA THR B 74 -9.43 -80.24 32.01
C THR B 74 -9.35 -81.39 31.01
N GLU B 75 -9.73 -82.60 31.47
CA GLU B 75 -9.73 -83.76 30.57
C GLU B 75 -10.86 -83.68 29.55
N LYS B 76 -12.02 -83.12 29.93
CA LYS B 76 -13.19 -83.13 29.06
C LYS B 76 -13.25 -81.92 28.13
N ASP B 77 -12.56 -80.83 28.43
CA ASP B 77 -12.64 -79.63 27.62
C ASP B 77 -11.69 -79.72 26.42
N GLU B 78 -12.26 -79.65 25.21
CA GLU B 78 -11.51 -79.69 23.97
C GLU B 78 -11.47 -78.29 23.34
N TYR B 79 -10.28 -77.83 22.99
CA TYR B 79 -10.07 -76.46 22.55
C TYR B 79 -9.58 -76.42 21.10
N ALA B 80 -9.83 -75.30 20.44
CA ALA B 80 -9.54 -75.19 19.01
C ALA B 80 -9.38 -73.73 18.61
N CYS B 81 -8.74 -73.51 17.47
CA CYS B 81 -8.59 -72.18 16.88
C CYS B 81 -9.21 -72.19 15.49
N ARG B 82 -10.08 -71.21 15.20
CA ARG B 82 -10.79 -71.14 13.93
C ARG B 82 -10.36 -69.90 13.16
N VAL B 83 -9.87 -70.11 11.95
CA VAL B 83 -9.26 -69.05 11.16
C VAL B 83 -9.96 -68.98 9.80
N ASN B 84 -10.32 -67.77 9.38
CA ASN B 84 -10.79 -67.56 8.02
C ASN B 84 -9.87 -66.58 7.29
N HIS B 85 -9.68 -66.83 6.00
CA HIS B 85 -8.80 -66.03 5.17
C HIS B 85 -9.27 -66.14 3.73
N VAL B 86 -8.88 -65.15 2.91
CA VAL B 86 -9.24 -65.15 1.49
C VAL B 86 -8.70 -66.40 0.81
N THR B 87 -7.62 -67.00 1.33
CA THR B 87 -7.08 -68.23 0.77
C THR B 87 -7.84 -69.48 1.20
N LEU B 88 -8.87 -69.35 2.02
CA LEU B 88 -9.57 -70.51 2.58
C LEU B 88 -11.02 -70.46 2.13
N SER B 89 -11.51 -71.60 1.60
CA SER B 89 -12.89 -71.68 1.14
C SER B 89 -13.88 -71.60 2.29
N GLN B 90 -13.55 -72.25 3.40
CA GLN B 90 -14.34 -72.26 4.61
C GLN B 90 -13.40 -72.10 5.79
N PRO B 91 -13.91 -71.65 6.93
CA PRO B 91 -13.06 -71.53 8.12
C PRO B 91 -12.28 -72.83 8.37
N LYS B 92 -11.02 -72.67 8.72
CA LYS B 92 -10.16 -73.80 9.08
C LYS B 92 -10.05 -73.85 10.60
N ILE B 93 -10.24 -75.04 11.16
CA ILE B 93 -10.26 -75.24 12.60
C ILE B 93 -9.13 -76.18 12.99
N VAL B 94 -8.30 -75.74 13.94
CA VAL B 94 -7.14 -76.49 14.42
C VAL B 94 -7.34 -76.77 15.91
N LYS B 95 -7.40 -78.05 16.28
CA LYS B 95 -7.59 -78.41 17.68
C LYS B 95 -6.28 -78.31 18.44
N TRP B 96 -6.39 -78.00 19.74
CA TRP B 96 -5.23 -78.03 20.63
C TRP B 96 -4.88 -79.47 20.93
N ASP B 97 -3.68 -79.90 20.50
CA ASP B 97 -3.20 -81.25 20.77
C ASP B 97 -2.18 -81.21 21.90
N ARG B 98 -2.42 -82.01 22.94
CA ARG B 98 -1.51 -82.05 24.07
C ARG B 98 -1.21 -83.48 24.52
N MET C 1 -0.55 5.89 -24.76
CA MET C 1 -0.21 7.24 -25.20
C MET C 1 1.24 7.55 -24.90
N ARG C 2 1.81 8.48 -25.67
CA ARG C 2 3.12 8.94 -25.29
C ARG C 2 2.95 10.03 -24.22
N THR C 3 4.05 10.61 -23.80
CA THR C 3 4.00 11.63 -22.75
C THR C 3 3.34 12.90 -23.26
N HIS C 4 2.47 13.49 -22.45
CA HIS C 4 1.86 14.79 -22.75
C HIS C 4 1.90 15.67 -21.51
N SER C 5 1.77 16.98 -21.72
CA SER C 5 1.79 17.92 -20.62
C SER C 5 0.81 19.04 -20.87
N LEU C 6 0.34 19.63 -19.77
CA LEU C 6 -0.47 20.84 -19.78
C LEU C 6 0.26 21.87 -18.91
N ARG C 7 0.35 23.12 -19.36
CA ARG C 7 0.95 24.13 -18.50
CA ARG C 7 0.99 24.14 -18.53
C ARG C 7 0.39 25.49 -18.86
N TYR C 8 0.38 26.39 -17.86
CA TYR C 8 -0.11 27.76 -18.01
C TYR C 8 1.01 28.68 -17.56
N PHE C 9 1.29 29.71 -18.37
CA PHE C 9 2.25 30.74 -18.04
C PHE C 9 1.54 32.05 -17.72
N ARG C 10 2.15 32.85 -16.86
CA ARG C 10 1.76 34.26 -16.72
C ARG C 10 3.01 35.09 -16.89
N LEU C 11 2.85 36.25 -17.52
CA LEU C 11 3.93 37.22 -17.68
C LEU C 11 3.37 38.56 -17.22
N GLY C 12 4.04 39.17 -16.27
CA GLY C 12 3.72 40.54 -15.84
C GLY C 12 4.90 41.44 -16.11
N VAL C 13 4.61 42.65 -16.58
CA VAL C 13 5.61 43.64 -16.93
C VAL C 13 5.23 44.94 -16.22
N SER C 14 6.16 45.52 -15.47
CA SER C 14 5.90 46.79 -14.80
C SER C 14 6.28 47.91 -15.76
N ASP C 15 5.52 48.98 -15.71
CA ASP C 15 5.78 50.20 -16.51
CA ASP C 15 5.78 50.20 -16.51
C ASP C 15 6.11 49.82 -17.96
N PRO C 16 5.22 49.08 -18.64
CA PRO C 16 5.56 48.62 -19.99
C PRO C 16 5.48 49.75 -21.00
N ILE C 17 6.29 49.66 -22.05
CA ILE C 17 6.25 50.63 -23.13
C ILE C 17 4.90 50.52 -23.82
N HIS C 18 4.58 51.47 -24.70
CA HIS C 18 3.37 51.35 -25.50
C HIS C 18 3.42 50.05 -26.30
N GLY C 19 2.29 49.32 -26.33
CA GLY C 19 2.19 48.09 -27.08
C GLY C 19 2.50 46.80 -26.34
N VAL C 20 3.30 46.87 -25.27
CA VAL C 20 3.59 45.68 -24.45
C VAL C 20 2.52 45.58 -23.38
N PRO C 21 1.71 44.53 -23.37
CA PRO C 21 0.66 44.43 -22.34
C PRO C 21 1.28 44.30 -20.96
N GLU C 22 0.55 44.80 -19.98
CA GLU C 22 1.00 44.65 -18.61
C GLU C 22 0.94 43.18 -18.15
N PHE C 23 0.04 42.38 -18.73
CA PHE C 23 -0.18 41.00 -18.29
C PHE C 23 -0.56 40.13 -19.46
N ILE C 24 0.07 38.95 -19.59
CA ILE C 24 -0.32 37.95 -20.60
C ILE C 24 -0.38 36.58 -19.90
N SER C 25 -1.37 35.76 -20.23
CA SER C 25 -1.31 34.37 -19.76
C SER C 25 -1.70 33.44 -20.90
N VAL C 26 -0.88 32.41 -21.14
CA VAL C 26 -1.10 31.46 -22.23
C VAL C 26 -1.00 30.03 -21.69
N GLY C 27 -1.92 29.18 -22.11
CA GLY C 27 -1.85 27.77 -21.81
C GLY C 27 -1.41 26.98 -23.03
N TYR C 28 -0.81 25.81 -22.75
CA TYR C 28 -0.30 24.91 -23.77
C TYR C 28 -0.66 23.47 -23.43
N VAL C 29 -0.98 22.66 -24.44
CA VAL C 29 -0.90 21.21 -24.32
C VAL C 29 0.26 20.81 -25.22
N ASP C 30 1.27 20.16 -24.63
CA ASP C 30 2.51 19.87 -25.38
C ASP C 30 3.03 21.18 -25.97
N SER C 31 3.34 21.25 -27.26
CA SER C 31 3.82 22.44 -27.94
CA SER C 31 3.81 22.52 -27.81
C SER C 31 2.71 23.36 -28.44
N HIS C 32 1.44 22.99 -28.26
CA HIS C 32 0.30 23.68 -28.88
C HIS C 32 -0.29 24.71 -27.94
N PRO C 33 -0.38 25.98 -28.32
CA PRO C 33 -1.13 26.94 -27.49
C PRO C 33 -2.59 26.56 -27.49
N ILE C 34 -3.22 26.67 -26.33
CA ILE C 34 -4.62 26.30 -26.23
C ILE C 34 -5.50 27.45 -25.80
N THR C 35 -4.96 28.39 -25.02
CA THR C 35 -5.72 29.51 -24.46
C THR C 35 -4.84 30.73 -24.40
N THR C 36 -5.45 31.92 -24.53
CA THR C 36 -4.72 33.16 -24.29
C THR C 36 -5.60 34.15 -23.58
N TYR C 37 -4.95 35.03 -22.83
CA TYR C 37 -5.58 36.13 -22.12
C TYR C 37 -4.56 37.25 -22.01
N ASP C 38 -4.97 38.52 -22.19
CA ASP C 38 -4.06 39.58 -21.76
C ASP C 38 -4.83 40.78 -21.25
N SER C 39 -4.09 41.72 -20.68
CA SER C 39 -4.62 42.93 -20.07
C SER C 39 -5.12 43.95 -21.11
N VAL C 40 -4.87 43.72 -22.39
CA VAL C 40 -5.48 44.57 -23.43
C VAL C 40 -6.84 44.04 -23.84
N THR C 41 -6.96 42.77 -24.26
CA THR C 41 -8.28 42.24 -24.56
C THR C 41 -9.14 42.10 -23.31
N ARG C 42 -8.52 41.81 -22.18
CA ARG C 42 -9.21 41.42 -20.93
C ARG C 42 -10.20 40.26 -21.14
N GLN C 43 -9.94 39.37 -22.11
CA GLN C 43 -10.79 38.22 -22.42
C GLN C 43 -9.94 36.98 -22.58
N LYS C 44 -10.43 35.85 -22.06
CA LYS C 44 -9.73 34.60 -22.27
C LYS C 44 -10.29 33.95 -23.52
N GLU C 45 -9.43 33.57 -24.46
CA GLU C 45 -9.91 33.08 -25.73
C GLU C 45 -9.20 31.80 -26.12
N PRO C 46 -9.87 30.92 -26.89
CA PRO C 46 -9.20 29.69 -27.35
C PRO C 46 -8.09 30.00 -28.34
N ARG C 47 -7.05 29.18 -28.34
CA ARG C 47 -6.02 29.29 -29.37
CA ARG C 47 -5.99 29.26 -29.33
C ARG C 47 -5.88 27.98 -30.15
N ALA C 48 -6.80 27.04 -29.97
CA ALA C 48 -6.83 25.83 -30.78
C ALA C 48 -8.29 25.57 -31.15
N PRO C 49 -8.58 25.18 -32.39
CA PRO C 49 -10.00 24.95 -32.77
C PRO C 49 -10.64 23.84 -31.97
N TRP C 50 -9.88 22.83 -31.59
CA TRP C 50 -10.51 21.77 -30.82
C TRP C 50 -10.76 22.16 -29.37
N MET C 51 -10.14 23.25 -28.89
CA MET C 51 -10.60 23.89 -27.64
C MET C 51 -11.88 24.67 -27.85
N ALA C 52 -11.90 25.51 -28.88
CA ALA C 52 -13.06 26.35 -29.14
C ALA C 52 -14.32 25.50 -29.32
N GLU C 53 -14.19 24.39 -30.03
CA GLU C 53 -15.37 23.60 -30.40
C GLU C 53 -15.92 22.76 -29.26
N ASN C 54 -15.12 22.51 -28.20
CA ASN C 54 -15.53 21.62 -27.13
C ASN C 54 -15.81 22.30 -25.80
N LEU C 55 -15.59 23.62 -25.71
CA LEU C 55 -15.87 24.39 -24.49
C LEU C 55 -16.80 25.55 -24.83
N ALA C 56 -17.99 25.54 -24.22
CA ALA C 56 -19.05 26.50 -24.52
C ALA C 56 -18.70 27.87 -23.94
N PRO C 57 -19.34 28.94 -24.45
CA PRO C 57 -19.01 30.28 -23.98
C PRO C 57 -19.04 30.46 -22.47
N ASP C 58 -19.80 29.64 -21.73
CA ASP C 58 -19.83 29.74 -20.27
CA ASP C 58 -19.81 29.80 -20.29
C ASP C 58 -18.45 29.45 -19.67
N HIS C 59 -17.73 28.49 -20.24
CA HIS C 59 -16.40 28.20 -19.76
C HIS C 59 -15.49 29.41 -19.95
N TRP C 60 -15.56 30.06 -21.12
CA TRP C 60 -14.66 31.18 -21.37
C TRP C 60 -15.04 32.40 -20.53
N GLU C 61 -16.33 32.64 -20.29
CA GLU C 61 -16.74 33.76 -19.44
CA GLU C 61 -16.69 33.78 -19.46
C GLU C 61 -16.22 33.58 -18.02
N ARG C 62 -16.32 32.36 -17.49
CA ARG C 62 -15.89 32.13 -16.12
CA ARG C 62 -15.89 32.10 -16.13
C ARG C 62 -14.38 32.28 -15.97
N TYR C 63 -13.62 31.70 -16.90
CA TYR C 63 -12.18 31.83 -16.78
C TYR C 63 -11.71 33.26 -17.07
N THR C 64 -12.42 34.01 -17.93
CA THR C 64 -12.09 35.41 -18.11
C THR C 64 -12.14 36.14 -16.76
N GLN C 65 -13.19 35.91 -15.98
CA GLN C 65 -13.28 36.56 -14.67
C GLN C 65 -12.13 36.13 -13.76
N LEU C 66 -11.78 34.84 -13.77
CA LEU C 66 -10.62 34.38 -13.00
C LEU C 66 -9.33 35.06 -13.43
N LEU C 67 -9.10 35.15 -14.74
N LEU C 67 -9.10 35.14 -14.75
CA LEU C 67 -7.86 35.76 -15.20
CA LEU C 67 -7.87 35.76 -15.24
C LEU C 67 -7.79 37.25 -14.88
C LEU C 67 -7.80 37.24 -14.87
N ARG C 68 -8.93 37.96 -14.93
CA ARG C 68 -8.91 39.37 -14.54
C ARG C 68 -8.42 39.53 -13.10
N GLY C 69 -8.89 38.67 -12.19
CA GLY C 69 -8.40 38.72 -10.83
C GLY C 69 -6.94 38.28 -10.70
N TRP C 70 -6.55 37.21 -11.39
CA TRP C 70 -5.15 36.82 -11.36
C TRP C 70 -4.25 37.91 -11.93
N GLN C 71 -4.73 38.65 -12.94
CA GLN C 71 -3.94 39.76 -13.45
C GLN C 71 -3.70 40.80 -12.35
N GLN C 72 -4.72 41.14 -11.58
CA GLN C 72 -4.54 42.15 -10.53
C GLN C 72 -3.58 41.66 -9.44
N MET C 73 -3.74 40.39 -9.03
CA MET C 73 -2.84 39.82 -8.02
C MET C 73 -1.39 39.80 -8.52
N PHE C 74 -1.18 39.45 -9.79
CA PHE C 74 0.18 39.49 -10.35
C PHE C 74 0.77 40.90 -10.29
N LYS C 75 -0.02 41.92 -10.63
CA LYS C 75 0.51 43.27 -10.61
C LYS C 75 0.99 43.67 -9.21
N VAL C 76 0.21 43.34 -8.18
CA VAL C 76 0.57 43.65 -6.80
C VAL C 76 1.83 42.91 -6.37
N GLU C 77 1.94 41.60 -6.70
CA GLU C 77 3.12 40.82 -6.32
C GLU C 77 4.38 41.38 -6.97
N LEU C 78 4.29 41.78 -8.22
CA LEU C 78 5.44 42.39 -8.88
C LEU C 78 5.83 43.73 -8.23
N LYS C 79 4.84 44.56 -7.86
CA LYS C 79 5.17 45.78 -7.12
C LYS C 79 5.94 45.45 -5.85
N ARG C 80 5.50 44.43 -5.10
CA ARG C 80 6.16 44.11 -3.84
C ARG C 80 7.55 43.53 -4.08
N LEU C 81 7.70 42.66 -5.08
CA LEU C 81 9.05 42.20 -5.44
C LEU C 81 9.98 43.38 -5.72
N GLN C 82 9.52 44.33 -6.54
CA GLN C 82 10.37 45.45 -6.91
C GLN C 82 10.82 46.25 -5.70
N ARG C 83 9.90 46.46 -4.76
CA ARG C 83 10.25 47.13 -3.53
C ARG C 83 11.40 46.42 -2.82
N HIS C 84 11.27 45.10 -2.66
CA HIS C 84 12.25 44.33 -1.91
C HIS C 84 13.63 44.44 -2.53
N TYR C 85 13.70 44.48 -3.85
CA TYR C 85 15.01 44.64 -4.45
C TYR C 85 15.41 46.12 -4.55
N ASN C 86 14.54 47.02 -4.08
CA ASN C 86 14.69 48.46 -4.33
CA ASN C 86 14.70 48.45 -4.33
C ASN C 86 14.97 48.70 -5.81
N HIS C 87 14.04 48.23 -6.62
CA HIS C 87 14.13 48.32 -8.07
C HIS C 87 13.11 49.32 -8.57
N SER C 88 13.50 50.02 -9.61
CA SER C 88 12.66 51.00 -10.27
C SER C 88 12.67 50.65 -11.76
N GLY C 89 11.86 51.37 -12.51
CA GLY C 89 11.81 51.08 -13.91
C GLY C 89 11.07 49.77 -14.14
N SER C 90 11.31 49.19 -15.31
CA SER C 90 10.49 48.09 -15.79
C SER C 90 11.13 46.75 -15.42
N HIS C 91 10.37 45.91 -14.74
CA HIS C 91 10.81 44.55 -14.42
C HIS C 91 9.74 43.56 -14.87
N THR C 92 10.11 42.28 -14.90
CA THR C 92 9.21 41.21 -15.31
C THR C 92 9.08 40.16 -14.22
N TYR C 93 7.90 39.55 -14.19
CA TYR C 93 7.52 38.52 -13.23
C TYR C 93 6.85 37.43 -14.03
N GLN C 94 7.24 36.15 -13.80
CA GLN C 94 6.65 35.08 -14.60
C GLN C 94 6.31 33.91 -13.69
N ARG C 95 5.31 33.14 -14.11
CA ARG C 95 4.82 31.99 -13.40
C ARG C 95 4.59 30.89 -14.42
N MET C 96 4.81 29.65 -13.99
CA MET C 96 4.50 28.48 -14.81
CA MET C 96 4.52 28.47 -14.81
C MET C 96 4.00 27.38 -13.89
N ILE C 97 2.80 26.87 -14.16
CA ILE C 97 2.24 25.76 -13.42
C ILE C 97 1.82 24.70 -14.44
N GLY C 98 1.92 23.43 -14.08
CA GLY C 98 1.50 22.44 -15.04
C GLY C 98 1.84 21.04 -14.57
N CYS C 99 1.52 20.07 -15.44
CA CYS C 99 1.67 18.67 -15.09
C CYS C 99 2.03 17.87 -16.33
N GLU C 100 2.58 16.66 -16.12
CA GLU C 100 2.81 15.75 -17.24
C GLU C 100 2.19 14.41 -16.90
N LEU C 101 1.61 13.79 -17.92
CA LEU C 101 1.11 12.43 -17.86
C LEU C 101 2.07 11.63 -18.71
N LEU C 102 2.88 10.79 -18.06
CA LEU C 102 3.92 10.04 -18.77
C LEU C 102 3.37 8.78 -19.45
N GLU C 103 4.17 8.25 -20.37
CA GLU C 103 3.80 7.03 -21.09
C GLU C 103 3.51 5.88 -20.12
N ASP C 104 4.38 5.67 -19.10
CA ASP C 104 4.11 4.60 -18.12
C ASP C 104 2.91 4.90 -17.22
N GLY C 105 2.11 5.97 -17.42
CA GLY C 105 0.97 6.25 -16.56
C GLY C 105 1.27 7.07 -15.32
N SER C 106 2.53 7.23 -14.95
CA SER C 106 2.83 8.05 -13.78
C SER C 106 2.71 9.55 -14.14
N THR C 107 2.87 10.42 -13.14
CA THR C 107 2.59 11.86 -13.34
C THR C 107 3.66 12.72 -12.69
N THR C 108 3.82 13.93 -13.21
CA THR C 108 4.66 14.94 -12.57
C THR C 108 3.90 16.25 -12.51
N GLY C 109 4.34 17.14 -11.65
CA GLY C 109 3.73 18.46 -11.56
C GLY C 109 4.79 19.48 -11.20
N PHE C 110 4.56 20.72 -11.63
CA PHE C 110 5.56 21.75 -11.38
C PHE C 110 4.85 23.08 -11.23
N LEU C 111 5.44 23.95 -10.42
CA LEU C 111 4.91 25.28 -10.19
C LEU C 111 6.11 26.17 -9.84
N GLN C 112 6.38 27.16 -10.68
CA GLN C 112 7.61 27.93 -10.56
C GLN C 112 7.33 29.40 -10.87
N TYR C 113 8.15 30.26 -10.28
CA TYR C 113 8.13 31.70 -10.52
C TYR C 113 9.52 32.19 -10.90
N ALA C 114 9.56 33.26 -11.71
CA ALA C 114 10.80 33.88 -12.13
C ALA C 114 10.67 35.40 -12.04
N TYR C 115 11.80 36.05 -11.75
CA TYR C 115 11.85 37.52 -11.69
C TYR C 115 12.96 37.97 -12.64
N ASP C 116 12.62 38.90 -13.54
CA ASP C 116 13.53 39.35 -14.58
C ASP C 116 14.13 38.15 -15.33
N GLY C 117 13.27 37.18 -15.63
CA GLY C 117 13.68 36.05 -16.42
C GLY C 117 14.56 35.03 -15.73
N GLN C 118 14.74 35.11 -14.41
CA GLN C 118 15.57 34.18 -13.65
C GLN C 118 14.76 33.47 -12.57
N ASP C 119 15.12 32.20 -12.31
CA ASP C 119 14.46 31.42 -11.26
C ASP C 119 14.33 32.22 -9.98
N PHE C 120 13.16 32.15 -9.36
CA PHE C 120 12.92 32.93 -8.16
C PHE C 120 12.42 32.01 -7.05
N LEU C 121 11.34 31.27 -7.33
CA LEU C 121 10.75 30.35 -6.37
C LEU C 121 10.29 29.08 -7.08
N ILE C 122 10.55 27.91 -6.48
CA ILE C 122 10.20 26.60 -7.05
C ILE C 122 9.46 25.80 -5.99
N PHE C 123 8.24 25.37 -6.31
CA PHE C 123 7.43 24.63 -5.38
C PHE C 123 7.88 23.18 -5.34
N ASN C 124 7.93 22.62 -4.15
CA ASN C 124 8.23 21.19 -3.90
C ASN C 124 6.93 20.58 -3.39
N LYS C 125 6.16 19.93 -4.26
CA LYS C 125 4.85 19.46 -3.79
C LYS C 125 4.97 18.20 -2.92
N ASP C 126 6.15 17.60 -2.81
CA ASP C 126 6.29 16.40 -1.97
C ASP C 126 6.62 16.74 -0.53
N THR C 127 7.22 17.90 -0.29
CA THR C 127 7.39 18.40 1.06
C THR C 127 6.51 19.59 1.38
N LEU C 128 5.70 20.07 0.42
CA LEU C 128 4.92 21.31 0.58
C LEU C 128 5.80 22.48 1.02
N SER C 129 6.87 22.72 0.28
CA SER C 129 7.74 23.83 0.61
C SER C 129 8.20 24.53 -0.65
N TRP C 130 8.68 25.75 -0.47
CA TRP C 130 9.14 26.58 -1.56
C TRP C 130 10.66 26.70 -1.47
N LEU C 131 11.34 26.45 -2.58
CA LEU C 131 12.77 26.71 -2.67
C LEU C 131 13.00 28.15 -3.18
N ALA C 132 13.77 28.93 -2.42
CA ALA C 132 13.97 30.36 -2.67
C ALA C 132 15.41 30.60 -3.13
N VAL C 133 15.59 31.39 -4.20
CA VAL C 133 16.96 31.57 -4.70
C VAL C 133 17.76 32.63 -3.92
N ASP C 134 17.12 33.53 -3.18
CA ASP C 134 17.86 34.57 -2.47
C ASP C 134 17.01 35.03 -1.29
N ASN C 135 17.46 36.08 -0.59
CA ASN C 135 16.76 36.44 0.64
C ASN C 135 15.42 37.09 0.37
N VAL C 136 15.26 37.76 -0.77
CA VAL C 136 13.96 38.31 -1.12
C VAL C 136 12.96 37.17 -1.40
N ALA C 137 13.36 36.23 -2.21
CA ALA C 137 12.50 35.06 -2.40
C ALA C 137 12.24 34.35 -1.06
N HIS C 138 13.22 34.37 -0.15
CA HIS C 138 13.02 33.68 1.13
C HIS C 138 11.90 34.33 1.92
N THR C 139 11.80 35.65 1.85
CA THR C 139 10.73 36.38 2.53
C THR C 139 9.35 35.99 2.03
N ILE C 140 9.19 35.84 0.71
CA ILE C 140 7.92 35.39 0.15
C ILE C 140 7.64 33.94 0.51
N LYS C 141 8.66 33.09 0.39
CA LYS C 141 8.56 31.69 0.83
C LYS C 141 7.91 31.59 2.21
N GLN C 142 8.38 32.39 3.17
CA GLN C 142 7.88 32.28 4.53
C GLN C 142 6.38 32.60 4.61
N ALA C 143 5.95 33.66 3.91
CA ALA C 143 4.53 33.96 3.88
C ALA C 143 3.73 32.83 3.25
N TRP C 144 4.20 32.30 2.11
CA TRP C 144 3.39 31.28 1.45
C TRP C 144 3.35 29.99 2.26
N GLU C 145 4.46 29.64 2.90
CA GLU C 145 4.50 28.37 3.64
C GLU C 145 3.71 28.42 4.93
N ALA C 146 3.41 29.62 5.43
CA ALA C 146 2.55 29.76 6.60
C ALA C 146 1.10 29.38 6.28
N ASN C 147 0.71 29.37 5.01
CA ASN C 147 -0.66 29.07 4.65
C ASN C 147 -0.74 27.59 4.23
N GLN C 148 -0.88 26.71 5.22
CA GLN C 148 -0.84 25.27 4.95
C GLN C 148 -1.93 24.83 3.96
N HIS C 149 -3.15 25.34 4.11
CA HIS C 149 -4.26 24.91 3.25
C HIS C 149 -4.04 25.26 1.78
N GLU C 150 -3.41 26.41 1.50
CA GLU C 150 -3.14 26.76 0.11
C GLU C 150 -2.09 25.83 -0.50
N LEU C 151 -1.06 25.45 0.27
CA LEU C 151 -0.10 24.47 -0.20
C LEU C 151 -0.78 23.15 -0.56
N LEU C 152 -1.74 22.70 0.25
CA LEU C 152 -2.48 21.48 -0.07
C LEU C 152 -3.34 21.68 -1.32
N TYR C 153 -3.95 22.85 -1.45
CA TYR C 153 -4.75 23.11 -2.65
C TYR C 153 -3.86 23.03 -3.89
N GLN C 154 -2.64 23.57 -3.81
CA GLN C 154 -1.75 23.54 -4.96
C GLN C 154 -1.28 22.13 -5.28
N LYS C 155 -0.98 21.33 -4.25
CA LYS C 155 -0.64 19.93 -4.49
C LYS C 155 -1.79 19.17 -5.14
N ASN C 156 -3.01 19.31 -4.60
CA ASN C 156 -4.17 18.70 -5.24
C ASN C 156 -4.34 19.16 -6.68
N TRP C 157 -4.12 20.45 -6.97
CA TRP C 157 -4.36 20.92 -8.33
C TRP C 157 -3.36 20.29 -9.29
N LEU C 158 -2.09 20.26 -8.88
CA LEU C 158 -1.04 19.69 -9.71
C LEU C 158 -1.26 18.20 -9.94
N GLU C 159 -1.62 17.46 -8.88
CA GLU C 159 -1.69 15.99 -9.03
C GLU C 159 -3.02 15.47 -9.56
N GLU C 160 -4.14 16.12 -9.26
CA GLU C 160 -5.44 15.63 -9.68
C GLU C 160 -6.09 16.51 -10.75
N GLU C 161 -6.31 17.79 -10.45
CA GLU C 161 -7.08 18.65 -11.37
C GLU C 161 -6.35 18.83 -12.69
N CYS C 162 -5.05 19.12 -12.63
CA CYS C 162 -4.31 19.38 -13.87
C CYS C 162 -4.26 18.14 -14.74
N ILE C 163 -4.11 16.97 -14.12
CA ILE C 163 -4.11 15.72 -14.88
C ILE C 163 -5.47 15.50 -15.53
N ALA C 164 -6.56 15.74 -14.80
CA ALA C 164 -7.87 15.51 -15.38
C ALA C 164 -8.15 16.48 -16.53
N TRP C 165 -7.72 17.74 -16.39
CA TRP C 165 -7.87 18.69 -17.51
C TRP C 165 -7.07 18.21 -18.73
N LEU C 166 -5.82 17.80 -18.50
CA LEU C 166 -4.98 17.34 -19.57
C LEU C 166 -5.62 16.16 -20.33
N LYS C 167 -6.16 15.19 -19.60
CA LYS C 167 -6.78 14.03 -20.27
C LYS C 167 -8.00 14.49 -21.07
N ARG C 168 -8.76 15.43 -20.53
CA ARG C 168 -9.91 16.01 -21.22
C ARG C 168 -9.49 16.70 -22.52
N PHE C 169 -8.47 17.57 -22.45
CA PHE C 169 -7.98 18.29 -23.64
C PHE C 169 -7.31 17.35 -24.63
N LEU C 170 -6.64 16.30 -24.15
CA LEU C 170 -6.03 15.36 -25.08
CA LEU C 170 -6.03 15.31 -25.04
C LEU C 170 -7.09 14.66 -25.92
N GLU C 171 -8.24 14.36 -25.34
CA GLU C 171 -9.32 13.76 -26.11
C GLU C 171 -9.91 14.78 -27.09
N TYR C 172 -10.19 16.00 -26.62
CA TYR C 172 -10.64 17.09 -27.52
C TYR C 172 -9.72 17.22 -28.73
N GLY C 173 -8.41 17.25 -28.51
CA GLY C 173 -7.50 17.45 -29.62
C GLY C 173 -6.83 16.20 -30.18
N LYS C 174 -7.44 15.02 -29.98
CA LYS C 174 -6.71 13.79 -30.27
C LYS C 174 -6.27 13.71 -31.72
N ASP C 175 -7.06 14.25 -32.66
CA ASP C 175 -6.68 14.13 -34.06
C ASP C 175 -5.42 14.91 -34.37
N THR C 176 -5.11 15.91 -33.56
CA THR C 176 -3.87 16.65 -33.68
C THR C 176 -2.78 16.07 -32.78
N LEU C 177 -3.08 15.95 -31.49
CA LEU C 177 -2.07 15.66 -30.46
C LEU C 177 -1.58 14.22 -30.50
N GLN C 178 -2.42 13.29 -30.95
CA GLN C 178 -2.10 11.87 -30.88
C GLN C 178 -1.74 11.30 -32.24
N ARG C 179 -1.63 12.14 -33.28
CA ARG C 179 -1.27 11.65 -34.61
C ARG C 179 0.25 11.46 -34.72
N THR C 180 0.68 10.82 -35.80
CA THR C 180 2.10 10.60 -36.05
C THR C 180 2.34 10.90 -37.51
N GLU C 181 3.26 11.82 -37.80
CA GLU C 181 3.74 12.03 -39.15
C GLU C 181 5.21 11.65 -39.15
N PRO C 182 5.58 10.56 -39.80
CA PRO C 182 6.95 10.07 -39.74
C PRO C 182 7.89 11.02 -40.44
N PRO C 183 9.18 11.03 -40.06
CA PRO C 183 10.13 11.94 -40.71
C PRO C 183 10.50 11.48 -42.11
N LEU C 184 10.75 12.47 -42.98
CA LEU C 184 11.50 12.29 -44.22
C LEU C 184 12.96 12.55 -43.89
N VAL C 185 13.83 11.58 -44.15
CA VAL C 185 15.21 11.68 -43.70
C VAL C 185 16.12 11.46 -44.89
N ARG C 186 17.17 12.26 -44.96
CA ARG C 186 18.18 12.16 -46.01
C ARG C 186 19.54 12.47 -45.41
N VAL C 187 20.59 11.95 -46.05
CA VAL C 187 21.96 12.25 -45.71
C VAL C 187 22.60 12.94 -46.89
N ASN C 188 23.32 14.03 -46.64
CA ASN C 188 24.08 14.74 -47.66
C ASN C 188 25.56 14.72 -47.30
N ARG C 189 26.42 14.62 -48.31
CA ARG C 189 27.86 14.66 -48.11
C ARG C 189 28.46 15.72 -49.03
N LYS C 190 29.50 16.40 -48.55
CA LYS C 190 30.14 17.46 -49.32
C LYS C 190 31.54 17.70 -48.76
N GLU C 191 32.52 17.94 -49.64
CA GLU C 191 33.81 18.40 -49.19
C GLU C 191 33.70 19.88 -48.88
N THR C 192 34.20 20.30 -47.72
CA THR C 192 34.02 21.72 -47.42
C THR C 192 35.34 22.47 -47.49
N PHE C 193 35.91 22.83 -46.35
CA PHE C 193 37.31 23.21 -46.32
C PHE C 193 38.15 22.08 -46.93
N PRO C 194 39.20 22.38 -47.68
CA PRO C 194 39.93 21.31 -48.38
C PRO C 194 40.32 20.17 -47.44
N GLY C 195 40.00 18.94 -47.84
CA GLY C 195 40.30 17.77 -47.03
C GLY C 195 39.31 17.46 -45.94
N VAL C 196 38.27 18.28 -45.75
CA VAL C 196 37.30 18.11 -44.67
C VAL C 196 35.93 17.85 -45.29
N THR C 197 35.41 16.63 -45.08
CA THR C 197 34.11 16.22 -45.60
C THR C 197 33.05 16.28 -44.50
N ALA C 198 31.94 16.93 -44.79
CA ALA C 198 30.84 17.06 -43.86
C ALA C 198 29.71 16.14 -44.28
N LEU C 199 29.07 15.51 -43.29
CA LEU C 199 27.91 14.66 -43.48
C LEU C 199 26.78 15.26 -42.68
N PHE C 200 25.67 15.56 -43.36
CA PHE C 200 24.49 16.10 -42.72
C PHE C 200 23.37 15.06 -42.82
N CYS C 201 22.75 14.76 -41.69
CA CYS C 201 21.55 13.95 -41.62
C CYS C 201 20.42 14.90 -41.30
N LYS C 202 19.50 15.09 -42.25
CA LYS C 202 18.42 16.07 -42.11
C LYS C 202 17.08 15.37 -42.17
N ALA C 203 16.20 15.72 -41.23
CA ALA C 203 14.86 15.16 -41.17
C ALA C 203 13.86 16.30 -41.24
N HIS C 204 12.73 16.05 -41.87
CA HIS C 204 11.70 17.06 -41.86
C HIS C 204 10.36 16.35 -42.06
N GLY C 205 9.30 17.12 -41.83
CA GLY C 205 7.95 16.64 -42.01
C GLY C 205 7.40 15.85 -40.86
N PHE C 206 8.06 15.83 -39.69
CA PHE C 206 7.59 14.92 -38.65
C PHE C 206 6.78 15.62 -37.58
N TYR C 207 5.95 14.81 -36.92
CA TYR C 207 5.15 15.16 -35.75
C TYR C 207 4.97 13.85 -34.99
N PRO C 208 5.14 13.82 -33.67
CA PRO C 208 5.44 15.00 -32.83
C PRO C 208 6.90 15.46 -32.92
N PRO C 209 7.23 16.62 -32.33
CA PRO C 209 8.59 17.16 -32.52
C PRO C 209 9.68 16.33 -31.85
N GLU C 210 9.36 15.57 -30.82
CA GLU C 210 10.35 14.71 -30.18
C GLU C 210 10.91 13.68 -31.18
N ILE C 211 12.21 13.78 -31.44
CA ILE C 211 12.91 12.88 -32.36
C ILE C 211 14.31 12.68 -31.83
N TYR C 212 14.87 11.51 -32.09
CA TYR C 212 16.25 11.20 -31.70
CA TYR C 212 16.25 11.21 -31.70
C TYR C 212 17.08 10.99 -32.96
N MET C 213 18.21 11.69 -33.06
CA MET C 213 19.08 11.59 -34.22
C MET C 213 20.51 11.45 -33.75
N THR C 214 21.26 10.53 -34.34
CA THR C 214 22.67 10.41 -33.98
C THR C 214 23.45 9.85 -35.15
N TRP C 215 24.77 9.96 -35.05
CA TRP C 215 25.68 9.37 -36.02
C TRP C 215 26.49 8.27 -35.35
N MET C 216 26.65 7.16 -36.07
CA MET C 216 27.40 6.02 -35.57
C MET C 216 28.47 5.63 -36.57
N LYS C 217 29.59 5.11 -36.04
CA LYS C 217 30.73 4.65 -36.82
C LYS C 217 30.82 3.14 -36.67
N ASN C 218 30.71 2.42 -37.79
CA ASN C 218 30.81 0.95 -37.81
C ASN C 218 29.88 0.31 -36.77
N GLY C 219 28.67 0.87 -36.66
CA GLY C 219 27.71 0.36 -35.70
C GLY C 219 28.03 0.61 -34.24
N GLU C 220 28.91 1.57 -33.95
CA GLU C 220 29.28 1.90 -32.59
C GLU C 220 29.25 3.41 -32.41
N GLU C 221 28.89 3.84 -31.20
CA GLU C 221 28.70 5.26 -30.94
C GLU C 221 29.97 6.03 -31.25
N ILE C 222 29.81 7.24 -31.78
CA ILE C 222 30.98 8.03 -32.09
CA ILE C 222 30.91 8.13 -32.10
C ILE C 222 31.55 8.67 -30.82
N VAL C 223 32.80 9.12 -30.94
CA VAL C 223 33.43 9.97 -29.94
C VAL C 223 33.87 11.30 -30.54
N GLN C 224 33.55 11.53 -31.81
CA GLN C 224 33.84 12.79 -32.48
C GLN C 224 32.81 13.84 -32.07
N GLU C 225 33.00 15.06 -32.58
CA GLU C 225 32.03 16.11 -32.31
C GLU C 225 30.87 15.96 -33.29
N ILE C 226 29.65 15.90 -32.75
CA ILE C 226 28.43 15.91 -33.54
C ILE C 226 27.78 17.27 -33.33
N ASP C 227 27.35 17.91 -34.42
CA ASP C 227 26.62 19.15 -34.32
CA ASP C 227 26.61 19.16 -34.34
C ASP C 227 25.13 18.87 -34.48
N TYR C 228 24.32 19.43 -33.59
CA TYR C 228 22.88 19.18 -33.60
C TYR C 228 22.11 20.44 -33.99
N GLY C 229 21.22 20.30 -34.96
CA GLY C 229 20.31 21.37 -35.28
C GLY C 229 19.16 21.37 -34.30
N ASP C 230 18.63 22.55 -34.05
CA ASP C 230 17.43 22.68 -33.23
C ASP C 230 16.26 22.01 -33.93
N ILE C 231 15.27 21.59 -33.14
CA ILE C 231 14.01 21.06 -33.67
C ILE C 231 13.15 22.29 -33.92
N LEU C 232 12.93 22.59 -35.19
CA LEU C 232 12.30 23.84 -35.59
C LEU C 232 10.92 23.61 -36.21
N PRO C 233 9.95 24.47 -35.90
CA PRO C 233 8.62 24.36 -36.55
C PRO C 233 8.74 24.77 -38.01
N SER C 234 8.14 23.97 -38.89
CA SER C 234 8.19 24.27 -40.31
C SER C 234 7.02 25.12 -40.77
N GLY C 235 6.01 25.32 -39.90
CA GLY C 235 4.89 26.21 -40.15
C GLY C 235 3.60 25.52 -40.55
N ASP C 236 3.66 24.23 -40.90
CA ASP C 236 2.48 23.48 -41.29
C ASP C 236 2.06 22.48 -40.23
N GLY C 237 2.58 22.62 -39.00
CA GLY C 237 2.32 21.67 -37.94
C GLY C 237 3.37 20.59 -37.77
N THR C 238 4.35 20.50 -38.68
CA THR C 238 5.42 19.52 -38.56
C THR C 238 6.73 20.24 -38.25
N TYR C 239 7.78 19.44 -38.04
CA TYR C 239 9.06 19.93 -37.55
C TYR C 239 10.20 19.40 -38.39
N GLN C 240 11.36 20.02 -38.23
CA GLN C 240 12.58 19.66 -38.93
C GLN C 240 13.77 19.77 -38.00
N ALA C 241 14.80 18.96 -38.27
CA ALA C 241 15.99 18.93 -37.43
C ALA C 241 17.09 18.23 -38.21
N TRP C 242 18.33 18.34 -37.70
CA TRP C 242 19.47 17.73 -38.38
C TRP C 242 20.59 17.44 -37.38
N ALA C 243 21.51 16.59 -37.81
CA ALA C 243 22.74 16.28 -37.09
C ALA C 243 23.87 16.13 -38.11
N SER C 244 25.06 16.62 -37.78
CA SER C 244 26.15 16.54 -38.75
C SER C 244 27.45 16.18 -38.06
N ILE C 245 28.36 15.58 -38.83
CA ILE C 245 29.71 15.20 -38.41
C ILE C 245 30.68 15.48 -39.55
N GLU C 246 31.97 15.29 -39.27
CA GLU C 246 33.04 15.22 -40.27
C GLU C 246 33.37 13.77 -40.60
N LEU C 247 33.52 13.48 -41.87
CA LEU C 247 33.98 12.17 -42.29
C LEU C 247 35.50 12.12 -42.23
N ASP C 248 36.04 10.91 -42.17
CA ASP C 248 37.48 10.74 -42.13
C ASP C 248 37.99 9.82 -43.25
N ASN C 253 36.02 2.82 -42.90
CA ASN C 253 35.14 3.49 -41.93
C ASN C 253 33.77 3.75 -42.53
N LEU C 254 32.73 3.21 -41.89
CA LEU C 254 31.37 3.29 -42.41
C LEU C 254 30.48 4.02 -41.41
N TYR C 255 29.93 5.16 -41.84
CA TYR C 255 29.10 6.00 -41.00
C TYR C 255 27.62 5.78 -41.28
N SER C 256 26.80 5.92 -40.25
CA SER C 256 25.37 5.78 -40.48
C SER C 256 24.63 6.72 -39.55
N CYS C 257 23.59 7.36 -40.09
CA CYS C 257 22.71 8.22 -39.31
C CYS C 257 21.56 7.38 -38.79
N HIS C 258 21.28 7.51 -37.50
CA HIS C 258 20.24 6.75 -36.83
C HIS C 258 19.18 7.72 -36.38
N VAL C 259 17.91 7.42 -36.70
CA VAL C 259 16.78 8.26 -36.33
C VAL C 259 15.74 7.40 -35.64
N GLU C 260 15.27 7.84 -34.48
CA GLU C 260 14.15 7.23 -33.81
C GLU C 260 13.01 8.23 -33.65
N HIS C 261 11.81 7.82 -34.06
CA HIS C 261 10.64 8.70 -34.01
C HIS C 261 9.40 7.87 -33.75
N SER C 262 8.68 8.22 -32.69
CA SER C 262 7.41 7.59 -32.31
CA SER C 262 7.40 7.60 -32.32
C SER C 262 7.42 6.07 -32.52
N GLY C 263 8.43 5.40 -31.95
CA GLY C 263 8.49 3.94 -31.97
C GLY C 263 9.01 3.28 -33.24
N VAL C 264 9.55 4.04 -34.19
CA VAL C 264 10.14 3.50 -35.40
C VAL C 264 11.58 3.95 -35.46
N HIS C 265 12.48 3.00 -35.71
CA HIS C 265 13.88 3.29 -35.88
CA HIS C 265 13.90 3.24 -35.88
C HIS C 265 14.23 3.26 -37.36
N MET C 266 15.12 4.16 -37.77
CA MET C 266 15.56 4.23 -39.15
C MET C 266 17.08 4.34 -39.20
N VAL C 267 17.69 3.69 -40.18
CA VAL C 267 19.13 3.77 -40.37
C VAL C 267 19.42 4.15 -41.81
N LEU C 268 20.32 5.09 -42.01
CA LEU C 268 20.76 5.53 -43.32
C LEU C 268 22.27 5.35 -43.37
N GLN C 269 22.74 4.32 -44.06
CA GLN C 269 24.17 4.09 -44.24
CA GLN C 269 24.17 4.09 -44.24
C GLN C 269 24.74 5.06 -45.26
N VAL C 270 25.91 5.62 -44.95
CA VAL C 270 26.62 6.48 -45.89
C VAL C 270 27.55 5.59 -46.71
N PRO C 271 27.36 5.50 -48.04
CA PRO C 271 28.07 4.52 -48.88
C PRO C 271 29.54 4.91 -49.12
N MET D 1 20.44 42.51 -13.73
CA MET D 1 19.36 42.09 -14.63
C MET D 1 19.91 41.56 -15.94
N ILE D 2 19.76 40.26 -16.13
CA ILE D 2 20.28 39.57 -17.30
C ILE D 2 19.25 39.68 -18.43
N GLN D 3 19.66 40.26 -19.55
CA GLN D 3 18.85 40.20 -20.75
C GLN D 3 19.47 39.20 -21.72
N ARG D 4 18.64 38.59 -22.54
CA ARG D 4 19.10 37.57 -23.48
C ARG D 4 18.70 37.97 -24.90
N THR D 5 19.68 38.07 -25.78
CA THR D 5 19.47 38.54 -27.13
C THR D 5 18.85 37.42 -27.98
N PRO D 6 18.04 37.74 -28.99
CA PRO D 6 17.33 36.67 -29.71
C PRO D 6 18.24 35.85 -30.61
N LYS D 7 18.02 34.53 -30.58
CA LYS D 7 18.50 33.64 -31.62
C LYS D 7 17.56 33.72 -32.80
N ILE D 8 18.11 33.74 -34.01
CA ILE D 8 17.35 34.06 -35.21
C ILE D 8 17.70 33.03 -36.26
N GLN D 9 16.70 32.24 -36.69
CA GLN D 9 16.92 31.13 -37.60
C GLN D 9 15.96 31.26 -38.77
N VAL D 10 16.53 31.27 -39.98
CA VAL D 10 15.81 31.52 -41.23
C VAL D 10 15.98 30.29 -42.09
N TYR D 11 14.86 29.70 -42.54
CA TYR D 11 14.88 28.41 -43.22
C TYR D 11 13.55 28.20 -43.93
N SER D 12 13.59 27.39 -44.99
CA SER D 12 12.39 27.08 -45.75
C SER D 12 11.63 25.92 -45.12
N ARG D 13 10.30 25.96 -45.29
CA ARG D 13 9.43 24.89 -44.81
C ARG D 13 9.87 23.53 -45.34
N HIS D 14 10.10 23.43 -46.65
CA HIS D 14 10.49 22.26 -47.42
C HIS D 14 11.88 22.48 -47.98
N PRO D 15 12.65 21.42 -48.22
CA PRO D 15 13.91 21.56 -48.96
C PRO D 15 13.69 22.43 -50.19
N ALA D 16 14.54 23.43 -50.37
CA ALA D 16 14.26 24.52 -51.32
C ALA D 16 14.77 24.20 -52.72
N GLU D 17 14.03 24.69 -53.72
CA GLU D 17 14.40 24.51 -55.11
C GLU D 17 13.92 25.74 -55.86
N ASN D 18 14.85 26.42 -56.54
CA ASN D 18 14.51 27.64 -57.27
C ASN D 18 13.34 27.39 -58.21
N GLY D 19 12.36 28.28 -58.16
CA GLY D 19 11.21 28.18 -59.04
C GLY D 19 10.07 27.33 -58.53
N LYS D 20 10.19 26.74 -57.36
CA LYS D 20 9.10 25.98 -56.74
C LYS D 20 8.61 26.70 -55.49
N SER D 21 7.31 26.95 -55.44
CA SER D 21 6.70 27.61 -54.28
C SER D 21 7.04 26.87 -52.98
N ASN D 22 7.20 27.65 -51.92
CA ASN D 22 7.70 27.20 -50.63
C ASN D 22 7.17 28.16 -49.57
N PHE D 23 7.59 27.96 -48.31
CA PHE D 23 7.37 28.93 -47.25
C PHE D 23 8.70 29.25 -46.58
N LEU D 24 8.91 30.53 -46.27
CA LEU D 24 10.12 31.03 -45.62
C LEU D 24 9.81 31.38 -44.17
N ASN D 25 10.56 30.77 -43.25
CA ASN D 25 10.31 30.87 -41.82
C ASN D 25 11.41 31.67 -41.16
N CYS D 26 11.02 32.49 -40.18
CA CYS D 26 12.01 33.11 -39.29
C CYS D 26 11.61 32.77 -37.86
N TYR D 27 12.43 31.95 -37.20
CA TYR D 27 12.16 31.48 -35.84
C TYR D 27 13.07 32.27 -34.91
N VAL D 28 12.46 33.00 -33.99
CA VAL D 28 13.16 33.94 -33.13
C VAL D 28 12.87 33.52 -31.71
N SER D 29 13.93 33.23 -30.95
CA SER D 29 13.77 32.46 -29.73
C SER D 29 14.84 32.84 -28.72
N GLY D 30 14.59 32.46 -27.47
CA GLY D 30 15.59 32.59 -26.43
C GLY D 30 15.80 34.01 -25.96
N PHE D 31 14.88 34.93 -26.26
CA PHE D 31 15.09 36.31 -25.87
C PHE D 31 14.34 36.65 -24.58
N HIS D 32 14.83 37.70 -23.88
CA HIS D 32 14.22 38.24 -22.67
C HIS D 32 14.81 39.63 -22.47
N PRO D 33 13.98 40.67 -22.25
CA PRO D 33 12.52 40.70 -22.09
C PRO D 33 11.74 40.48 -23.40
N SER D 34 10.42 40.65 -23.34
CA SER D 34 9.52 40.11 -24.37
C SER D 34 9.33 41.03 -25.58
N ASP D 35 9.55 42.34 -25.45
CA ASP D 35 9.27 43.25 -26.56
C ASP D 35 10.24 42.98 -27.70
N ILE D 36 9.71 42.82 -28.90
CA ILE D 36 10.54 42.44 -30.05
C ILE D 36 9.81 42.89 -31.31
N GLU D 37 10.57 43.28 -32.32
CA GLU D 37 10.02 43.54 -33.64
C GLU D 37 10.67 42.60 -34.63
N VAL D 38 9.85 42.00 -35.50
CA VAL D 38 10.36 41.11 -36.55
C VAL D 38 9.72 41.50 -37.88
N ASP D 39 10.54 41.57 -38.92
CA ASP D 39 10.06 41.70 -40.29
C ASP D 39 10.79 40.70 -41.17
N LEU D 40 10.13 40.23 -42.22
CA LEU D 40 10.78 39.49 -43.29
C LEU D 40 11.07 40.42 -44.46
N LEU D 41 12.23 40.23 -45.09
CA LEU D 41 12.75 41.14 -46.13
C LEU D 41 12.96 40.37 -47.44
N LYS D 42 12.53 40.98 -48.55
CA LYS D 42 12.87 40.51 -49.89
C LYS D 42 13.68 41.58 -50.60
N ASN D 43 14.91 41.25 -50.94
CA ASN D 43 15.85 42.19 -51.56
C ASN D 43 15.90 43.51 -50.79
N GLY D 44 15.87 43.39 -49.46
CA GLY D 44 16.01 44.51 -48.55
C GLY D 44 14.72 45.24 -48.21
N GLU D 45 13.61 44.95 -48.87
CA GLU D 45 12.36 45.65 -48.62
CA GLU D 45 12.35 45.64 -48.65
C GLU D 45 11.41 44.77 -47.83
N ARG D 46 10.73 45.38 -46.87
CA ARG D 46 9.80 44.66 -46.00
C ARG D 46 8.70 43.95 -46.80
N ILE D 47 8.52 42.64 -46.54
CA ILE D 47 7.41 41.90 -47.13
C ILE D 47 6.14 42.17 -46.33
N GLU D 48 5.04 42.45 -47.04
CA GLU D 48 3.84 42.86 -46.32
C GLU D 48 2.94 41.69 -45.93
N LYS D 49 2.86 40.64 -46.75
CA LYS D 49 1.97 39.51 -46.46
C LYS D 49 2.75 38.48 -45.64
N VAL D 50 2.83 38.73 -44.32
CA VAL D 50 3.63 37.91 -43.40
C VAL D 50 2.76 37.46 -42.24
N GLU D 51 2.76 36.15 -41.99
CA GLU D 51 2.07 35.53 -40.85
C GLU D 51 3.01 35.40 -39.66
N HIS D 52 2.44 35.33 -38.47
CA HIS D 52 3.28 35.03 -37.31
C HIS D 52 2.45 34.46 -36.17
N SER D 53 3.10 33.63 -35.37
CA SER D 53 2.51 33.12 -34.14
C SER D 53 2.46 34.23 -33.08
N ASP D 54 1.58 34.07 -32.10
CA ASP D 54 1.67 34.93 -30.92
C ASP D 54 2.98 34.68 -30.17
N LEU D 55 3.34 35.63 -29.29
CA LEU D 55 4.45 35.44 -28.36
C LEU D 55 4.29 34.12 -27.57
N SER D 56 5.35 33.31 -27.55
CA SER D 56 5.31 32.00 -26.91
C SER D 56 6.31 31.91 -25.74
N PHE D 57 6.04 31.01 -24.79
CA PHE D 57 6.74 30.96 -23.51
C PHE D 57 7.53 29.68 -23.38
N SER D 58 8.81 29.80 -23.06
CA SER D 58 9.66 28.65 -22.81
C SER D 58 9.82 28.44 -21.31
N LYS D 59 10.10 27.18 -20.93
CA LYS D 59 10.26 26.84 -19.53
CA LYS D 59 10.25 26.84 -19.53
C LYS D 59 11.47 27.50 -18.89
N ASP D 60 12.49 27.89 -19.68
CA ASP D 60 13.60 28.66 -19.11
C ASP D 60 13.29 30.18 -19.01
N TRP D 61 12.02 30.58 -19.18
CA TRP D 61 11.51 31.95 -19.01
C TRP D 61 11.82 32.87 -20.18
N SER D 62 12.54 32.42 -21.20
CA SER D 62 12.65 33.19 -22.43
C SER D 62 11.39 33.01 -23.30
N PHE D 63 11.37 33.68 -24.46
CA PHE D 63 10.20 33.77 -25.34
C PHE D 63 10.61 33.40 -26.76
N TYR D 64 9.63 33.00 -27.57
CA TYR D 64 9.88 32.67 -28.96
C TYR D 64 8.64 32.96 -29.79
N LEU D 65 8.85 33.07 -31.10
CA LEU D 65 7.75 33.17 -32.04
CA LEU D 65 7.84 33.44 -32.09
C LEU D 65 8.28 32.89 -33.43
N LEU D 66 7.32 32.66 -34.33
CA LEU D 66 7.61 32.23 -35.68
C LEU D 66 6.93 33.17 -36.66
N TYR D 67 7.72 33.73 -37.58
CA TYR D 67 7.24 34.55 -38.70
C TYR D 67 7.47 33.76 -39.98
N TYR D 68 6.50 33.84 -40.91
CA TYR D 68 6.67 33.14 -42.17
C TYR D 68 5.81 33.77 -43.26
N THR D 69 6.24 33.59 -44.51
CA THR D 69 5.49 34.03 -45.67
C THR D 69 5.64 33.00 -46.78
N GLU D 70 4.64 32.92 -47.67
CA GLU D 70 4.80 32.08 -48.85
C GLU D 70 5.74 32.78 -49.83
N PHE D 71 6.53 31.99 -50.55
CA PHE D 71 7.51 32.56 -51.48
C PHE D 71 8.00 31.48 -52.45
N THR D 72 8.61 31.93 -53.53
CA THR D 72 9.15 31.07 -54.58
C THR D 72 10.60 31.45 -54.77
N PRO D 73 11.54 30.70 -54.19
CA PRO D 73 12.95 31.07 -54.30
C PRO D 73 13.41 31.14 -55.75
N THR D 74 14.24 32.13 -56.05
CA THR D 74 14.95 32.24 -57.32
C THR D 74 16.43 32.42 -57.01
N GLU D 75 17.27 32.28 -58.02
CA GLU D 75 18.69 32.55 -57.79
C GLU D 75 18.94 34.03 -57.53
N LYS D 76 18.08 34.91 -58.05
CA LYS D 76 18.33 36.34 -57.96
C LYS D 76 17.87 36.95 -56.64
N ASP D 77 16.84 36.39 -56.01
CA ASP D 77 16.20 37.04 -54.88
C ASP D 77 16.91 36.68 -53.56
N GLU D 78 17.15 37.70 -52.75
CA GLU D 78 17.78 37.56 -51.44
C GLU D 78 16.73 37.81 -50.37
N TYR D 79 16.61 36.88 -49.42
CA TYR D 79 15.62 36.98 -48.35
C TYR D 79 16.30 37.12 -47.00
N ALA D 80 15.64 37.82 -46.07
CA ALA D 80 16.25 38.01 -44.77
C ALA D 80 15.21 38.20 -43.68
N CYS D 81 15.65 38.04 -42.44
CA CYS D 81 14.83 38.32 -41.26
C CYS D 81 15.48 39.45 -40.49
N ARG D 82 14.69 40.50 -40.20
CA ARG D 82 15.17 41.70 -39.51
C ARG D 82 14.50 41.78 -38.15
N VAL D 83 15.31 41.90 -37.11
CA VAL D 83 14.84 41.76 -35.74
C VAL D 83 15.41 42.89 -34.89
N ASN D 84 14.56 43.44 -34.01
CA ASN D 84 15.00 44.45 -33.06
C ASN D 84 14.52 44.06 -31.67
N HIS D 85 15.36 44.33 -30.68
CA HIS D 85 15.19 43.90 -29.31
C HIS D 85 16.01 44.86 -28.46
N VAL D 86 15.65 45.01 -27.19
CA VAL D 86 16.40 45.95 -26.35
C VAL D 86 17.89 45.65 -26.34
N THR D 87 18.29 44.36 -26.46
CA THR D 87 19.71 43.97 -26.44
C THR D 87 20.46 44.39 -27.68
N LEU D 88 19.78 44.89 -28.71
CA LEU D 88 20.41 45.26 -29.96
C LEU D 88 20.37 46.78 -30.10
N SER D 89 21.49 47.38 -30.48
CA SER D 89 21.52 48.83 -30.67
C SER D 89 20.96 49.23 -32.02
N GLN D 90 20.89 48.31 -32.98
CA GLN D 90 20.22 48.56 -34.25
C GLN D 90 19.59 47.26 -34.70
N PRO D 91 18.58 47.31 -35.59
CA PRO D 91 17.95 46.07 -36.03
C PRO D 91 18.98 45.18 -36.69
N LYS D 92 18.90 43.89 -36.39
CA LYS D 92 19.81 42.87 -36.91
C LYS D 92 19.16 42.18 -38.11
N ILE D 93 19.89 42.12 -39.22
CA ILE D 93 19.39 41.57 -40.48
C ILE D 93 20.08 40.23 -40.72
N VAL D 94 19.31 39.15 -40.69
CA VAL D 94 19.84 37.80 -40.80
C VAL D 94 19.44 37.22 -42.14
N LYS D 95 20.43 36.95 -42.99
CA LYS D 95 20.16 36.49 -44.35
C LYS D 95 19.74 35.02 -44.37
N TRP D 96 18.82 34.68 -45.27
CA TRP D 96 18.53 33.28 -45.52
C TRP D 96 19.72 32.63 -46.22
N ASP D 97 20.18 31.49 -45.70
CA ASP D 97 21.30 30.79 -46.31
C ASP D 97 20.90 29.98 -47.55
N ARG D 98 19.72 30.22 -48.12
CA ARG D 98 19.27 29.57 -49.36
C ARG D 98 19.23 28.04 -49.24
N ASP D 99 19.03 27.53 -48.02
CA ASP D 99 18.93 26.09 -47.74
C ASP D 99 20.26 25.38 -47.99
N MET D 100 21.36 26.09 -47.79
CA MET D 100 22.68 25.46 -47.88
C MET D 100 22.97 24.59 -46.67
N GLY E 2 -24.69 17.85 -14.14
CA GLY E 2 -25.40 18.25 -12.93
C GLY E 2 -24.59 18.13 -11.66
N GLN E 3 -24.27 19.27 -11.04
CA GLN E 3 -23.49 19.29 -9.80
C GLN E 3 -24.42 19.28 -8.60
N ASN E 4 -24.06 18.48 -7.59
CA ASN E 4 -24.94 18.25 -6.46
CA ASN E 4 -24.94 18.19 -6.46
C ASN E 4 -24.12 18.10 -5.19
N ILE E 5 -24.60 18.72 -4.12
CA ILE E 5 -24.07 18.58 -2.77
C ILE E 5 -25.24 18.11 -1.92
N ASP E 6 -25.04 17.03 -1.17
CA ASP E 6 -26.09 16.49 -0.33
C ASP E 6 -25.63 16.38 1.12
N GLN E 7 -26.42 16.95 2.02
CA GLN E 7 -26.21 16.78 3.45
C GLN E 7 -27.59 16.64 4.09
N PRO E 8 -27.70 15.90 5.18
CA PRO E 8 -29.02 15.70 5.78
C PRO E 8 -29.66 17.03 6.17
N THR E 9 -30.99 17.06 6.10
CA THR E 9 -31.71 18.28 6.48
C THR E 9 -31.53 18.56 7.96
N GLU E 10 -31.50 17.50 8.77
CA GLU E 10 -31.59 17.74 10.21
C GLU E 10 -31.00 16.55 10.93
N MET E 11 -30.35 16.82 12.06
CA MET E 11 -29.86 15.74 12.93
C MET E 11 -30.10 16.14 14.37
N THR E 12 -30.32 15.11 15.21
CA THR E 12 -30.54 15.31 16.64
C THR E 12 -29.64 14.37 17.41
N ALA E 13 -29.00 14.88 18.44
CA ALA E 13 -28.09 14.07 19.26
C ALA E 13 -28.11 14.64 20.67
N THR E 14 -27.52 13.89 21.59
CA THR E 14 -27.65 14.20 23.02
C THR E 14 -26.43 14.96 23.47
N GLU E 15 -26.64 15.92 24.37
CA GLU E 15 -25.59 16.68 24.99
C GLU E 15 -24.54 15.75 25.58
N GLY E 16 -23.28 16.08 25.33
CA GLY E 16 -22.18 15.27 25.79
C GLY E 16 -21.78 14.16 24.83
N ALA E 17 -22.61 13.82 23.86
CA ALA E 17 -22.30 12.71 22.97
C ALA E 17 -21.59 13.23 21.71
N ILE E 18 -21.61 12.44 20.66
CA ILE E 18 -20.87 12.73 19.44
C ILE E 18 -21.87 12.78 18.29
N VAL E 19 -21.61 13.64 17.29
CA VAL E 19 -22.43 13.58 16.08
C VAL E 19 -21.54 13.80 14.86
N GLN E 20 -21.88 13.11 13.79
CA GLN E 20 -21.16 13.16 12.53
C GLN E 20 -22.12 13.65 11.44
N ILE E 21 -21.80 14.79 10.84
CA ILE E 21 -22.63 15.37 9.78
C ILE E 21 -21.96 15.09 8.45
N ASN E 22 -22.59 14.30 7.59
CA ASN E 22 -22.00 13.91 6.33
C ASN E 22 -22.33 14.88 5.21
N CYS E 23 -21.46 14.92 4.20
CA CYS E 23 -21.67 15.75 3.03
C CYS E 23 -21.11 15.01 1.83
N THR E 24 -21.96 14.60 0.90
CA THR E 24 -21.45 13.99 -0.32
C THR E 24 -21.57 14.99 -1.44
N TYR E 25 -20.66 14.90 -2.43
CA TYR E 25 -20.67 15.85 -3.52
C TYR E 25 -20.40 15.13 -4.84
N GLN E 26 -21.10 15.57 -5.86
CA GLN E 26 -20.83 15.18 -7.24
CA GLN E 26 -20.85 15.17 -7.25
C GLN E 26 -20.63 16.46 -8.03
N THR E 27 -19.38 16.77 -8.35
CA THR E 27 -19.06 18.04 -8.96
C THR E 27 -18.20 17.80 -10.18
N SER E 28 -18.16 18.83 -11.03
CA SER E 28 -17.26 18.86 -12.19
C SER E 28 -15.92 19.35 -11.66
N GLY E 29 -15.09 18.41 -11.20
CA GLY E 29 -13.82 18.76 -10.59
C GLY E 29 -13.92 19.12 -9.10
N PHE E 30 -12.76 19.34 -8.49
CA PHE E 30 -12.69 19.48 -7.04
C PHE E 30 -11.48 20.32 -6.66
N ASN E 31 -11.72 21.44 -5.98
CA ASN E 31 -10.64 22.27 -5.44
C ASN E 31 -10.78 22.51 -3.94
N GLY E 32 -11.58 21.68 -3.24
CA GLY E 32 -11.64 21.77 -1.80
C GLY E 32 -13.08 21.80 -1.31
N LEU E 33 -13.27 21.40 -0.05
CA LEU E 33 -14.57 21.35 0.60
C LEU E 33 -14.48 22.13 1.90
N PHE E 34 -15.47 22.98 2.14
CA PHE E 34 -15.54 23.87 3.29
C PHE E 34 -16.73 23.49 4.15
N TRP E 35 -16.58 23.64 5.46
CA TRP E 35 -17.71 23.64 6.38
C TRP E 35 -17.83 25.02 7.00
N TYR E 36 -19.06 25.49 7.16
CA TYR E 36 -19.37 26.72 7.87
C TYR E 36 -20.39 26.40 8.97
N GLN E 37 -20.34 27.15 10.07
CA GLN E 37 -21.38 27.09 11.09
C GLN E 37 -22.26 28.34 10.99
N GLN E 38 -23.57 28.16 11.10
CA GLN E 38 -24.48 29.30 11.08
C GLN E 38 -25.50 29.16 12.19
N HIS E 39 -25.33 29.95 13.26
CA HIS E 39 -26.35 30.00 14.29
C HIS E 39 -27.59 30.69 13.76
N ALA E 40 -28.73 30.32 14.34
CA ALA E 40 -30.01 30.85 13.89
C ALA E 40 -29.98 32.38 13.92
N GLY E 41 -30.34 32.99 12.78
CA GLY E 41 -30.36 34.43 12.70
C GLY E 41 -29.01 35.08 12.58
N GLU E 42 -27.93 34.29 12.45
CA GLU E 42 -26.58 34.86 12.35
C GLU E 42 -25.99 34.56 10.97
N ALA E 43 -24.80 35.09 10.71
CA ALA E 43 -23.99 34.89 9.51
C ALA E 43 -23.19 33.59 9.61
N PRO E 44 -23.03 32.84 8.51
CA PRO E 44 -22.13 31.69 8.54
C PRO E 44 -20.74 32.12 8.96
N THR E 45 -20.04 31.21 9.67
CA THR E 45 -18.64 31.44 10.00
C THR E 45 -17.84 30.19 9.62
N PHE E 46 -16.65 30.42 9.08
CA PHE E 46 -15.82 29.33 8.57
C PHE E 46 -15.39 28.40 9.71
N LEU E 47 -15.54 27.09 9.48
CA LEU E 47 -15.08 26.03 10.37
C LEU E 47 -13.86 25.31 9.85
N SER E 48 -13.87 24.89 8.59
CA SER E 48 -12.84 23.96 8.14
C SER E 48 -12.74 23.97 6.62
N TYR E 49 -11.57 23.57 6.15
CA TYR E 49 -11.29 23.30 4.74
C TYR E 49 -10.50 22.00 4.61
N ASN E 50 -10.90 21.14 3.67
CA ASN E 50 -10.16 19.93 3.33
C ASN E 50 -10.00 19.85 1.83
N VAL E 51 -8.83 19.42 1.36
CA VAL E 51 -8.69 19.20 -0.10
C VAL E 51 -7.92 17.91 -0.40
N LEU E 52 -7.04 17.47 0.51
CA LEU E 52 -6.49 16.12 0.41
C LEU E 52 -7.16 15.18 1.40
N ASP E 53 -6.82 13.89 1.31
CA ASP E 53 -7.44 12.88 2.16
CA ASP E 53 -7.46 12.89 2.16
C ASP E 53 -6.94 12.95 3.60
N GLY E 54 -7.86 12.93 4.54
CA GLY E 54 -7.47 12.86 5.93
C GLY E 54 -8.48 13.55 6.82
N LEU E 55 -8.10 13.63 8.08
CA LEU E 55 -8.95 14.13 9.15
C LEU E 55 -8.18 15.26 9.80
N GLU E 56 -8.82 16.41 9.93
CA GLU E 56 -8.17 17.55 10.55
C GLU E 56 -8.99 17.96 11.76
N GLU E 57 -8.32 18.14 12.90
CA GLU E 57 -8.99 18.35 14.18
C GLU E 57 -8.70 19.75 14.67
N LYS E 58 -9.74 20.43 15.13
CA LYS E 58 -9.67 21.79 15.69
C LYS E 58 -10.57 21.79 16.91
N GLY E 59 -9.98 21.64 18.09
CA GLY E 59 -10.80 21.55 19.29
C GLY E 59 -11.71 20.33 19.23
N ARG E 60 -12.99 20.55 19.53
CA ARG E 60 -13.98 19.48 19.51
C ARG E 60 -14.49 19.15 18.11
N PHE E 61 -14.10 19.91 17.09
CA PHE E 61 -14.59 19.70 15.73
C PHE E 61 -13.48 19.07 14.89
N SER E 62 -13.82 17.99 14.18
CA SER E 62 -12.90 17.44 13.18
C SER E 62 -13.62 17.41 11.86
N SER E 63 -12.86 17.59 10.78
CA SER E 63 -13.43 17.46 9.45
C SER E 63 -12.58 16.50 8.64
N PHE E 64 -13.26 15.59 7.95
CA PHE E 64 -12.65 14.46 7.27
C PHE E 64 -12.98 14.55 5.79
N LEU E 65 -12.07 14.13 4.94
CA LEU E 65 -12.38 14.08 3.52
C LEU E 65 -11.86 12.80 2.91
N SER E 66 -12.69 12.18 2.06
CA SER E 66 -12.31 11.09 1.17
C SER E 66 -12.57 11.52 -0.26
N ARG E 67 -11.48 11.72 -1.02
CA ARG E 67 -11.66 12.20 -2.38
CA ARG E 67 -11.59 12.17 -2.41
C ARG E 67 -12.26 11.13 -3.28
N SER E 68 -11.87 9.86 -3.12
CA SER E 68 -12.36 8.84 -4.03
C SER E 68 -13.81 8.48 -3.73
N LYS E 69 -14.23 8.59 -2.47
CA LYS E 69 -15.64 8.39 -2.20
C LYS E 69 -16.47 9.63 -2.42
N GLY E 70 -15.86 10.80 -2.64
CA GLY E 70 -16.58 12.05 -2.77
C GLY E 70 -17.40 12.42 -1.54
N TYR E 71 -16.78 12.36 -0.36
CA TYR E 71 -17.50 12.46 0.90
CA TYR E 71 -17.55 12.70 0.80
C TYR E 71 -16.66 13.22 1.91
N SER E 72 -17.29 14.02 2.74
CA SER E 72 -16.65 14.60 3.91
C SER E 72 -17.60 14.43 5.08
N TYR E 73 -17.05 14.40 6.31
CA TYR E 73 -17.95 14.64 7.42
C TYR E 73 -17.37 15.69 8.34
N LEU E 74 -18.27 16.29 9.11
CA LEU E 74 -17.93 17.16 10.22
C LEU E 74 -18.29 16.45 11.51
N LEU E 75 -17.31 16.23 12.37
CA LEU E 75 -17.47 15.43 13.58
C LEU E 75 -17.39 16.38 14.77
N LEU E 76 -18.41 16.38 15.59
CA LEU E 76 -18.45 17.19 16.80
C LEU E 76 -18.45 16.27 18.00
N LYS E 77 -17.50 16.46 18.91
CA LYS E 77 -17.36 15.62 20.08
C LYS E 77 -17.81 16.39 21.32
N GLU E 78 -18.24 15.65 22.34
CA GLU E 78 -18.63 16.24 23.61
C GLU E 78 -19.60 17.40 23.39
N LEU E 79 -20.73 17.07 22.75
CA LEU E 79 -21.71 18.08 22.34
C LEU E 79 -22.13 18.97 23.49
N GLN E 80 -22.21 20.27 23.20
CA GLN E 80 -22.77 21.27 24.11
C GLN E 80 -24.01 21.88 23.47
N MET E 81 -24.87 22.50 24.29
CA MET E 81 -26.09 23.10 23.75
C MET E 81 -25.74 24.19 22.75
N LYS E 82 -24.62 24.88 22.94
CA LYS E 82 -24.25 25.95 22.02
C LYS E 82 -23.92 25.44 20.64
N ASP E 83 -23.77 24.12 20.47
CA ASP E 83 -23.51 23.56 19.15
C ASP E 83 -24.76 23.55 18.26
N SER E 84 -25.94 23.84 18.81
CA SER E 84 -27.17 23.92 18.02
C SER E 84 -27.04 25.04 17.01
N ALA E 85 -27.17 24.67 15.74
CA ALA E 85 -26.83 25.57 14.64
C ALA E 85 -27.08 24.78 13.38
N SER E 86 -27.06 25.48 12.26
CA SER E 86 -26.96 24.84 10.97
C SER E 86 -25.51 24.76 10.56
N TYR E 87 -25.18 23.69 9.84
CA TYR E 87 -23.83 23.42 9.38
C TYR E 87 -23.91 23.30 7.88
N LEU E 88 -23.15 24.14 7.18
CA LEU E 88 -23.21 24.24 5.74
C LEU E 88 -21.94 23.68 5.16
N CYS E 89 -22.11 22.77 4.20
N CYS E 89 -22.06 22.73 4.22
CA CYS E 89 -21.02 22.21 3.41
CA CYS E 89 -20.90 22.25 3.48
C CYS E 89 -20.95 22.93 2.07
C CYS E 89 -20.91 22.80 2.06
N ALA E 90 -19.73 23.18 1.57
CA ALA E 90 -19.62 23.77 0.23
C ALA E 90 -18.35 23.29 -0.46
N VAL E 91 -18.45 23.08 -1.78
CA VAL E 91 -17.38 22.53 -2.61
C VAL E 91 -17.03 23.54 -3.69
N LYS E 92 -15.74 23.72 -3.92
CA LYS E 92 -15.24 24.47 -5.08
C LYS E 92 -15.01 23.52 -6.25
N ASP E 93 -15.71 23.77 -7.35
CA ASP E 93 -15.58 22.88 -8.50
C ASP E 93 -14.35 23.27 -9.32
N SER E 94 -14.18 22.62 -10.49
CA SER E 94 -12.99 22.82 -11.31
CA SER E 94 -13.01 22.81 -11.34
C SER E 94 -12.87 24.26 -11.78
N ASN E 95 -13.96 25.02 -11.78
CA ASN E 95 -13.98 26.43 -12.17
C ASN E 95 -14.02 27.36 -10.96
N TYR E 96 -13.71 26.85 -9.77
CA TYR E 96 -13.67 27.63 -8.54
C TYR E 96 -15.02 28.22 -8.16
N GLN E 97 -16.12 27.76 -8.75
CA GLN E 97 -17.43 28.14 -8.25
C GLN E 97 -17.71 27.39 -6.95
N LEU E 98 -18.28 28.07 -5.97
CA LEU E 98 -18.67 27.44 -4.71
C LEU E 98 -20.08 26.87 -4.87
N ILE E 99 -20.23 25.57 -4.68
CA ILE E 99 -21.53 24.91 -4.70
C ILE E 99 -21.94 24.64 -3.26
N TRP E 100 -23.07 25.20 -2.83
CA TRP E 100 -23.49 25.12 -1.44
C TRP E 100 -24.52 24.01 -1.23
N GLY E 101 -24.29 23.15 -0.25
CA GLY E 101 -25.35 22.30 0.23
C GLY E 101 -26.40 23.09 0.98
N ALA E 102 -27.59 22.48 1.09
CA ALA E 102 -28.72 23.13 1.74
C ALA E 102 -28.60 23.25 3.24
N GLY E 103 -27.57 22.66 3.87
CA GLY E 103 -27.40 22.84 5.29
C GLY E 103 -28.08 21.76 6.10
N THR E 104 -27.46 21.44 7.25
CA THR E 104 -27.98 20.51 8.22
C THR E 104 -28.24 21.27 9.50
N LYS E 105 -29.47 21.23 9.97
CA LYS E 105 -29.77 21.78 11.28
C LYS E 105 -29.47 20.76 12.38
N LEU E 106 -28.60 21.13 13.31
CA LEU E 106 -28.23 20.24 14.42
C LEU E 106 -28.99 20.64 15.67
N ILE E 107 -29.80 19.71 16.18
CA ILE E 107 -30.56 19.89 17.40
C ILE E 107 -29.89 19.07 18.49
N ILE E 108 -29.64 19.68 19.66
CA ILE E 108 -29.02 19.00 20.78
C ILE E 108 -30.07 18.78 21.86
N LYS E 109 -30.16 17.57 22.37
CA LYS E 109 -31.08 17.27 23.46
C LYS E 109 -30.35 17.40 24.79
N PRO E 110 -30.83 18.22 25.72
CA PRO E 110 -30.15 18.32 27.01
C PRO E 110 -30.32 17.04 27.81
N ASP E 111 -29.33 16.75 28.64
CA ASP E 111 -29.46 15.60 29.53
C ASP E 111 -30.13 16.06 30.81
N ILE E 112 -31.44 15.82 30.92
CA ILE E 112 -32.24 16.29 32.05
C ILE E 112 -31.94 15.39 33.25
N GLN E 113 -31.35 15.99 34.29
CA GLN E 113 -30.90 15.22 35.44
C GLN E 113 -32.07 14.64 36.22
N ASN E 114 -32.97 15.49 36.71
CA ASN E 114 -34.14 15.08 37.48
C ASN E 114 -35.41 15.53 36.79
N PRO E 115 -35.96 14.72 35.88
CA PRO E 115 -37.20 15.10 35.20
C PRO E 115 -38.36 15.22 36.19
N ASP E 116 -39.19 16.22 35.97
CA ASP E 116 -40.36 16.52 36.80
C ASP E 116 -41.47 17.06 35.89
N PRO E 117 -41.92 16.29 34.92
CA PRO E 117 -42.86 16.81 33.92
C PRO E 117 -44.15 17.33 34.57
N ALA E 118 -44.65 18.44 34.02
CA ALA E 118 -45.84 19.10 34.56
C ALA E 118 -46.37 20.10 33.53
N VAL E 119 -47.66 20.39 33.62
CA VAL E 119 -48.30 21.44 32.84
C VAL E 119 -48.89 22.46 33.79
N TYR E 120 -48.42 23.70 33.71
CA TYR E 120 -48.90 24.78 34.57
C TYR E 120 -49.72 25.78 33.78
N GLN E 121 -50.60 26.48 34.49
CA GLN E 121 -51.33 27.62 33.93
C GLN E 121 -50.76 28.91 34.49
N LEU E 122 -50.50 29.86 33.61
CA LEU E 122 -50.06 31.20 33.94
C LEU E 122 -51.14 32.19 33.55
N ARG E 123 -51.30 33.27 34.33
CA ARG E 123 -52.31 34.26 34.03
C ARG E 123 -51.66 35.59 33.66
N ASP E 124 -52.38 36.39 32.87
CA ASP E 124 -51.86 37.70 32.45
C ASP E 124 -51.60 38.63 33.65
N SER E 131 -54.31 32.05 30.74
CA SER E 131 -54.61 31.99 29.32
C SER E 131 -53.47 31.30 28.55
N VAL E 132 -52.31 31.16 29.20
CA VAL E 132 -51.15 30.46 28.66
C VAL E 132 -50.91 29.18 29.47
N CYS E 133 -50.49 28.13 28.77
CA CYS E 133 -50.19 26.83 29.37
C CYS E 133 -48.71 26.53 29.17
N LEU E 134 -48.05 26.04 30.23
CA LEU E 134 -46.61 25.76 30.19
C LEU E 134 -46.38 24.29 30.47
N PHE E 135 -45.89 23.55 29.49
CA PHE E 135 -45.47 22.17 29.66
C PHE E 135 -43.95 22.19 29.85
N THR E 136 -43.47 21.74 31.01
CA THR E 136 -42.09 22.00 31.38
C THR E 136 -41.51 20.83 32.17
N ASP E 137 -40.18 20.79 32.21
CA ASP E 137 -39.41 19.90 33.07
C ASP E 137 -39.50 18.44 32.63
N PHE E 138 -39.96 18.17 31.42
CA PHE E 138 -39.97 16.82 30.90
C PHE E 138 -38.59 16.46 30.33
N ASP E 139 -38.34 15.15 30.25
CA ASP E 139 -37.08 14.64 29.71
CA ASP E 139 -37.05 14.71 29.72
C ASP E 139 -37.03 14.84 28.19
N SER E 140 -35.81 14.89 27.65
CA SER E 140 -35.61 15.26 26.25
C SER E 140 -36.10 14.20 25.26
N GLN E 141 -36.51 13.02 25.73
CA GLN E 141 -37.13 12.05 24.84
C GLN E 141 -38.54 12.47 24.45
N THR E 142 -39.20 13.29 25.29
CA THR E 142 -40.53 13.76 24.95
C THR E 142 -40.50 14.67 23.73
N ASN E 143 -41.49 14.50 22.87
CA ASN E 143 -41.68 15.34 21.70
C ASN E 143 -43.00 16.06 21.81
N VAL E 144 -43.05 17.29 21.32
CA VAL E 144 -44.23 18.16 21.43
C VAL E 144 -44.80 18.32 20.03
N SER E 145 -46.06 17.94 19.86
CA SER E 145 -46.71 18.00 18.56
C SER E 145 -47.43 19.31 18.37
N GLN E 146 -47.40 19.80 17.13
CA GLN E 146 -48.15 20.97 16.71
C GLN E 146 -49.64 20.78 17.00
N SER E 147 -50.33 21.90 17.14
CA SER E 147 -51.76 21.87 17.42
C SER E 147 -52.55 21.47 16.17
N LYS E 148 -53.61 20.69 16.37
CA LYS E 148 -54.51 20.38 15.27
C LYS E 148 -55.47 21.52 15.01
N ASP E 149 -55.93 22.18 16.07
CA ASP E 149 -56.85 23.31 15.91
C ASP E 149 -56.08 24.55 15.49
N SER E 150 -56.54 25.20 14.41
CA SER E 150 -55.88 26.37 13.87
C SER E 150 -56.02 27.60 14.76
N ASP E 151 -56.82 27.52 15.82
CA ASP E 151 -56.94 28.56 16.83
C ASP E 151 -56.37 28.12 18.18
N VAL E 152 -55.63 27.01 18.21
CA VAL E 152 -54.81 26.63 19.35
C VAL E 152 -53.35 26.67 18.89
N TYR E 153 -52.49 27.31 19.69
CA TYR E 153 -51.11 27.50 19.32
C TYR E 153 -50.22 26.74 20.29
N ILE E 154 -49.23 26.03 19.76
CA ILE E 154 -48.26 25.26 20.54
C ILE E 154 -46.88 25.49 19.94
N THR E 155 -45.91 25.88 20.78
CA THR E 155 -44.54 26.13 20.33
C THR E 155 -43.75 24.83 20.27
N ASP E 156 -42.60 24.87 19.60
CA ASP E 156 -41.59 23.82 19.74
C ASP E 156 -41.10 23.76 21.18
N LYS E 157 -40.37 22.70 21.52
CA LYS E 157 -39.73 22.71 22.83
C LYS E 157 -38.49 23.60 22.79
N CYS E 158 -38.23 24.21 23.92
CA CYS E 158 -37.20 25.20 24.12
C CYS E 158 -36.44 24.80 25.37
N VAL E 159 -35.12 24.88 25.32
CA VAL E 159 -34.27 24.55 26.45
C VAL E 159 -33.75 25.85 27.05
N LEU E 160 -34.03 26.08 28.33
CA LEU E 160 -33.39 27.17 29.05
C LEU E 160 -32.33 26.63 29.99
N ASP E 161 -31.39 27.50 30.32
CA ASP E 161 -30.22 27.15 31.14
C ASP E 161 -30.12 28.17 32.25
N MET E 162 -30.43 27.77 33.48
CA MET E 162 -30.20 28.64 34.62
C MET E 162 -28.76 28.41 35.04
N ARG E 163 -27.86 29.27 34.55
CA ARG E 163 -26.44 28.94 34.56
C ARG E 163 -25.89 28.84 35.97
N SER E 164 -26.31 29.71 36.87
CA SER E 164 -25.77 29.73 38.21
C SER E 164 -26.19 28.51 39.01
N MET E 165 -27.29 27.86 38.65
CA MET E 165 -27.71 26.67 39.36
C MET E 165 -27.32 25.39 38.65
N ASP E 166 -26.65 25.48 37.49
CA ASP E 166 -26.29 24.33 36.69
C ASP E 166 -27.51 23.45 36.40
N PHE E 167 -28.61 24.09 35.99
CA PHE E 167 -29.89 23.43 35.76
C PHE E 167 -30.44 23.80 34.37
N LYS E 168 -30.76 22.80 33.56
CA LYS E 168 -31.44 23.02 32.29
C LYS E 168 -32.83 22.39 32.34
N SER E 169 -33.75 22.93 31.54
CA SER E 169 -35.10 22.40 31.49
C SER E 169 -35.72 22.67 30.13
N ASN E 170 -36.44 21.68 29.63
CA ASN E 170 -37.30 21.80 28.46
C ASN E 170 -38.61 22.49 28.80
N SER E 171 -39.16 23.22 27.82
CA SER E 171 -40.53 23.73 27.95
C SER E 171 -41.16 23.92 26.58
N ALA E 172 -42.49 23.87 26.56
CA ALA E 172 -43.28 24.22 25.39
C ALA E 172 -44.49 25.03 25.87
N VAL E 173 -44.91 26.02 25.09
CA VAL E 173 -46.03 26.88 25.45
C VAL E 173 -47.20 26.62 24.51
N ALA E 174 -48.41 26.60 25.09
CA ALA E 174 -49.67 26.51 24.36
C ALA E 174 -50.58 27.63 24.82
N TRP E 175 -51.34 28.22 23.89
CA TRP E 175 -52.33 29.22 24.27
C TRP E 175 -53.48 29.25 23.28
N SER E 176 -54.57 29.89 23.70
CA SER E 176 -55.76 30.08 22.90
C SER E 176 -56.69 31.00 23.66
N ASN E 177 -57.62 31.61 22.93
CA ASN E 177 -58.72 32.38 23.51
C ASN E 177 -60.03 31.73 23.07
N LYS E 178 -60.27 30.51 23.58
CA LYS E 178 -61.47 29.75 23.31
C LYS E 178 -62.06 29.28 24.64
N SER E 179 -63.35 28.94 24.60
CA SER E 179 -63.99 28.38 25.78
C SER E 179 -63.55 26.95 26.04
N ASP E 180 -63.34 26.17 24.97
CA ASP E 180 -63.02 24.75 25.08
C ASP E 180 -61.55 24.48 25.44
N PHE E 181 -60.71 25.50 25.51
CA PHE E 181 -59.28 25.31 25.76
C PHE E 181 -58.98 25.40 27.25
N ALA E 182 -58.41 24.32 27.80
CA ALA E 182 -57.86 24.31 29.14
C ALA E 182 -56.50 23.63 29.10
N CYS E 183 -55.69 23.88 30.13
CA CYS E 183 -54.35 23.31 30.11
CA CYS E 183 -54.35 23.31 30.21
C CYS E 183 -54.37 21.79 30.31
N ALA E 184 -55.50 21.19 30.65
CA ALA E 184 -55.59 19.75 30.76
C ALA E 184 -55.65 19.07 29.41
N ASN E 185 -56.18 19.74 28.40
CA ASN E 185 -56.24 19.18 27.06
C ASN E 185 -55.26 19.83 26.09
N ALA E 186 -54.47 20.82 26.56
CA ALA E 186 -53.64 21.59 25.63
C ALA E 186 -52.63 20.72 24.92
N PHE E 187 -52.10 19.69 25.59
CA PHE E 187 -51.05 18.87 25.02
C PHE E 187 -51.47 17.43 24.75
N ASN E 188 -52.79 17.15 24.71
CA ASN E 188 -53.28 15.80 24.41
CA ASN E 188 -53.24 15.79 24.43
C ASN E 188 -52.80 15.32 23.05
N ASN E 189 -52.46 16.22 22.14
CA ASN E 189 -51.97 15.84 20.83
C ASN E 189 -50.52 15.36 20.86
N SER E 190 -49.86 15.44 22.00
CA SER E 190 -48.50 14.94 22.18
C SER E 190 -48.53 13.71 23.07
N ILE E 191 -47.44 12.94 23.01
CA ILE E 191 -47.25 11.80 23.90
C ILE E 191 -46.47 12.31 25.10
N ILE E 192 -47.18 12.71 26.15
CA ILE E 192 -46.55 13.27 27.34
C ILE E 192 -46.38 12.15 28.36
N PRO E 193 -45.43 12.25 29.29
CA PRO E 193 -45.24 11.18 30.27
C PRO E 193 -46.51 10.94 31.09
N GLU E 194 -46.68 9.68 31.51
CA GLU E 194 -47.87 9.32 32.27
C GLU E 194 -47.91 10.01 33.62
N ASP E 195 -46.74 10.24 34.23
CA ASP E 195 -46.64 10.90 35.53
C ASP E 195 -46.56 12.42 35.43
N THR E 196 -47.14 13.01 34.39
CA THR E 196 -47.13 14.46 34.25
C THR E 196 -47.97 15.09 35.35
N PHE E 197 -47.40 16.06 36.05
CA PHE E 197 -48.11 16.74 37.13
C PHE E 197 -49.09 17.75 36.55
N PHE E 198 -50.37 17.61 36.90
CA PHE E 198 -51.43 18.52 36.47
C PHE E 198 -52.04 19.16 37.71
N PRO E 199 -51.54 20.33 38.14
CA PRO E 199 -52.04 21.00 39.36
C PRO E 199 -53.54 21.29 39.36
N GLY F 4 -15.68 43.00 10.54
CA GLY F 4 -14.99 42.72 9.29
C GLY F 4 -15.78 43.04 8.02
N VAL F 5 -17.00 42.51 7.94
CA VAL F 5 -17.88 42.78 6.82
C VAL F 5 -19.10 43.48 7.39
N THR F 6 -19.35 44.71 6.92
CA THR F 6 -20.44 45.55 7.40
C THR F 6 -21.45 45.72 6.27
N GLN F 7 -22.69 45.26 6.50
CA GLN F 7 -23.75 45.48 5.53
C GLN F 7 -24.94 46.12 6.23
N THR F 8 -25.66 46.94 5.46
CA THR F 8 -26.87 47.61 5.93
C THR F 8 -27.92 47.53 4.84
N PRO F 9 -29.22 47.56 5.21
CA PRO F 9 -29.78 47.55 6.57
C PRO F 9 -29.98 46.16 7.15
N LYS F 10 -30.25 46.07 8.45
CA LYS F 10 -30.54 44.79 9.06
C LYS F 10 -31.91 44.27 8.65
N PHE F 11 -32.90 45.17 8.57
CA PHE F 11 -34.27 44.81 8.21
C PHE F 11 -34.84 45.90 7.32
N GLN F 12 -35.70 45.50 6.39
CA GLN F 12 -36.35 46.46 5.51
CA GLN F 12 -36.34 46.46 5.50
C GLN F 12 -37.67 45.88 5.02
N VAL F 13 -38.70 46.73 4.97
CA VAL F 13 -39.97 46.40 4.32
C VAL F 13 -40.04 47.22 3.06
N LEU F 14 -40.35 46.57 1.95
CA LEU F 14 -40.47 47.24 0.67
C LEU F 14 -41.85 46.98 0.10
N LYS F 15 -42.37 47.97 -0.61
CA LYS F 15 -43.54 47.78 -1.43
C LYS F 15 -43.10 47.37 -2.83
N THR F 16 -43.91 46.55 -3.49
CA THR F 16 -43.59 46.12 -4.84
C THR F 16 -43.33 47.32 -5.75
N GLY F 17 -42.22 47.28 -6.49
CA GLY F 17 -41.82 48.34 -7.39
C GLY F 17 -40.80 49.32 -6.83
N GLN F 18 -40.66 49.40 -5.51
CA GLN F 18 -39.64 50.26 -4.91
C GLN F 18 -38.23 49.87 -5.38
N SER F 19 -37.37 50.87 -5.51
CA SER F 19 -35.95 50.64 -5.68
C SER F 19 -35.31 50.47 -4.31
N MET F 20 -34.17 49.78 -4.27
CA MET F 20 -33.50 49.53 -3.02
CA MET F 20 -33.47 49.63 -3.02
C MET F 20 -32.03 49.19 -3.27
N THR F 21 -31.14 49.78 -2.48
CA THR F 21 -29.72 49.46 -2.54
C THR F 21 -29.29 48.90 -1.20
N LEU F 22 -28.61 47.75 -1.23
CA LEU F 22 -27.94 47.20 -0.06
C LEU F 22 -26.48 47.61 -0.06
N GLN F 23 -25.99 48.02 1.11
CA GLN F 23 -24.61 48.48 1.28
C GLN F 23 -23.74 47.40 1.92
N CYS F 24 -22.56 47.16 1.35
CA CYS F 24 -21.57 46.29 1.99
C CYS F 24 -20.16 46.85 1.86
N ALA F 25 -19.43 46.86 2.97
CA ALA F 25 -18.02 47.28 2.97
C ALA F 25 -17.16 46.33 3.78
N GLN F 26 -16.00 45.97 3.23
CA GLN F 26 -14.99 45.17 3.93
C GLN F 26 -13.68 45.93 3.99
N ASP F 27 -13.08 45.99 5.16
CA ASP F 27 -11.78 46.64 5.35
C ASP F 27 -10.67 45.62 5.62
N MET F 28 -10.73 44.47 4.96
CA MET F 28 -9.73 43.42 5.10
CA MET F 28 -9.72 43.43 5.12
C MET F 28 -8.80 43.33 3.90
N ASN F 29 -8.90 44.27 2.96
CA ASN F 29 -8.10 44.29 1.74
C ASN F 29 -8.36 43.06 0.87
N HIS F 30 -9.62 42.64 0.79
CA HIS F 30 -9.91 41.46 0.00
C HIS F 30 -10.11 41.82 -1.47
N ASN F 31 -9.74 40.87 -2.35
CA ASN F 31 -9.90 41.05 -3.79
C ASN F 31 -11.32 40.70 -4.26
N SER F 32 -11.92 39.64 -3.69
CA SER F 32 -13.19 39.11 -4.18
C SER F 32 -14.32 39.48 -3.24
N MET F 33 -15.49 39.78 -3.82
CA MET F 33 -16.70 40.07 -3.03
C MET F 33 -17.92 39.49 -3.73
N TYR F 34 -18.95 39.28 -2.90
CA TYR F 34 -20.04 38.39 -3.24
C TYR F 34 -21.30 38.90 -2.57
N TRP F 35 -22.43 38.76 -3.27
CA TRP F 35 -23.77 38.95 -2.73
C TRP F 35 -24.55 37.67 -2.94
N TYR F 36 -24.97 37.05 -1.83
CA TYR F 36 -25.77 35.86 -1.81
C TYR F 36 -27.17 36.18 -1.29
N ARG F 37 -28.14 35.34 -1.66
CA ARG F 37 -29.39 35.29 -0.94
C ARG F 37 -29.56 33.91 -0.34
N GLN F 38 -30.26 33.84 0.78
CA GLN F 38 -30.44 32.60 1.52
C GLN F 38 -31.94 32.43 1.69
N ASP F 39 -32.47 31.32 1.21
CA ASP F 39 -33.89 31.04 1.29
C ASP F 39 -34.07 29.66 1.88
N PRO F 40 -35.18 29.42 2.58
CA PRO F 40 -35.38 28.12 3.23
C PRO F 40 -35.33 26.97 2.23
N GLY F 41 -34.67 25.88 2.64
CA GLY F 41 -34.65 24.67 1.86
C GLY F 41 -33.62 24.60 0.76
N MET F 42 -32.76 25.60 0.62
CA MET F 42 -31.78 25.50 -0.44
C MET F 42 -30.46 26.10 0.03
N GLY F 43 -29.40 25.79 -0.71
CA GLY F 43 -28.11 26.37 -0.42
C GLY F 43 -28.03 27.83 -0.82
N LEU F 44 -27.01 28.50 -0.28
CA LEU F 44 -26.78 29.89 -0.63
C LEU F 44 -26.73 30.04 -2.14
N ARG F 45 -27.33 31.11 -2.66
CA ARG F 45 -27.31 31.38 -4.09
C ARG F 45 -26.63 32.70 -4.36
N LEU F 46 -25.62 32.65 -5.22
CA LEU F 46 -24.83 33.81 -5.58
C LEU F 46 -25.61 34.61 -6.62
N ILE F 47 -25.72 35.91 -6.37
CA ILE F 47 -26.52 36.83 -7.18
C ILE F 47 -25.59 37.43 -8.23
N TYR F 48 -24.58 38.15 -7.76
CA TYR F 48 -23.46 38.56 -8.56
C TYR F 48 -22.19 38.36 -7.75
N TYR F 49 -21.05 38.37 -8.42
CA TYR F 49 -19.76 38.41 -7.75
C TYR F 49 -18.84 39.39 -8.45
N SER F 50 -17.68 39.58 -7.85
N SER F 50 -17.67 39.55 -7.86
CA SER F 50 -16.65 40.47 -8.41
CA SER F 50 -16.66 40.46 -8.38
C SER F 50 -15.31 39.88 -7.99
C SER F 50 -15.31 39.86 -7.98
N ALA F 51 -14.67 39.15 -8.91
CA ALA F 51 -13.44 38.44 -8.58
C ALA F 51 -12.33 39.40 -8.17
N SER F 52 -12.38 40.64 -8.62
CA SER F 52 -11.41 41.64 -8.18
C SER F 52 -11.92 43.02 -8.59
N GLU F 53 -11.14 44.03 -8.25
CA GLU F 53 -11.50 45.39 -8.63
CA GLU F 53 -11.51 45.39 -8.62
C GLU F 53 -11.59 45.50 -10.15
N GLY F 54 -12.66 46.13 -10.63
CA GLY F 54 -12.78 46.39 -12.04
C GLY F 54 -13.49 45.33 -12.86
N THR F 55 -14.08 44.33 -12.22
CA THR F 55 -14.89 43.38 -12.96
C THR F 55 -15.94 42.79 -12.02
N THR F 56 -17.09 42.49 -12.60
CA THR F 56 -18.19 41.85 -11.91
C THR F 56 -18.81 40.83 -12.86
N ASP F 57 -19.60 39.91 -12.33
CA ASP F 57 -20.26 38.99 -13.24
C ASP F 57 -21.49 38.38 -12.58
N LYS F 58 -22.44 37.99 -13.43
CA LYS F 58 -23.60 37.25 -12.97
C LYS F 58 -23.20 35.98 -12.21
N GLY F 59 -23.97 35.67 -11.19
CA GLY F 59 -23.92 34.43 -10.46
C GLY F 59 -25.07 33.54 -10.89
N GLU F 60 -25.58 32.77 -9.96
CA GLU F 60 -26.67 31.87 -10.34
C GLU F 60 -27.96 32.63 -10.60
N VAL F 61 -28.23 33.69 -9.83
CA VAL F 61 -29.56 34.31 -9.88
C VAL F 61 -29.45 35.83 -10.05
N PRO F 62 -28.88 36.31 -11.15
CA PRO F 62 -28.67 37.75 -11.33
C PRO F 62 -29.94 38.56 -11.68
N ASN F 63 -31.03 37.92 -12.08
CA ASN F 63 -32.16 38.67 -12.66
C ASN F 63 -32.93 39.44 -11.60
N GLY F 64 -33.26 40.69 -11.93
CA GLY F 64 -33.89 41.57 -10.98
C GLY F 64 -32.91 42.35 -10.12
N TYR F 65 -31.62 42.07 -10.24
CA TYR F 65 -30.60 42.79 -9.51
C TYR F 65 -29.53 43.27 -10.46
N ASN F 66 -28.78 44.24 -9.97
CA ASN F 66 -27.48 44.54 -10.54
CA ASN F 66 -27.51 44.67 -10.56
C ASN F 66 -26.57 44.97 -9.40
N VAL F 67 -25.29 45.06 -9.71
CA VAL F 67 -24.30 45.35 -8.69
C VAL F 67 -23.33 46.39 -9.25
N SER F 68 -22.66 47.06 -8.32
CA SER F 68 -21.60 48.02 -8.66
CA SER F 68 -21.60 48.02 -8.66
C SER F 68 -20.43 47.79 -7.74
N ARG F 69 -19.36 47.21 -8.29
CA ARG F 69 -18.08 47.13 -7.58
C ARG F 69 -17.53 48.56 -7.51
N LEU F 70 -17.88 49.29 -6.44
CA LEU F 70 -17.57 50.71 -6.37
C LEU F 70 -16.07 50.97 -6.36
N ASN F 71 -15.34 50.10 -5.67
CA ASN F 71 -13.92 50.23 -5.38
C ASN F 71 -13.52 48.90 -4.75
N LYS F 72 -12.23 48.75 -4.40
CA LYS F 72 -11.80 47.48 -3.79
C LYS F 72 -12.61 47.16 -2.54
N ARG F 73 -13.14 48.19 -1.88
CA ARG F 73 -13.77 48.06 -0.57
CA ARG F 73 -13.77 48.06 -0.57
C ARG F 73 -15.27 47.78 -0.62
N GLU F 74 -16.00 48.33 -1.60
CA GLU F 74 -17.46 48.32 -1.58
C GLU F 74 -18.07 47.59 -2.77
N PHE F 75 -19.19 46.90 -2.49
CA PHE F 75 -19.91 46.05 -3.45
C PHE F 75 -21.40 46.25 -3.16
N SER F 76 -22.06 47.07 -3.97
CA SER F 76 -23.46 47.43 -3.72
CA SER F 76 -23.46 47.42 -3.72
C SER F 76 -24.38 46.48 -4.45
N LEU F 77 -25.52 46.20 -3.83
CA LEU F 77 -26.54 45.36 -4.41
C LEU F 77 -27.77 46.23 -4.64
N ARG F 78 -28.22 46.28 -5.88
CA ARG F 78 -29.37 47.12 -6.26
C ARG F 78 -30.53 46.22 -6.63
N LEU F 79 -31.69 46.47 -6.00
CA LEU F 79 -32.96 45.91 -6.44
C LEU F 79 -33.64 46.96 -7.32
N GLU F 80 -33.72 46.68 -8.62
CA GLU F 80 -34.18 47.67 -9.59
C GLU F 80 -35.63 48.03 -9.35
N SER F 81 -36.51 47.03 -9.39
CA SER F 81 -37.93 47.20 -9.12
C SER F 81 -38.35 46.02 -8.23
N ALA F 82 -38.50 46.28 -6.93
CA ALA F 82 -38.68 45.19 -5.96
C ALA F 82 -39.87 44.31 -6.29
N ALA F 83 -39.67 42.99 -6.23
CA ALA F 83 -40.73 42.02 -6.42
C ALA F 83 -40.88 41.12 -5.19
N PRO F 84 -42.09 40.62 -4.92
CA PRO F 84 -42.27 39.69 -3.79
C PRO F 84 -41.26 38.55 -3.70
N SER F 85 -40.87 37.96 -4.84
CA SER F 85 -39.93 36.85 -4.81
C SER F 85 -38.56 37.26 -4.31
N GLN F 86 -38.31 38.56 -4.14
CA GLN F 86 -37.05 39.06 -3.62
C GLN F 86 -37.06 39.16 -2.09
N THR F 87 -38.17 38.85 -1.45
CA THR F 87 -38.19 38.58 -0.01
C THR F 87 -37.20 37.48 0.34
N SER F 88 -36.23 37.82 1.19
CA SER F 88 -35.14 36.88 1.43
C SER F 88 -34.24 37.42 2.53
N VAL F 89 -33.22 36.66 2.87
CA VAL F 89 -32.11 37.15 3.69
C VAL F 89 -30.91 37.27 2.76
N TYR F 90 -30.36 38.47 2.69
CA TYR F 90 -29.23 38.75 1.82
C TYR F 90 -27.94 38.77 2.66
N PHE F 91 -26.89 38.12 2.16
CA PHE F 91 -25.57 38.10 2.79
C PHE F 91 -24.53 38.58 1.81
N CYS F 92 -23.77 39.58 2.20
CA CYS F 92 -22.56 39.90 1.46
CA CYS F 92 -22.55 39.96 1.51
C CYS F 92 -21.39 39.22 2.13
N ALA F 93 -20.42 38.83 1.31
CA ALA F 93 -19.23 38.17 1.84
C ALA F 93 -18.02 38.64 1.05
N SER F 94 -16.85 38.48 1.66
CA SER F 94 -15.59 38.80 1.00
CA SER F 94 -15.59 38.80 1.00
C SER F 94 -14.58 37.69 1.28
N SER F 95 -13.67 37.53 0.32
CA SER F 95 -12.56 36.59 0.39
C SER F 95 -11.33 37.29 -0.16
N VAL F 96 -10.18 36.98 0.43
CA VAL F 96 -8.92 37.57 -0.03
C VAL F 96 -8.81 37.48 -1.55
N TRP F 97 -9.05 36.29 -2.13
CA TRP F 97 -9.04 36.14 -3.60
C TRP F 97 -9.92 34.97 -4.00
N THR F 98 -10.42 35.01 -5.25
CA THR F 98 -11.31 33.97 -5.76
C THR F 98 -10.55 32.74 -6.28
N GLY F 99 -9.46 32.99 -7.01
CA GLY F 99 -8.60 31.93 -7.50
C GLY F 99 -7.94 31.14 -6.39
N GLU F 100 -7.73 31.76 -5.22
CA GLU F 100 -7.23 31.02 -4.05
C GLU F 100 -8.18 29.86 -3.75
N GLY F 101 -7.66 28.63 -3.84
CA GLY F 101 -8.52 27.48 -3.65
C GLY F 101 -9.04 27.33 -2.23
N SER F 102 -8.19 27.62 -1.24
CA SER F 102 -8.50 27.38 0.17
C SER F 102 -9.05 28.61 0.88
N GLY F 103 -9.14 29.75 0.20
CA GLY F 103 -9.57 30.97 0.84
C GLY F 103 -11.04 30.93 1.25
N GLU F 104 -11.32 31.13 2.54
CA GLU F 104 -12.69 31.07 3.02
C GLU F 104 -13.39 32.40 2.85
N LEU F 105 -14.71 32.38 3.04
CA LEU F 105 -15.55 33.57 3.00
C LEU F 105 -15.72 34.12 4.41
N PHE F 106 -15.80 35.45 4.51
CA PHE F 106 -16.19 36.18 5.71
C PHE F 106 -17.51 36.87 5.42
N PHE F 107 -18.53 36.62 6.23
CA PHE F 107 -19.89 37.05 5.93
C PHE F 107 -20.29 38.26 6.77
N GLY F 108 -21.07 39.17 6.17
CA GLY F 108 -21.71 40.20 6.97
C GLY F 108 -22.86 39.60 7.77
N GLU F 109 -23.53 40.47 8.54
CA GLU F 109 -24.57 40.00 9.46
C GLU F 109 -25.91 39.69 8.80
N GLY F 110 -26.09 39.94 7.52
CA GLY F 110 -27.38 39.57 6.90
C GLY F 110 -28.36 40.73 6.84
N SER F 111 -29.14 40.78 5.75
CA SER F 111 -30.17 41.80 5.58
C SER F 111 -31.48 41.10 5.29
N ARG F 112 -32.46 41.23 6.18
CA ARG F 112 -33.77 40.62 6.00
CA ARG F 112 -33.77 40.62 6.00
C ARG F 112 -34.68 41.60 5.27
N LEU F 113 -35.09 41.24 4.06
CA LEU F 113 -35.92 42.08 3.22
C LEU F 113 -37.25 41.40 2.98
N THR F 114 -38.35 42.12 3.24
CA THR F 114 -39.68 41.65 2.90
C THR F 114 -40.33 42.61 1.92
N VAL F 115 -40.67 42.11 0.73
CA VAL F 115 -41.34 42.93 -0.29
C VAL F 115 -42.82 42.57 -0.31
N LEU F 116 -43.66 43.60 -0.18
CA LEU F 116 -45.09 43.41 -0.04
C LEU F 116 -45.84 44.19 -1.11
N GLU F 117 -46.96 43.62 -1.58
CA GLU F 117 -47.88 44.37 -2.44
C GLU F 117 -48.49 45.55 -1.70
N ASP F 118 -48.94 45.31 -0.47
CA ASP F 118 -49.74 46.27 0.28
C ASP F 118 -49.11 46.46 1.65
N LEU F 119 -48.68 47.70 1.96
CA LEU F 119 -48.07 47.90 3.28
C LEU F 119 -49.09 47.85 4.41
N LYS F 120 -50.39 47.79 4.09
CA LYS F 120 -51.43 47.73 5.11
C LYS F 120 -51.51 46.37 5.77
N ASN F 121 -50.74 45.40 5.31
CA ASN F 121 -50.62 44.14 6.03
C ASN F 121 -49.53 44.14 7.09
N VAL F 122 -48.84 45.25 7.28
CA VAL F 122 -47.78 45.31 8.28
C VAL F 122 -48.41 45.63 9.64
N PHE F 123 -48.13 44.79 10.63
CA PHE F 123 -48.66 45.02 11.98
C PHE F 123 -47.58 44.88 13.02
N PRO F 124 -47.54 45.78 14.01
CA PRO F 124 -46.62 45.60 15.16
C PRO F 124 -47.12 44.49 16.06
N PRO F 125 -46.24 43.92 16.89
CA PRO F 125 -46.68 42.92 17.87
C PRO F 125 -47.52 43.53 18.98
N GLU F 126 -48.45 42.74 19.50
CA GLU F 126 -48.96 42.96 20.85
C GLU F 126 -48.20 42.03 21.81
N VAL F 127 -47.88 42.55 22.99
CA VAL F 127 -46.97 41.86 23.90
C VAL F 127 -47.64 41.76 25.25
N ALA F 128 -47.63 40.56 25.82
CA ALA F 128 -48.19 40.32 27.15
C ALA F 128 -47.25 39.40 27.91
N VAL F 129 -47.15 39.63 29.22
CA VAL F 129 -46.36 38.80 30.12
C VAL F 129 -47.33 38.02 31.00
N PHE F 130 -47.05 36.75 31.20
CA PHE F 130 -47.87 35.91 32.05
C PHE F 130 -47.03 35.54 33.27
N GLU F 131 -47.55 35.86 34.46
CA GLU F 131 -46.82 35.67 35.69
C GLU F 131 -46.67 34.18 36.01
N PRO F 132 -45.64 33.81 36.77
CA PRO F 132 -45.45 32.40 37.15
C PRO F 132 -46.64 31.82 37.88
N SER F 133 -46.82 30.52 37.70
CA SER F 133 -47.86 29.76 38.39
C SER F 133 -47.44 29.45 39.82
N GLU F 134 -48.34 29.74 40.77
CA GLU F 134 -48.12 29.33 42.15
C GLU F 134 -47.85 27.84 42.25
N ALA F 135 -48.50 27.03 41.40
CA ALA F 135 -48.23 25.60 41.38
C ALA F 135 -46.77 25.31 41.11
N GLU F 136 -46.22 25.88 40.03
CA GLU F 136 -44.80 25.68 39.72
C GLU F 136 -43.92 26.14 40.88
N ILE F 137 -44.26 27.28 41.49
CA ILE F 137 -43.46 27.77 42.60
C ILE F 137 -43.47 26.76 43.74
N SER F 138 -44.64 26.18 44.03
CA SER F 138 -44.76 25.25 45.14
C SER F 138 -44.16 23.88 44.83
N HIS F 139 -44.10 23.51 43.56
CA HIS F 139 -43.64 22.19 43.15
CA HIS F 139 -43.63 22.20 43.15
C HIS F 139 -42.15 22.15 42.84
N THR F 140 -41.56 23.28 42.45
CA THR F 140 -40.18 23.34 41.99
C THR F 140 -39.33 24.40 42.64
N GLN F 141 -39.91 25.30 43.43
CA GLN F 141 -39.19 26.46 43.96
CA GLN F 141 -39.22 26.48 43.96
C GLN F 141 -38.58 27.30 42.84
N LYS F 142 -39.17 27.22 41.64
CA LYS F 142 -38.74 27.98 40.48
C LYS F 142 -39.96 28.65 39.87
N ALA F 143 -39.71 29.71 39.11
CA ALA F 143 -40.79 30.56 38.62
C ALA F 143 -40.50 30.95 37.18
N THR F 144 -41.35 30.47 36.27
CA THR F 144 -41.25 30.76 34.84
C THR F 144 -42.25 31.84 34.46
N LEU F 145 -41.77 32.93 33.88
CA LEU F 145 -42.61 33.92 33.21
C LEU F 145 -42.62 33.64 31.71
N VAL F 146 -43.77 33.90 31.08
CA VAL F 146 -43.92 33.69 29.65
C VAL F 146 -44.25 35.02 28.99
N CYS F 147 -43.54 35.34 27.93
CA CYS F 147 -43.86 36.51 27.11
C CYS F 147 -44.44 36.02 25.80
N LEU F 148 -45.56 36.61 25.36
CA LEU F 148 -46.14 36.30 24.04
C LEU F 148 -46.20 37.57 23.21
N ALA F 149 -45.57 37.52 22.04
CA ALA F 149 -45.67 38.57 21.03
C ALA F 149 -46.57 38.04 19.92
N THR F 150 -47.72 38.69 19.71
CA THR F 150 -48.71 38.15 18.80
C THR F 150 -49.14 39.17 17.75
N GLY F 151 -49.61 38.63 16.62
CA GLY F 151 -50.26 39.41 15.59
C GLY F 151 -49.36 40.30 14.77
N PHE F 152 -48.07 40.04 14.72
CA PHE F 152 -47.19 40.93 13.98
C PHE F 152 -46.90 40.40 12.58
N TYR F 153 -46.53 41.35 11.72
CA TYR F 153 -46.13 41.03 10.37
C TYR F 153 -45.34 42.21 9.82
N PRO F 154 -44.24 41.97 9.10
CA PRO F 154 -43.61 40.68 8.81
C PRO F 154 -42.87 40.13 10.04
N ASP F 155 -42.23 38.97 9.92
N ASP F 155 -42.15 39.02 9.90
CA ASP F 155 -41.48 38.39 11.04
CA ASP F 155 -41.48 38.38 11.03
C ASP F 155 -40.15 39.13 11.12
C ASP F 155 -40.14 39.06 11.34
N HIS F 156 -40.22 40.35 11.65
CA HIS F 156 -39.03 41.18 11.87
C HIS F 156 -39.00 41.63 13.34
N VAL F 157 -38.62 40.72 14.27
CA VAL F 157 -38.68 41.07 15.70
C VAL F 157 -37.45 40.52 16.42
N GLU F 158 -37.11 41.18 17.52
CA GLU F 158 -36.07 40.75 18.44
C GLU F 158 -36.65 40.88 19.84
N LEU F 159 -36.81 39.75 20.51
CA LEU F 159 -37.35 39.71 21.86
C LEU F 159 -36.20 39.66 22.85
N SER F 160 -36.25 40.50 23.89
CA SER F 160 -35.25 40.49 24.96
C SER F 160 -35.96 40.61 26.30
N TRP F 161 -35.30 40.13 27.37
CA TRP F 161 -35.83 40.20 28.73
C TRP F 161 -35.01 41.18 29.56
N TRP F 162 -35.69 41.95 30.38
CA TRP F 162 -35.04 43.00 31.16
C TRP F 162 -35.48 42.88 32.61
N VAL F 163 -34.52 42.74 33.51
CA VAL F 163 -34.79 42.60 34.93
C VAL F 163 -34.13 43.78 35.64
N ASN F 164 -34.94 44.58 36.33
CA ASN F 164 -34.47 45.79 37.03
C ASN F 164 -33.66 46.68 36.09
N GLY F 165 -34.14 46.85 34.87
CA GLY F 165 -33.52 47.71 33.89
C GLY F 165 -32.31 47.12 33.19
N LYS F 166 -31.98 45.87 33.43
CA LYS F 166 -30.81 45.26 32.82
C LYS F 166 -31.21 44.01 32.05
N GLU F 167 -30.68 43.86 30.84
CA GLU F 167 -31.03 42.72 30.01
C GLU F 167 -30.43 41.45 30.61
N VAL F 168 -31.21 40.37 30.61
CA VAL F 168 -30.72 39.10 31.15
C VAL F 168 -30.78 38.04 30.05
N HIS F 169 -29.91 37.06 30.17
CA HIS F 169 -29.79 35.97 29.21
C HIS F 169 -29.91 34.61 29.89
N SER F 170 -29.37 34.47 31.09
CA SER F 170 -29.49 33.22 31.83
C SER F 170 -30.95 32.95 32.18
N GLY F 171 -31.36 31.71 32.05
CA GLY F 171 -32.75 31.39 32.36
C GLY F 171 -33.76 31.77 31.29
N VAL F 172 -33.31 32.12 30.10
CA VAL F 172 -34.21 32.53 29.01
C VAL F 172 -34.14 31.52 27.89
N CYS F 173 -35.28 31.25 27.27
CA CYS F 173 -35.33 30.57 25.99
CA CYS F 173 -35.25 30.66 25.95
C CYS F 173 -36.42 31.19 25.14
N THR F 174 -36.09 31.66 23.95
CA THR F 174 -37.04 32.26 23.04
C THR F 174 -37.17 31.37 21.81
N ASP F 175 -38.41 31.20 21.31
CA ASP F 175 -38.64 30.33 20.16
C ASP F 175 -37.72 30.74 19.01
N PRO F 176 -37.00 29.81 18.40
CA PRO F 176 -36.18 30.18 17.25
C PRO F 176 -37.01 30.72 16.10
N GLN F 177 -38.23 30.21 15.92
CA GLN F 177 -39.09 30.67 14.85
CA GLN F 177 -39.11 30.61 14.83
C GLN F 177 -40.49 30.97 15.36
N PRO F 178 -41.15 31.97 14.79
CA PRO F 178 -42.52 32.28 15.18
C PRO F 178 -43.50 31.28 14.59
N LEU F 179 -44.67 31.19 15.21
CA LEU F 179 -45.78 30.43 14.66
C LEU F 179 -46.55 31.31 13.68
N LYS F 180 -47.19 30.68 12.70
CA LYS F 180 -48.15 31.38 11.84
C LYS F 180 -49.53 31.31 12.50
N GLU F 181 -50.12 32.47 12.77
CA GLU F 181 -51.46 32.47 13.34
C GLU F 181 -52.52 32.03 12.34
N GLN F 182 -52.22 32.12 11.04
CA GLN F 182 -53.11 31.68 9.95
CA GLN F 182 -53.13 31.64 9.98
C GLN F 182 -52.29 30.80 9.02
N PRO F 183 -52.06 29.53 9.38
CA PRO F 183 -51.08 28.72 8.63
C PRO F 183 -51.35 28.60 7.15
N ALA F 184 -52.60 28.75 6.71
CA ALA F 184 -52.89 28.60 5.29
C ALA F 184 -52.63 29.86 4.46
N LEU F 185 -52.45 31.01 5.09
CA LEU F 185 -52.27 32.25 4.38
C LEU F 185 -50.79 32.54 4.13
N ASN F 186 -50.47 32.95 2.91
CA ASN F 186 -49.09 33.30 2.57
C ASN F 186 -48.56 34.41 3.47
N ASP F 187 -49.39 35.41 3.76
CA ASP F 187 -48.99 36.52 4.61
C ASP F 187 -49.57 36.42 6.02
N SER F 188 -49.79 35.21 6.52
CA SER F 188 -50.18 35.00 7.92
C SER F 188 -49.45 35.94 8.84
N ARG F 189 -50.16 36.45 9.85
CA ARG F 189 -49.45 37.15 10.90
C ARG F 189 -48.73 36.12 11.77
N TYR F 190 -47.91 36.61 12.71
CA TYR F 190 -47.04 35.71 13.48
C TYR F 190 -47.20 35.89 14.98
N ALA F 191 -46.83 34.83 15.71
CA ALA F 191 -46.66 34.89 17.15
C ALA F 191 -45.35 34.24 17.55
N LEU F 192 -44.76 34.78 18.62
CA LEU F 192 -43.49 34.35 19.20
C LEU F 192 -43.66 34.22 20.70
N SER F 193 -43.11 33.16 21.31
CA SER F 193 -43.13 33.07 22.76
C SER F 193 -41.71 32.98 23.31
N SER F 194 -41.58 33.35 24.58
CA SER F 194 -40.30 33.25 25.27
C SER F 194 -40.59 33.01 26.73
N ARG F 195 -39.61 32.45 27.43
CA ARG F 195 -39.75 32.22 28.85
C ARG F 195 -38.49 32.69 29.56
N LEU F 196 -38.70 33.20 30.75
CA LEU F 196 -37.61 33.58 31.64
C LEU F 196 -37.89 32.92 32.97
N ARG F 197 -37.00 32.04 33.41
CA ARG F 197 -37.20 31.29 34.65
C ARG F 197 -36.23 31.75 35.74
N VAL F 198 -36.77 32.08 36.92
CA VAL F 198 -35.96 32.54 38.04
C VAL F 198 -36.26 31.67 39.25
N SER F 199 -35.51 31.90 40.33
CA SER F 199 -35.83 31.19 41.56
C SER F 199 -37.15 31.71 42.11
N ALA F 200 -37.83 30.87 42.90
CA ALA F 200 -39.04 31.34 43.55
C ALA F 200 -38.78 32.60 44.38
N THR F 201 -37.67 32.63 45.12
CA THR F 201 -37.42 33.77 46.00
CA THR F 201 -37.41 33.76 46.01
C THR F 201 -37.15 35.05 45.22
N PHE F 202 -36.51 34.95 44.05
CA PHE F 202 -36.30 36.15 43.26
C PHE F 202 -37.62 36.69 42.75
N TRP F 203 -38.53 35.79 42.35
CA TRP F 203 -39.86 36.22 41.92
C TRP F 203 -40.69 36.78 43.06
N GLN F 204 -40.45 36.32 44.30
CA GLN F 204 -41.32 36.72 45.41
C GLN F 204 -40.95 38.08 45.98
N ASN F 205 -39.87 38.68 45.49
CA ASN F 205 -39.44 39.99 45.94
C ASN F 205 -40.12 41.07 45.11
N PRO F 206 -41.03 41.87 45.68
CA PRO F 206 -41.73 42.90 44.90
C PRO F 206 -40.84 44.03 44.44
N ARG F 207 -39.58 44.08 44.88
CA ARG F 207 -38.63 45.03 44.34
C ARG F 207 -38.11 44.64 42.96
N ASN F 208 -38.34 43.42 42.51
CA ASN F 208 -37.81 42.96 41.23
C ASN F 208 -38.80 43.25 40.12
N HIS F 209 -38.32 43.92 39.08
CA HIS F 209 -39.12 44.31 37.94
C HIS F 209 -38.72 43.48 36.73
N PHE F 210 -39.71 42.87 36.06
CA PHE F 210 -39.50 42.00 34.92
C PHE F 210 -40.15 42.64 33.70
N ARG F 211 -39.41 42.72 32.59
CA ARG F 211 -40.00 43.30 31.39
C ARG F 211 -39.57 42.52 30.16
N CYS F 212 -40.56 42.14 29.36
N CYS F 212 -40.53 42.09 29.33
CA CYS F 212 -40.33 41.58 28.03
CA CYS F 212 -40.16 41.51 28.04
C CYS F 212 -40.37 42.71 27.02
C CYS F 212 -40.37 42.58 26.97
N GLN F 213 -39.31 42.84 26.23
CA GLN F 213 -39.23 43.88 25.20
C GLN F 213 -39.17 43.24 23.83
N VAL F 214 -39.96 43.76 22.90
CA VAL F 214 -39.94 43.28 21.52
C VAL F 214 -39.66 44.47 20.60
N GLN F 215 -38.45 44.49 20.05
CA GLN F 215 -38.12 45.41 18.96
C GLN F 215 -38.77 44.90 17.68
N PHE F 216 -39.61 45.74 17.06
CA PHE F 216 -40.24 45.44 15.79
C PHE F 216 -39.67 46.35 14.72
N TYR F 217 -39.38 45.77 13.56
CA TYR F 217 -38.89 46.51 12.41
C TYR F 217 -39.99 46.57 11.38
N GLY F 218 -40.43 47.78 11.04
CA GLY F 218 -41.55 47.94 10.15
C GLY F 218 -41.33 49.04 9.12
N LEU F 219 -42.33 49.89 8.93
CA LEU F 219 -42.24 50.94 7.92
C LEU F 219 -41.32 52.04 8.38
N SER F 220 -40.72 52.72 7.42
CA SER F 220 -39.83 53.84 7.70
C SER F 220 -40.61 55.16 7.67
N GLU F 221 -39.90 56.25 7.96
CA GLU F 221 -40.54 57.58 7.91
C GLU F 221 -41.03 57.91 6.51
N ASN F 222 -40.25 57.55 5.48
CA ASN F 222 -40.57 57.94 4.11
C ASN F 222 -41.81 57.22 3.56
N ASP F 223 -42.26 56.13 4.16
CA ASP F 223 -43.45 55.45 3.68
C ASP F 223 -44.69 56.27 4.01
N GLU F 224 -45.61 56.38 3.06
CA GLU F 224 -46.86 57.09 3.30
C GLU F 224 -47.86 56.17 3.98
N TRP F 225 -48.72 56.77 4.80
CA TRP F 225 -49.69 56.03 5.59
C TRP F 225 -50.95 56.87 5.71
N THR F 226 -52.12 56.23 5.55
CA THR F 226 -53.38 56.95 5.64
C THR F 226 -54.47 56.22 6.41
N GLN F 227 -54.15 55.11 7.08
CA GLN F 227 -55.17 54.31 7.75
CA GLN F 227 -55.18 54.32 7.74
C GLN F 227 -55.53 54.92 9.11
N ASP F 228 -56.62 54.43 9.69
CA ASP F 228 -57.03 54.85 11.03
C ASP F 228 -56.01 54.42 12.07
N ARG F 229 -55.56 53.16 12.01
CA ARG F 229 -54.64 52.69 13.03
C ARG F 229 -53.29 53.39 12.88
N ALA F 230 -52.59 53.52 14.01
CA ALA F 230 -51.26 54.11 14.00
C ALA F 230 -50.36 53.43 12.97
N LYS F 231 -49.61 54.24 12.23
CA LYS F 231 -48.61 53.76 11.30
C LYS F 231 -47.73 52.67 11.94
N PRO F 232 -47.54 51.51 11.29
CA PRO F 232 -46.76 50.40 11.89
C PRO F 232 -45.26 50.56 11.66
N VAL F 233 -44.70 51.55 12.33
CA VAL F 233 -43.29 51.89 12.18
C VAL F 233 -42.45 50.99 13.08
N THR F 234 -41.17 50.94 12.75
CA THR F 234 -40.16 50.38 13.64
C THR F 234 -40.35 50.92 15.05
N GLN F 235 -40.40 50.01 16.02
CA GLN F 235 -40.79 50.41 17.37
C GLN F 235 -40.53 49.29 18.35
N ILE F 236 -40.48 49.67 19.62
CA ILE F 236 -40.43 48.73 20.73
C ILE F 236 -41.81 48.66 21.38
N VAL F 237 -42.25 47.43 21.67
CA VAL F 237 -43.46 47.14 22.41
C VAL F 237 -43.08 46.23 23.57
N SER F 238 -43.47 46.60 24.79
CA SER F 238 -43.07 45.89 25.99
C SER F 238 -44.30 45.51 26.81
N ALA F 239 -44.13 44.51 27.66
CA ALA F 239 -45.04 44.20 28.75
C ALA F 239 -44.19 43.87 29.98
N GLU F 240 -44.76 44.12 31.16
CA GLU F 240 -43.96 44.03 32.37
C GLU F 240 -44.78 43.45 33.50
N ALA F 241 -44.07 43.02 34.55
CA ALA F 241 -44.70 42.56 35.78
C ALA F 241 -43.71 42.79 36.92
N TRP F 242 -44.26 42.95 38.12
CA TRP F 242 -43.45 43.08 39.33
C TRP F 242 -43.52 41.79 40.12
N GLY F 243 -42.41 41.47 40.80
CA GLY F 243 -42.40 40.35 41.72
C GLY F 243 -43.57 40.36 42.68
N ARG F 244 -44.08 39.17 43.00
CA ARG F 244 -45.29 39.01 43.79
C ARG F 244 -45.00 38.11 44.98
N ALA F 245 -45.24 38.62 46.18
CA ALA F 245 -45.02 37.85 47.39
C ALA F 245 -46.31 37.18 47.87
N GLN G 3 20.74 -26.88 19.47
CA GLN G 3 21.17 -27.05 18.09
C GLN G 3 21.66 -25.74 17.51
N ASN G 4 22.76 -25.77 16.76
CA ASN G 4 23.42 -24.53 16.41
C ASN G 4 24.13 -24.68 15.06
N ILE G 5 23.98 -23.65 14.23
CA ILE G 5 24.68 -23.57 12.96
C ILE G 5 25.46 -22.27 13.00
N ASP G 6 26.71 -22.31 12.54
CA ASP G 6 27.55 -21.12 12.61
C ASP G 6 28.23 -20.90 11.27
N GLN G 7 28.19 -19.67 10.80
CA GLN G 7 28.93 -19.28 9.61
C GLN G 7 29.33 -17.84 9.83
N PRO G 8 30.42 -17.39 9.21
CA PRO G 8 30.86 -16.01 9.45
C PRO G 8 29.82 -15.02 8.91
N THR G 9 29.78 -13.84 9.56
CA THR G 9 28.80 -12.80 9.18
C THR G 9 29.10 -12.27 7.78
N GLU G 10 30.38 -12.07 7.47
CA GLU G 10 30.72 -11.38 6.25
C GLU G 10 32.09 -11.83 5.77
N MET G 11 32.27 -11.83 4.46
CA MET G 11 33.57 -12.08 3.87
C MET G 11 33.77 -11.15 2.69
N THR G 12 35.03 -10.74 2.47
CA THR G 12 35.38 -9.88 1.36
C THR G 12 36.57 -10.46 0.62
N ALA G 13 36.46 -10.56 -0.69
CA ALA G 13 37.51 -11.10 -1.53
C ALA G 13 37.53 -10.32 -2.83
N THR G 14 38.52 -10.58 -3.68
CA THR G 14 38.75 -9.83 -4.90
CA THR G 14 38.68 -9.80 -4.90
C THR G 14 38.20 -10.57 -6.13
N GLU G 15 37.67 -9.81 -7.06
CA GLU G 15 37.23 -10.36 -8.34
C GLU G 15 38.30 -11.27 -8.92
N GLY G 16 37.90 -12.45 -9.39
CA GLY G 16 38.84 -13.34 -10.02
C GLY G 16 39.56 -14.28 -9.08
N ALA G 17 39.38 -14.12 -7.77
CA ALA G 17 40.06 -14.98 -6.82
C ALA G 17 39.14 -16.11 -6.36
N ILE G 18 39.43 -16.71 -5.21
CA ILE G 18 38.70 -17.86 -4.67
C ILE G 18 38.26 -17.54 -3.25
N VAL G 19 37.07 -17.98 -2.86
CA VAL G 19 36.64 -17.82 -1.48
C VAL G 19 36.04 -19.14 -0.95
N GLN G 20 36.28 -19.42 0.32
CA GLN G 20 35.72 -20.60 0.97
C GLN G 20 34.84 -20.13 2.12
N ILE G 21 33.56 -20.45 2.05
CA ILE G 21 32.61 -20.04 3.08
C ILE G 21 32.35 -21.23 3.99
N ASN G 22 32.66 -21.08 5.28
CA ASN G 22 32.56 -22.20 6.23
C ASN G 22 31.20 -22.24 6.92
N CYS G 23 30.76 -23.44 7.29
CA CYS G 23 29.53 -23.66 8.04
C CYS G 23 29.78 -24.82 8.98
N THR G 24 29.72 -24.59 10.28
CA THR G 24 29.82 -25.68 11.25
C THR G 24 28.47 -25.85 11.90
N TYR G 25 28.15 -27.09 12.25
CA TYR G 25 26.85 -27.37 12.83
C TYR G 25 26.99 -28.34 13.99
N GLN G 26 26.16 -28.14 15.01
CA GLN G 26 25.99 -29.12 16.09
C GLN G 26 24.50 -29.35 16.15
N THR G 27 24.06 -30.51 15.70
CA THR G 27 22.65 -30.78 15.59
C THR G 27 22.39 -32.14 16.20
N SER G 28 21.13 -32.41 16.50
CA SER G 28 20.73 -33.74 16.99
CA SER G 28 20.73 -33.73 16.99
C SER G 28 20.35 -34.54 15.77
N GLY G 29 21.30 -35.34 15.28
CA GLY G 29 21.13 -36.11 14.06
C GLY G 29 21.40 -35.26 12.82
N PHE G 30 21.48 -35.96 11.67
CA PHE G 30 21.96 -35.34 10.44
C PHE G 30 21.39 -36.08 9.26
N ASN G 31 20.64 -35.34 8.44
CA ASN G 31 20.03 -35.85 7.22
C ASN G 31 20.39 -34.96 6.03
N GLY G 32 21.45 -34.17 6.18
CA GLY G 32 22.03 -33.48 5.04
C GLY G 32 22.19 -31.99 5.27
N LEU G 33 23.06 -31.37 4.48
CA LEU G 33 23.40 -29.96 4.59
C LEU G 33 23.12 -29.30 3.26
N PHE G 34 22.46 -28.15 3.31
CA PHE G 34 22.09 -27.40 2.12
C PHE G 34 22.80 -26.06 2.08
N TRP G 35 23.20 -25.62 0.89
CA TRP G 35 23.61 -24.22 0.68
C TRP G 35 22.59 -23.56 -0.22
N TYR G 36 22.21 -22.33 0.14
CA TYR G 36 21.38 -21.47 -0.70
C TYR G 36 22.10 -20.14 -0.95
N GLN G 37 21.87 -19.57 -2.13
CA GLN G 37 22.37 -18.21 -2.43
C GLN G 37 21.21 -17.23 -2.37
N GLN G 38 21.44 -16.07 -1.78
CA GLN G 38 20.35 -15.08 -1.63
C GLN G 38 20.89 -13.70 -2.00
N HIS G 39 20.57 -13.26 -3.21
CA HIS G 39 20.89 -11.90 -3.59
C HIS G 39 20.07 -10.93 -2.74
N ALA G 40 20.66 -9.76 -2.45
CA ALA G 40 19.99 -8.77 -1.61
C ALA G 40 18.65 -8.39 -2.23
N GLY G 41 17.59 -8.49 -1.45
CA GLY G 41 16.24 -8.24 -1.96
C GLY G 41 15.58 -9.35 -2.74
N GLU G 42 16.17 -10.56 -2.83
CA GLU G 42 15.66 -11.56 -3.76
C GLU G 42 15.46 -12.89 -3.03
N ALA G 43 14.79 -13.81 -3.71
CA ALA G 43 14.57 -15.13 -3.13
C ALA G 43 15.88 -15.90 -2.94
N PRO G 44 16.04 -16.61 -1.83
CA PRO G 44 17.11 -17.61 -1.77
C PRO G 44 16.90 -18.68 -2.84
N THR G 45 17.97 -19.12 -3.47
CA THR G 45 17.85 -20.20 -4.44
C THR G 45 18.83 -21.31 -4.06
N PHE G 46 18.37 -22.55 -4.24
CA PHE G 46 19.14 -23.73 -3.89
C PHE G 46 20.45 -23.78 -4.66
N LEU G 47 21.55 -24.07 -3.97
CA LEU G 47 22.85 -24.30 -4.61
C LEU G 47 23.31 -25.76 -4.54
N SER G 48 23.20 -26.39 -3.38
CA SER G 48 23.85 -27.68 -3.21
C SER G 48 23.28 -28.42 -2.03
N TYR G 49 23.44 -29.76 -2.07
CA TYR G 49 23.05 -30.66 -0.99
C TYR G 49 24.18 -31.65 -0.79
N ASN G 50 24.60 -31.85 0.45
CA ASN G 50 25.64 -32.81 0.77
C ASN G 50 25.17 -33.66 1.93
N VAL G 51 25.42 -34.96 1.88
CA VAL G 51 25.02 -35.76 3.04
C VAL G 51 26.03 -36.87 3.30
N LEU G 52 26.83 -37.22 2.29
CA LEU G 52 27.97 -38.08 2.52
C LEU G 52 29.23 -37.24 2.46
N ASP G 53 30.30 -37.77 3.04
CA ASP G 53 31.54 -37.02 3.12
C ASP G 53 32.15 -36.79 1.75
N GLY G 54 32.71 -35.59 1.55
CA GLY G 54 33.58 -35.35 0.41
C GLY G 54 33.18 -34.06 -0.30
N LEU G 55 33.74 -33.88 -1.49
CA LEU G 55 33.61 -32.68 -2.30
C LEU G 55 32.75 -32.96 -3.52
N GLU G 56 31.76 -32.11 -3.77
CA GLU G 56 30.91 -32.15 -4.96
C GLU G 56 31.03 -30.84 -5.71
N GLU G 57 31.32 -30.90 -7.02
CA GLU G 57 31.50 -29.70 -7.83
C GLU G 57 30.27 -29.41 -8.69
N LYS G 58 30.04 -28.11 -8.96
CA LYS G 58 28.92 -27.65 -9.78
C LYS G 58 29.33 -26.30 -10.40
N GLY G 59 29.95 -26.38 -11.56
CA GLY G 59 30.47 -25.17 -12.20
C GLY G 59 31.57 -24.56 -11.35
N ARG G 60 31.45 -23.26 -11.08
CA ARG G 60 32.46 -22.56 -10.29
C ARG G 60 32.33 -22.83 -8.80
N PHE G 61 31.25 -23.49 -8.37
CA PHE G 61 30.95 -23.72 -6.96
C PHE G 61 31.24 -25.17 -6.63
N SER G 62 31.91 -25.40 -5.53
CA SER G 62 32.07 -26.75 -4.97
C SER G 62 31.51 -26.72 -3.58
N SER G 63 31.00 -27.87 -3.11
CA SER G 63 30.60 -27.95 -1.71
C SER G 63 31.20 -29.21 -1.09
N PHE G 64 31.76 -29.03 0.09
CA PHE G 64 32.47 -30.10 0.79
C PHE G 64 31.72 -30.39 2.08
N LEU G 65 31.76 -31.66 2.53
CA LEU G 65 31.17 -32.00 3.80
C LEU G 65 32.08 -32.98 4.55
N SER G 66 32.22 -32.77 5.86
CA SER G 66 32.77 -33.77 6.77
C SER G 66 31.77 -33.97 7.91
N ARG G 67 31.10 -35.13 7.95
CA ARG G 67 30.18 -35.41 9.03
C ARG G 67 30.88 -35.55 10.39
N SER G 68 32.07 -36.14 10.42
CA SER G 68 32.75 -36.31 11.72
C SER G 68 33.21 -34.98 12.30
N LYS G 69 33.60 -34.01 11.46
CA LYS G 69 33.94 -32.70 11.99
C LYS G 69 32.74 -31.78 12.10
N GLY G 70 31.60 -32.17 11.53
CA GLY G 70 30.43 -31.31 11.57
C GLY G 70 30.69 -29.99 10.85
N TYR G 71 31.24 -30.04 9.63
CA TYR G 71 31.58 -28.81 8.92
CA TYR G 71 31.43 -28.78 8.91
C TYR G 71 31.41 -29.02 7.42
N SER G 72 31.03 -27.94 6.73
CA SER G 72 30.92 -27.89 5.28
C SER G 72 31.52 -26.58 4.83
N TYR G 73 32.02 -26.55 3.62
CA TYR G 73 32.30 -25.26 3.02
C TYR G 73 31.73 -25.22 1.62
N LEU G 74 31.42 -24.00 1.19
CA LEU G 74 31.04 -23.68 -0.17
C LEU G 74 32.23 -22.96 -0.81
N LEU G 75 32.78 -23.52 -1.88
CA LEU G 75 33.97 -22.96 -2.50
C LEU G 75 33.58 -22.27 -3.81
N LEU G 76 33.90 -20.98 -3.93
CA LEU G 76 33.60 -20.19 -5.13
C LEU G 76 34.93 -19.85 -5.79
N LYS G 77 35.15 -20.35 -7.00
CA LYS G 77 36.35 -20.03 -7.78
C LYS G 77 36.06 -18.93 -8.80
N GLU G 78 37.13 -18.26 -9.23
CA GLU G 78 37.06 -17.24 -10.28
C GLU G 78 35.90 -16.26 -10.02
N LEU G 79 35.97 -15.62 -8.86
CA LEU G 79 34.86 -14.80 -8.38
C LEU G 79 34.46 -13.73 -9.39
N GLN G 80 33.17 -13.54 -9.56
CA GLN G 80 32.64 -12.45 -10.38
C GLN G 80 31.82 -11.55 -9.48
N MET G 81 31.61 -10.33 -9.95
CA MET G 81 30.74 -9.41 -9.19
C MET G 81 29.36 -10.00 -8.94
N LYS G 82 28.82 -10.78 -9.87
CA LYS G 82 27.49 -11.34 -9.64
C LYS G 82 27.45 -12.34 -8.49
N ASP G 83 28.61 -12.78 -7.99
CA ASP G 83 28.66 -13.63 -6.81
C ASP G 83 28.35 -12.87 -5.53
N SER G 84 28.29 -11.54 -5.58
CA SER G 84 27.95 -10.77 -4.39
C SER G 84 26.55 -11.12 -3.96
N ALA G 85 26.42 -11.58 -2.72
CA ALA G 85 25.19 -12.16 -2.23
C ALA G 85 25.43 -12.69 -0.83
N SER G 86 24.37 -13.04 -0.12
CA SER G 86 24.54 -13.81 1.09
CA SER G 86 24.53 -13.81 1.10
C SER G 86 24.40 -15.29 0.77
N TYR G 87 25.12 -16.11 1.52
CA TYR G 87 25.13 -17.56 1.33
C TYR G 87 24.66 -18.18 2.64
N LEU G 88 23.58 -18.96 2.57
CA LEU G 88 22.90 -19.52 3.74
C LEU G 88 23.17 -21.00 3.79
N CYS G 89 23.58 -21.50 4.94
N CYS G 89 23.62 -21.52 4.93
CA CYS G 89 23.76 -22.92 5.20
CA CYS G 89 23.74 -22.97 5.07
C CYS G 89 22.56 -23.43 6.00
C CYS G 89 22.65 -23.47 6.01
N ALA G 90 22.12 -24.65 5.71
CA ALA G 90 21.04 -25.20 6.51
C ALA G 90 21.23 -26.71 6.62
N VAL G 91 20.89 -27.24 7.79
CA VAL G 91 21.07 -28.65 8.14
C VAL G 91 19.74 -29.22 8.54
N LYS G 92 19.39 -30.38 7.96
CA LYS G 92 18.23 -31.17 8.38
C LYS G 92 18.63 -32.09 9.53
N ASP G 93 17.89 -32.03 10.64
CA ASP G 93 18.29 -32.76 11.84
C ASP G 93 17.60 -34.13 11.86
N SER G 94 17.60 -34.83 13.00
CA SER G 94 17.02 -36.17 13.07
CA SER G 94 17.02 -36.17 13.06
C SER G 94 15.52 -36.16 12.88
N ASN G 95 14.85 -35.05 13.21
CA ASN G 95 13.41 -34.91 13.00
C ASN G 95 13.09 -34.28 11.65
N TYR G 96 14.06 -34.20 10.75
CA TYR G 96 13.82 -33.63 9.43
C TYR G 96 13.47 -32.15 9.51
N GLN G 97 13.92 -31.49 10.59
CA GLN G 97 13.73 -30.06 10.74
C GLN G 97 14.92 -29.32 10.14
N LEU G 98 14.65 -28.29 9.34
CA LEU G 98 15.73 -27.49 8.77
C LEU G 98 16.17 -26.44 9.79
N ILE G 99 17.45 -26.47 10.16
CA ILE G 99 18.05 -25.49 11.05
C ILE G 99 18.92 -24.56 10.21
N TRP G 100 18.62 -23.26 10.21
CA TRP G 100 19.24 -22.32 9.27
C TRP G 100 20.35 -21.54 9.96
N GLY G 101 21.50 -21.45 9.32
CA GLY G 101 22.50 -20.50 9.76
C GLY G 101 22.13 -19.05 9.34
N ALA G 102 22.78 -18.09 9.99
CA ALA G 102 22.47 -16.68 9.83
C ALA G 102 22.95 -16.10 8.50
N GLY G 103 23.69 -16.84 7.71
CA GLY G 103 24.12 -16.37 6.41
C GLY G 103 25.45 -15.64 6.46
N THR G 104 26.20 -15.78 5.37
CA THR G 104 27.46 -15.09 5.15
C THR G 104 27.28 -14.14 3.98
N LYS G 105 27.44 -12.84 4.23
CA LYS G 105 27.39 -11.86 3.14
C LYS G 105 28.77 -11.82 2.46
N LEU G 106 28.79 -12.08 1.16
CA LEU G 106 30.04 -12.08 0.41
C LEU G 106 30.13 -10.78 -0.36
N ILE G 107 31.16 -9.99 -0.09
CA ILE G 107 31.41 -8.73 -0.77
C ILE G 107 32.59 -8.95 -1.70
N ILE G 108 32.44 -8.57 -2.97
CA ILE G 108 33.48 -8.76 -3.98
C ILE G 108 34.04 -7.39 -4.37
N LYS G 109 35.38 -7.25 -4.28
CA LYS G 109 36.05 -6.04 -4.71
CA LYS G 109 36.06 -6.04 -4.72
C LYS G 109 36.37 -6.11 -6.20
N PRO G 110 35.88 -5.18 -7.03
CA PRO G 110 36.20 -5.23 -8.46
C PRO G 110 37.68 -5.01 -8.72
N ASP G 111 38.17 -5.60 -9.79
CA ASP G 111 39.55 -5.36 -10.21
C ASP G 111 39.57 -4.09 -11.06
N ILE G 112 39.97 -2.97 -10.48
CA ILE G 112 39.99 -1.68 -11.18
C ILE G 112 41.33 -1.55 -11.90
N GLN G 113 41.32 -1.60 -13.23
CA GLN G 113 42.57 -1.69 -13.96
C GLN G 113 43.23 -0.31 -14.15
N ASN G 114 42.45 0.74 -14.38
CA ASN G 114 43.00 2.07 -14.63
C ASN G 114 42.39 3.06 -13.65
N PRO G 115 42.80 3.01 -12.38
CA PRO G 115 42.23 3.92 -11.38
C PRO G 115 42.52 5.37 -11.76
N ASP G 116 41.54 6.22 -11.51
CA ASP G 116 41.64 7.64 -11.83
C ASP G 116 40.88 8.39 -10.73
N PRO G 117 41.27 8.24 -9.45
CA PRO G 117 40.48 8.81 -8.36
C PRO G 117 40.25 10.30 -8.54
N ALA G 118 39.02 10.74 -8.29
CA ALA G 118 38.68 12.14 -8.44
C ALA G 118 37.44 12.43 -7.61
N VAL G 119 37.30 13.71 -7.21
CA VAL G 119 36.09 14.20 -6.55
C VAL G 119 35.51 15.30 -7.43
N TYR G 120 34.30 15.07 -7.93
CA TYR G 120 33.70 16.00 -8.89
C TYR G 120 32.49 16.63 -8.24
N GLN G 121 32.20 17.86 -8.64
CA GLN G 121 31.03 18.57 -8.13
C GLN G 121 29.93 18.45 -9.17
N LEU G 122 28.80 17.89 -8.80
CA LEU G 122 27.79 17.77 -9.83
C LEU G 122 27.05 19.09 -9.96
N ARG G 123 26.28 19.20 -11.02
CA ARG G 123 25.55 20.44 -11.24
CA ARG G 123 25.53 20.43 -11.26
C ARG G 123 24.37 20.53 -10.27
N ASP G 124 24.19 21.71 -9.68
CA ASP G 124 23.03 21.96 -8.83
C ASP G 124 21.73 21.68 -9.59
N SER G 125 20.71 21.24 -8.87
CA SER G 125 19.35 21.11 -9.41
C SER G 125 18.53 22.33 -9.02
N LYS G 126 17.83 22.93 -9.98
CA LYS G 126 17.00 24.08 -9.61
C LYS G 126 15.89 23.70 -8.63
N SER G 127 15.59 22.41 -8.49
CA SER G 127 14.56 21.94 -7.57
C SER G 127 15.11 21.46 -6.22
N SER G 128 16.37 21.70 -5.92
CA SER G 128 16.93 21.19 -4.67
C SER G 128 17.90 22.20 -4.07
N ASP G 129 17.89 22.34 -2.74
CA ASP G 129 18.91 23.14 -2.05
C ASP G 129 20.24 22.40 -1.81
N LYS G 130 20.38 21.17 -2.33
CA LYS G 130 21.57 20.38 -2.02
C LYS G 130 22.71 20.68 -2.99
N SER G 131 23.92 20.56 -2.48
CA SER G 131 25.14 20.47 -3.26
CA SER G 131 25.13 20.46 -3.29
C SER G 131 25.62 19.03 -3.23
N VAL G 132 26.06 18.50 -4.38
CA VAL G 132 26.36 17.08 -4.53
C VAL G 132 27.78 16.87 -5.08
N CYS G 133 28.53 16.00 -4.41
CA CYS G 133 29.91 15.65 -4.74
C CYS G 133 29.99 14.15 -5.04
N LEU G 134 30.79 13.79 -6.04
CA LEU G 134 30.97 12.40 -6.41
C LEU G 134 32.46 12.04 -6.32
N PHE G 135 32.78 11.10 -5.44
CA PHE G 135 34.10 10.50 -5.36
C PHE G 135 34.08 9.24 -6.22
N THR G 136 34.91 9.17 -7.26
CA THR G 136 34.72 8.12 -8.23
C THR G 136 36.06 7.65 -8.79
N ASP G 137 36.06 6.43 -9.32
CA ASP G 137 37.14 5.85 -10.10
C ASP G 137 38.37 5.49 -9.26
N PHE G 138 38.23 5.37 -7.95
CA PHE G 138 39.31 4.90 -7.09
C PHE G 138 39.40 3.38 -7.12
N ASP G 139 40.58 2.86 -6.78
CA ASP G 139 40.81 1.42 -6.65
CA ASP G 139 40.72 1.42 -6.71
C ASP G 139 40.02 0.87 -5.47
N SER G 140 39.75 -0.44 -5.51
CA SER G 140 38.90 -1.02 -4.47
C SER G 140 39.55 -1.11 -3.10
N GLN G 141 40.84 -0.81 -2.98
CA GLN G 141 41.42 -0.77 -1.63
C GLN G 141 40.89 0.39 -0.82
N THR G 142 40.41 1.46 -1.47
CA THR G 142 39.91 2.62 -0.75
C THR G 142 38.60 2.29 -0.03
N ASN G 143 38.50 2.75 1.21
CA ASN G 143 37.26 2.67 1.97
C ASN G 143 36.71 4.07 2.19
N VAL G 144 35.40 4.21 2.15
CA VAL G 144 34.73 5.49 2.29
C VAL G 144 34.12 5.56 3.67
N SER G 145 34.49 6.59 4.42
CA SER G 145 34.01 6.68 5.78
C SER G 145 32.75 7.51 5.86
N GLN G 146 31.92 7.18 6.84
CA GLN G 146 30.70 7.93 7.10
C GLN G 146 31.02 9.35 7.50
N SER G 147 30.03 10.22 7.34
CA SER G 147 30.21 11.63 7.68
CA SER G 147 30.20 11.62 7.67
C SER G 147 30.37 11.79 9.18
N LYS G 148 31.12 12.83 9.56
CA LYS G 148 31.21 13.22 10.97
C LYS G 148 30.46 14.51 11.25
N ASP G 149 29.88 15.12 10.23
CA ASP G 149 29.00 16.26 10.36
C ASP G 149 27.58 15.78 10.09
N SER G 150 26.69 16.05 11.04
CA SER G 150 25.33 15.53 10.95
C SER G 150 24.54 16.15 9.78
N ASP G 151 24.98 17.27 9.21
CA ASP G 151 24.33 17.89 8.06
C ASP G 151 25.00 17.54 6.74
N VAL G 152 25.95 16.60 6.75
CA VAL G 152 26.60 16.10 5.55
C VAL G 152 26.27 14.62 5.46
N TYR G 153 25.77 14.18 4.30
CA TYR G 153 25.40 12.78 4.08
C TYR G 153 26.36 12.15 3.09
N ILE G 154 26.92 11.00 3.44
CA ILE G 154 27.90 10.32 2.59
C ILE G 154 27.49 8.87 2.47
N THR G 155 27.32 8.39 1.23
CA THR G 155 26.90 7.01 1.05
C THR G 155 28.13 6.15 0.82
N ASP G 156 27.95 4.84 0.99
CA ASP G 156 29.10 3.95 0.84
C ASP G 156 29.42 3.78 -0.64
N LYS G 157 30.59 3.19 -0.89
CA LYS G 157 30.98 3.01 -2.27
C LYS G 157 30.06 1.97 -2.93
N CYS G 158 29.82 2.18 -4.20
CA CYS G 158 28.96 1.36 -5.04
C CYS G 158 29.74 1.02 -6.32
N VAL G 159 29.60 -0.20 -6.84
CA VAL G 159 30.30 -0.63 -8.04
C VAL G 159 29.35 -0.56 -9.22
N LEU G 160 29.68 0.23 -10.24
CA LEU G 160 28.84 0.34 -11.41
CA LEU G 160 28.88 0.41 -11.44
C LEU G 160 29.55 -0.27 -12.62
N ASP G 161 28.75 -0.90 -13.48
CA ASP G 161 29.27 -1.62 -14.65
C ASP G 161 28.67 -1.02 -15.92
N MET G 162 29.53 -0.47 -16.78
CA MET G 162 29.09 0.03 -18.09
C MET G 162 29.35 -1.13 -19.06
N ARG G 163 28.30 -1.91 -19.31
CA ARG G 163 28.47 -3.18 -20.01
C ARG G 163 29.00 -2.99 -21.42
N SER G 164 28.43 -2.04 -22.16
CA SER G 164 28.86 -1.77 -23.53
C SER G 164 30.35 -1.47 -23.63
N MET G 165 30.93 -0.83 -22.61
CA MET G 165 32.36 -0.51 -22.63
C MET G 165 33.19 -1.53 -21.85
N ASP G 166 32.55 -2.54 -21.24
CA ASP G 166 33.20 -3.45 -20.33
C ASP G 166 34.09 -2.71 -19.31
N PHE G 167 33.45 -1.86 -18.52
CA PHE G 167 34.16 -0.92 -17.67
C PHE G 167 33.46 -0.85 -16.34
N LYS G 168 34.22 -1.03 -15.25
CA LYS G 168 33.66 -0.95 -13.90
C LYS G 168 34.29 0.21 -13.15
N SER G 169 33.49 0.82 -12.29
CA SER G 169 34.04 1.88 -11.45
C SER G 169 33.33 1.90 -10.10
N ASN G 170 34.10 2.20 -9.07
CA ASN G 170 33.58 2.52 -7.75
C ASN G 170 33.20 3.99 -7.68
N SER G 171 32.20 4.30 -6.84
CA SER G 171 31.92 5.70 -6.50
C SER G 171 31.10 5.75 -5.23
N ALA G 172 31.16 6.90 -4.56
CA ALA G 172 30.41 7.25 -3.37
C ALA G 172 29.89 8.68 -3.54
N VAL G 173 28.80 9.03 -2.89
CA VAL G 173 28.19 10.35 -3.06
C VAL G 173 28.14 11.05 -1.71
N ALA G 174 28.45 12.35 -1.70
CA ALA G 174 28.25 13.18 -0.52
C ALA G 174 27.40 14.38 -0.84
N TRP G 175 26.52 14.77 0.08
CA TRP G 175 25.69 15.94 -0.19
C TRP G 175 25.36 16.68 1.10
N SER G 176 25.01 17.95 0.94
CA SER G 176 24.65 18.78 2.07
C SER G 176 24.01 20.06 1.53
N ASN G 177 23.17 20.69 2.35
CA ASN G 177 22.71 22.04 2.05
C ASN G 177 23.44 23.11 2.88
N LYS G 178 24.42 22.72 3.69
CA LYS G 178 25.18 23.68 4.49
C LYS G 178 25.91 24.67 3.59
N SER G 179 26.02 25.92 4.05
CA SER G 179 26.63 26.93 3.20
C SER G 179 28.13 26.68 3.05
N ASP G 180 28.77 26.10 4.07
CA ASP G 180 30.22 25.88 4.09
C ASP G 180 30.63 24.57 3.40
N PHE G 181 29.71 23.87 2.77
CA PHE G 181 29.99 22.57 2.18
C PHE G 181 30.71 22.74 0.84
N ALA G 182 31.81 22.02 0.67
CA ALA G 182 32.58 22.06 -0.57
C ALA G 182 33.06 20.67 -0.89
N CYS G 183 33.01 20.32 -2.18
CA CYS G 183 33.53 19.02 -2.58
C CYS G 183 34.98 18.84 -2.17
N ALA G 184 35.76 19.93 -2.10
CA ALA G 184 37.17 19.80 -1.72
C ALA G 184 37.33 19.19 -0.34
N ASN G 185 36.35 19.39 0.54
CA ASN G 185 36.44 18.89 1.90
CA ASN G 185 36.41 18.91 1.93
C ASN G 185 35.40 17.82 2.23
N ALA G 186 34.49 17.51 1.29
CA ALA G 186 33.41 16.56 1.54
C ALA G 186 33.88 15.23 2.11
N PHE G 187 34.97 14.68 1.57
CA PHE G 187 35.41 13.36 1.97
C PHE G 187 36.64 13.40 2.87
N ASN G 188 36.84 14.51 3.60
CA ASN G 188 38.02 14.67 4.48
C ASN G 188 38.12 13.59 5.55
N ASN G 189 37.02 12.94 5.92
CA ASN G 189 37.10 11.92 6.94
CA ASN G 189 37.05 11.90 6.93
C ASN G 189 37.50 10.55 6.39
N SER G 190 37.70 10.42 5.08
CA SER G 190 38.16 9.15 4.53
C SER G 190 39.63 9.25 4.19
N ILE G 191 40.30 8.11 4.21
CA ILE G 191 41.64 8.02 3.66
C ILE G 191 41.45 7.83 2.16
N ILE G 192 41.74 8.88 1.39
CA ILE G 192 41.51 8.81 -0.04
C ILE G 192 42.88 8.78 -0.71
N PRO G 193 42.96 8.33 -1.96
CA PRO G 193 44.27 8.22 -2.61
C PRO G 193 45.01 9.54 -2.66
N GLU G 194 46.34 9.42 -2.58
CA GLU G 194 47.19 10.59 -2.62
C GLU G 194 47.02 11.34 -3.91
N ASP G 195 46.76 10.61 -5.00
CA ASP G 195 46.70 11.20 -6.33
C ASP G 195 45.28 11.64 -6.73
N THR G 196 44.35 11.76 -5.77
CA THR G 196 42.97 12.07 -6.08
C THR G 196 42.88 13.42 -6.77
N PHE G 197 42.09 13.49 -7.85
CA PHE G 197 41.98 14.70 -8.67
C PHE G 197 40.86 15.56 -8.13
N PHE G 198 41.17 16.82 -7.79
CA PHE G 198 40.16 17.77 -7.34
C PHE G 198 40.10 18.92 -8.34
N PRO G 199 39.22 18.86 -9.35
CA PRO G 199 39.15 19.94 -10.33
C PRO G 199 38.83 21.27 -9.66
N SER G 200 39.42 22.34 -10.17
CA SER G 200 39.23 23.63 -9.55
C SER G 200 37.75 24.01 -9.60
N PRO G 201 37.21 24.59 -8.52
CA PRO G 201 35.83 25.07 -8.55
C PRO G 201 35.70 26.33 -9.43
N GLU G 202 34.48 26.55 -9.91
CA GLU G 202 34.23 27.65 -10.84
C GLU G 202 34.32 29.00 -10.12
N SER G 203 34.29 30.07 -10.92
CA SER G 203 34.34 31.43 -10.39
C SER G 203 33.05 31.83 -9.69
N GLY H 4 6.69 -20.36 -10.73
CA GLY H 4 7.35 -20.74 -9.48
C GLY H 4 6.50 -20.40 -8.28
N VAL H 5 7.07 -19.64 -7.33
CA VAL H 5 6.36 -19.26 -6.11
C VAL H 5 6.10 -17.75 -6.20
N THR H 6 4.84 -17.35 -6.11
CA THR H 6 4.39 -15.96 -6.23
C THR H 6 3.76 -15.55 -4.92
N GLN H 7 4.28 -14.50 -4.30
CA GLN H 7 3.72 -14.03 -3.05
C GLN H 7 3.49 -12.53 -3.11
N THR H 8 2.53 -12.05 -2.33
CA THR H 8 2.15 -10.64 -2.32
C THR H 8 1.69 -10.28 -0.92
N PRO H 9 1.80 -9.00 -0.54
CA PRO H 9 2.37 -7.89 -1.29
C PRO H 9 3.89 -7.83 -1.19
N LYS H 10 4.53 -7.01 -2.03
CA LYS H 10 5.97 -6.88 -1.95
C LYS H 10 6.38 -6.06 -0.72
N PHE H 11 5.56 -5.07 -0.36
CA PHE H 11 5.83 -4.16 0.76
C PHE H 11 4.51 -3.86 1.44
N GLN H 12 4.57 -3.62 2.76
CA GLN H 12 3.35 -3.25 3.47
C GLN H 12 3.73 -2.56 4.77
N VAL H 13 3.17 -1.36 5.01
CA VAL H 13 3.29 -0.71 6.31
C VAL H 13 1.98 -0.92 7.05
N LEU H 14 2.07 -1.12 8.36
CA LEU H 14 0.92 -1.51 9.18
C LEU H 14 0.98 -0.77 10.51
N LYS H 15 -0.18 -0.50 11.08
CA LYS H 15 -0.24 0.07 12.42
C LYS H 15 -0.44 -1.06 13.42
N THR H 16 0.21 -0.94 14.59
CA THR H 16 0.01 -1.89 15.69
C THR H 16 -1.47 -2.17 15.89
N GLY H 17 -1.84 -3.45 15.87
CA GLY H 17 -3.22 -3.85 16.00
C GLY H 17 -3.93 -4.10 14.68
N GLN H 18 -3.36 -3.68 13.56
CA GLN H 18 -3.99 -3.91 12.28
C GLN H 18 -3.86 -5.37 11.88
N SER H 19 -4.74 -5.82 11.00
CA SER H 19 -4.68 -7.19 10.51
C SER H 19 -4.22 -7.21 9.06
N MET H 20 -3.53 -8.28 8.66
CA MET H 20 -2.96 -8.36 7.31
CA MET H 20 -3.07 -8.36 7.29
C MET H 20 -2.91 -9.81 6.86
N THR H 21 -3.08 -10.03 5.57
CA THR H 21 -2.98 -11.35 4.95
C THR H 21 -1.94 -11.29 3.83
N LEU H 22 -0.92 -12.13 3.93
CA LEU H 22 0.02 -12.32 2.83
C LEU H 22 -0.42 -13.50 1.97
N GLN H 23 -0.33 -13.36 0.66
CA GLN H 23 -0.78 -14.39 -0.25
C GLN H 23 0.41 -15.11 -0.86
N CYS H 24 0.25 -16.40 -1.13
CA CYS H 24 1.34 -17.14 -1.77
C CYS H 24 0.75 -18.22 -2.65
N ALA H 25 1.23 -18.32 -3.88
CA ALA H 25 0.82 -19.40 -4.76
C ALA H 25 2.04 -20.07 -5.36
N GLN H 26 1.92 -21.36 -5.66
CA GLN H 26 2.93 -22.03 -6.46
C GLN H 26 2.26 -22.82 -7.56
N ASP H 27 2.88 -22.79 -8.74
CA ASP H 27 2.40 -23.48 -9.92
C ASP H 27 3.33 -24.62 -10.31
N MET H 28 3.93 -25.28 -9.31
CA MET H 28 4.88 -26.36 -9.52
CA MET H 28 4.86 -26.36 -9.54
C MET H 28 4.28 -27.72 -9.14
N ASN H 29 2.99 -27.77 -8.85
CA ASN H 29 2.31 -29.00 -8.41
C ASN H 29 2.96 -29.59 -7.16
N HIS H 30 3.71 -28.77 -6.43
CA HIS H 30 4.26 -29.20 -5.14
C HIS H 30 3.14 -29.44 -4.16
N ASN H 31 3.41 -30.30 -3.17
CA ASN H 31 2.45 -30.58 -2.12
C ASN H 31 2.60 -29.68 -0.91
N SER H 32 3.86 -29.33 -0.57
CA SER H 32 4.22 -28.69 0.68
C SER H 32 4.55 -27.22 0.49
N MET H 33 4.08 -26.40 1.42
CA MET H 33 4.30 -24.97 1.39
C MET H 33 4.67 -24.50 2.81
N TYR H 34 5.44 -23.41 2.88
CA TYR H 34 6.02 -22.95 4.14
C TYR H 34 5.94 -21.43 4.20
N TRP H 35 5.90 -20.88 5.41
CA TRP H 35 6.07 -19.45 5.65
C TRP H 35 7.19 -19.24 6.67
N TYR H 36 8.23 -18.51 6.26
CA TYR H 36 9.37 -18.14 7.09
C TYR H 36 9.36 -16.63 7.35
N ARG H 37 10.03 -16.23 8.43
CA ARG H 37 10.48 -14.84 8.58
C ARG H 37 12.01 -14.77 8.63
N GLN H 38 12.53 -13.69 8.04
CA GLN H 38 13.96 -13.44 7.97
C GLN H 38 14.23 -12.12 8.67
N ASP H 39 15.09 -12.17 9.67
CA ASP H 39 15.42 -11.03 10.52
C ASP H 39 16.93 -10.89 10.60
N PRO H 40 17.43 -9.66 10.71
CA PRO H 40 18.89 -9.45 10.73
C PRO H 40 19.55 -10.23 11.87
N GLY H 41 20.73 -10.76 11.57
CA GLY H 41 21.53 -11.49 12.54
C GLY H 41 21.03 -12.84 12.94
N MET H 42 20.03 -13.40 12.26
CA MET H 42 19.62 -14.75 12.62
C MET H 42 19.19 -15.53 11.37
N GLY H 43 19.16 -16.85 11.53
CA GLY H 43 18.72 -17.73 10.46
C GLY H 43 17.22 -17.68 10.28
N LEU H 44 16.78 -18.06 9.07
CA LEU H 44 15.36 -18.14 8.78
C LEU H 44 14.66 -18.90 9.89
N ARG H 45 13.48 -18.44 10.29
CA ARG H 45 12.67 -19.14 11.29
C ARG H 45 11.31 -19.49 10.69
N LEU H 46 10.94 -20.77 10.77
CA LEU H 46 9.67 -21.24 10.20
C LEU H 46 8.51 -20.83 11.11
N ILE H 47 7.44 -20.33 10.51
CA ILE H 47 6.23 -19.89 11.24
C ILE H 47 5.16 -20.97 11.23
N TYR H 48 4.78 -21.42 10.05
CA TYR H 48 3.80 -22.47 9.82
C TYR H 48 4.15 -23.13 8.50
N TYR H 49 3.72 -24.37 8.34
CA TYR H 49 3.82 -25.03 7.02
C TYR H 49 2.54 -25.85 6.78
N SER H 50 2.52 -26.54 5.62
CA SER H 50 1.33 -27.24 5.10
C SER H 50 1.88 -28.41 4.28
N ALA H 51 2.05 -29.56 4.96
CA ALA H 51 2.66 -30.72 4.31
C ALA H 51 1.89 -31.15 3.06
N SER H 52 0.56 -30.99 3.06
CA SER H 52 -0.24 -31.42 1.92
C SER H 52 -1.46 -30.51 1.79
N GLU H 53 -2.11 -30.61 0.63
CA GLU H 53 -3.42 -29.97 0.47
C GLU H 53 -4.33 -30.41 1.60
N GLY H 54 -4.87 -29.44 2.34
CA GLY H 54 -5.78 -29.76 3.42
C GLY H 54 -5.15 -30.13 4.75
N THR H 55 -3.93 -29.67 5.03
CA THR H 55 -3.37 -29.78 6.37
C THR H 55 -2.39 -28.63 6.61
N THR H 56 -2.37 -28.13 7.84
CA THR H 56 -1.38 -27.16 8.30
C THR H 56 -0.75 -27.67 9.59
N ASP H 57 0.33 -27.01 10.03
CA ASP H 57 1.02 -27.40 11.25
C ASP H 57 1.97 -26.29 11.70
N LYS H 58 2.16 -26.17 13.02
CA LYS H 58 2.97 -25.09 13.54
C LYS H 58 4.44 -25.27 13.17
N GLY H 59 5.19 -24.16 13.25
CA GLY H 59 6.62 -24.14 13.05
C GLY H 59 7.33 -23.76 14.33
N GLU H 60 8.46 -23.06 14.23
CA GLU H 60 9.20 -22.65 15.41
C GLU H 60 8.60 -21.41 16.09
N VAL H 61 8.06 -20.46 15.33
CA VAL H 61 7.56 -19.21 15.92
C VAL H 61 6.14 -18.89 15.43
N PRO H 62 5.14 -19.72 15.76
CA PRO H 62 3.77 -19.50 15.29
C PRO H 62 2.96 -18.48 16.06
N ASN H 63 3.47 -17.95 17.17
CA ASN H 63 2.64 -17.09 18.02
C ASN H 63 2.47 -15.75 17.35
N GLY H 64 1.21 -15.36 17.15
CA GLY H 64 0.88 -14.12 16.46
C GLY H 64 0.48 -14.27 15.02
N TYR H 65 0.37 -15.50 14.51
CA TYR H 65 0.14 -15.77 13.10
C TYR H 65 -0.87 -16.89 12.92
N ASN H 66 -1.46 -16.94 11.72
CA ASN H 66 -2.27 -18.09 11.34
CA ASN H 66 -2.31 -18.06 11.34
C ASN H 66 -2.16 -18.29 9.84
N VAL H 67 -2.51 -19.49 9.39
CA VAL H 67 -2.39 -19.85 7.98
C VAL H 67 -3.63 -20.61 7.54
N SER H 68 -3.81 -20.66 6.22
CA SER H 68 -4.85 -21.46 5.60
C SER H 68 -4.35 -21.93 4.25
N ARG H 69 -4.45 -23.23 4.00
CA ARG H 69 -4.07 -23.82 2.70
C ARG H 69 -5.33 -23.86 1.83
N LEU H 70 -5.50 -22.84 0.98
CA LEU H 70 -6.78 -22.65 0.29
C LEU H 70 -7.05 -23.77 -0.72
N ASN H 71 -6.13 -23.98 -1.66
CA ASN H 71 -6.18 -25.14 -2.54
C ASN H 71 -4.77 -25.73 -2.53
N LYS H 72 -4.48 -26.62 -3.49
CA LYS H 72 -3.12 -27.12 -3.64
C LYS H 72 -2.14 -26.02 -4.00
N ARG H 73 -2.62 -24.96 -4.65
CA ARG H 73 -1.72 -23.92 -5.12
C ARG H 73 -1.41 -22.87 -4.05
N GLU H 74 -2.34 -22.57 -3.15
CA GLU H 74 -2.28 -21.34 -2.37
C GLU H 74 -2.20 -21.60 -0.88
N PHE H 75 -1.46 -20.73 -0.20
CA PHE H 75 -1.14 -20.87 1.22
C PHE H 75 -0.93 -19.46 1.78
N SER H 76 -1.91 -18.94 2.51
CA SER H 76 -1.86 -17.55 2.95
C SER H 76 -1.41 -17.45 4.40
N LEU H 77 -0.69 -16.37 4.70
CA LEU H 77 -0.29 -16.02 6.06
C LEU H 77 -1.09 -14.81 6.49
N ARG H 78 -1.69 -14.89 7.68
CA ARG H 78 -2.45 -13.80 8.26
C ARG H 78 -1.84 -13.40 9.59
N LEU H 79 -1.71 -12.09 9.80
CA LEU H 79 -1.41 -11.49 11.10
C LEU H 79 -2.71 -10.92 11.63
N GLU H 80 -3.25 -11.51 12.70
CA GLU H 80 -4.51 -11.00 13.24
C GLU H 80 -4.34 -9.63 13.88
N SER H 81 -3.36 -9.48 14.78
CA SER H 81 -3.11 -8.22 15.50
C SER H 81 -1.62 -7.86 15.36
N ALA H 82 -1.29 -7.05 14.36
CA ALA H 82 0.10 -6.74 14.06
C ALA H 82 0.79 -6.09 15.26
N ALA H 83 2.04 -6.46 15.47
CA ALA H 83 2.86 -6.02 16.58
C ALA H 83 4.21 -5.57 16.04
N PRO H 84 4.86 -4.60 16.69
CA PRO H 84 6.15 -4.14 16.18
C PRO H 84 7.15 -5.25 15.94
N SER H 85 7.22 -6.24 16.83
CA SER H 85 8.15 -7.34 16.66
C SER H 85 7.89 -8.13 15.38
N GLN H 86 6.74 -7.95 14.73
CA GLN H 86 6.45 -8.66 13.48
C GLN H 86 6.99 -7.92 12.25
N THR H 87 7.65 -6.80 12.47
CA THR H 87 8.42 -6.16 11.41
C THR H 87 9.50 -7.10 10.94
N SER H 88 9.48 -7.45 9.65
CA SER H 88 10.33 -8.53 9.17
C SER H 88 10.18 -8.61 7.65
N VAL H 89 10.92 -9.55 7.07
CA VAL H 89 10.73 -9.96 5.67
C VAL H 89 10.22 -11.39 5.71
N TYR H 90 9.04 -11.60 5.16
CA TYR H 90 8.41 -12.90 5.15
C TYR H 90 8.62 -13.59 3.80
N PHE H 91 8.97 -14.87 3.85
CA PHE H 91 9.20 -15.66 2.66
C PHE H 91 8.30 -16.89 2.68
N CYS H 92 7.56 -17.07 1.60
CA CYS H 92 6.92 -18.36 1.42
CA CYS H 92 6.87 -18.33 1.33
C CYS H 92 7.81 -19.24 0.54
N ALA H 93 7.71 -20.54 0.78
CA ALA H 93 8.50 -21.51 0.06
C ALA H 93 7.62 -22.74 -0.23
N SER H 94 8.09 -23.57 -1.14
CA SER H 94 7.41 -24.84 -1.37
C SER H 94 8.44 -25.92 -1.66
N SER H 95 7.99 -27.16 -1.54
CA SER H 95 8.84 -28.29 -1.85
C SER H 95 7.93 -29.43 -2.32
N VAL H 96 8.51 -30.36 -3.07
CA VAL H 96 7.69 -31.43 -3.65
C VAL H 96 6.96 -32.17 -2.55
N TRP H 97 7.71 -32.62 -1.55
CA TRP H 97 7.20 -33.29 -0.35
C TRP H 97 8.01 -32.84 0.85
N THR H 98 7.32 -32.40 1.92
CA THR H 98 8.02 -32.12 3.17
C THR H 98 8.89 -33.30 3.62
N GLY H 99 8.41 -34.51 3.43
CA GLY H 99 9.07 -35.69 3.96
C GLY H 99 10.11 -36.34 3.08
N GLU H 100 10.52 -35.70 1.99
CA GLU H 100 11.68 -36.15 1.22
C GLU H 100 12.95 -35.66 1.91
N GLY H 101 13.89 -36.58 2.15
CA GLY H 101 15.13 -36.22 2.81
C GLY H 101 15.91 -35.12 2.11
N SER H 102 16.23 -35.32 0.83
CA SER H 102 17.11 -34.43 0.09
C SER H 102 16.38 -33.28 -0.61
N GLY H 103 15.07 -33.11 -0.37
CA GLY H 103 14.29 -32.18 -1.17
C GLY H 103 14.60 -30.74 -0.80
N GLU H 104 14.89 -29.92 -1.81
CA GLU H 104 15.17 -28.51 -1.58
C GLU H 104 13.91 -27.66 -1.60
N LEU H 105 14.05 -26.44 -1.10
CA LEU H 105 12.97 -25.48 -1.04
C LEU H 105 13.07 -24.53 -2.23
N PHE H 106 11.91 -24.08 -2.68
CA PHE H 106 11.76 -23.09 -3.73
C PHE H 106 11.11 -21.89 -3.08
N PHE H 107 11.75 -20.73 -3.14
CA PHE H 107 11.30 -19.58 -2.36
C PHE H 107 10.56 -18.54 -3.22
N GLY H 108 9.57 -17.87 -2.61
CA GLY H 108 9.01 -16.65 -3.18
C GLY H 108 9.95 -15.45 -3.04
N GLU H 109 9.50 -14.29 -3.58
CA GLU H 109 10.34 -13.09 -3.60
C GLU H 109 10.44 -12.37 -2.26
N GLY H 110 9.59 -12.66 -1.29
CA GLY H 110 9.68 -11.97 -0.03
C GLY H 110 8.66 -10.85 0.10
N SER H 111 8.19 -10.61 1.33
CA SER H 111 7.22 -9.56 1.63
C SER H 111 7.74 -8.76 2.81
N ARG H 112 8.12 -7.52 2.59
CA ARG H 112 8.67 -6.69 3.67
C ARG H 112 7.52 -6.00 4.39
N LEU H 113 7.34 -6.35 5.66
CA LEU H 113 6.33 -5.74 6.51
C LEU H 113 6.99 -4.86 7.56
N THR H 114 6.49 -3.64 7.72
CA THR H 114 6.91 -2.77 8.82
C THR H 114 5.68 -2.41 9.63
N VAL H 115 5.70 -2.76 10.91
CA VAL H 115 4.60 -2.52 11.82
C VAL H 115 4.99 -1.36 12.73
N LEU H 116 4.13 -0.32 12.80
CA LEU H 116 4.49 0.89 13.53
C LEU H 116 3.41 1.22 14.54
N GLU H 117 3.82 1.83 15.66
CA GLU H 117 2.86 2.25 16.68
C GLU H 117 1.92 3.33 16.14
N ASP H 118 2.43 4.23 15.30
CA ASP H 118 1.58 5.21 14.65
CA ASP H 118 1.64 5.31 14.71
C ASP H 118 2.19 5.60 13.32
N LEU H 119 1.31 5.95 12.38
CA LEU H 119 1.81 6.23 11.04
C LEU H 119 2.34 7.66 10.88
N LYS H 120 2.51 8.38 12.00
CA LYS H 120 2.98 9.76 12.01
C LYS H 120 4.38 9.94 11.44
N ASN H 121 5.22 8.90 11.40
CA ASN H 121 6.59 9.01 10.92
CA ASN H 121 6.57 9.11 10.89
C ASN H 121 6.74 8.54 9.48
N VAL H 122 5.64 8.25 8.78
CA VAL H 122 5.71 7.76 7.41
C VAL H 122 5.83 8.95 6.46
N PHE H 123 6.87 8.94 5.59
CA PHE H 123 7.19 10.01 4.63
C PHE H 123 7.55 9.40 3.29
N PRO H 124 7.04 9.96 2.20
CA PRO H 124 7.54 9.60 0.87
C PRO H 124 8.91 10.22 0.66
N PRO H 125 9.64 9.78 -0.36
CA PRO H 125 10.93 10.42 -0.62
C PRO H 125 10.75 11.72 -1.37
N GLU H 126 11.65 12.66 -1.14
CA GLU H 126 11.83 13.70 -2.13
C GLU H 126 12.95 13.23 -3.05
N VAL H 127 12.79 13.50 -4.34
CA VAL H 127 13.67 12.95 -5.37
C VAL H 127 14.23 14.10 -6.18
N ALA H 128 15.56 14.09 -6.38
CA ALA H 128 16.22 15.11 -7.17
C ALA H 128 17.27 14.46 -8.04
N VAL H 129 17.51 15.06 -9.19
CA VAL H 129 18.51 14.58 -10.13
C VAL H 129 19.54 15.67 -10.35
N PHE H 130 20.81 15.26 -10.34
CA PHE H 130 21.93 16.17 -10.48
C PHE H 130 22.71 15.81 -11.75
N GLU H 131 22.96 16.80 -12.58
CA GLU H 131 23.55 16.62 -13.88
C GLU H 131 25.07 16.47 -13.77
N PRO H 132 25.71 15.85 -14.76
CA PRO H 132 27.14 15.51 -14.61
C PRO H 132 28.02 16.75 -14.49
N SER H 133 29.09 16.57 -13.74
CA SER H 133 30.18 17.52 -13.70
C SER H 133 30.84 17.66 -15.06
N GLU H 134 31.04 18.91 -15.49
CA GLU H 134 31.78 19.12 -16.73
CA GLU H 134 31.79 19.16 -16.71
C GLU H 134 33.25 18.71 -16.59
N ALA H 135 33.82 18.83 -15.39
CA ALA H 135 35.19 18.35 -15.21
C ALA H 135 35.29 16.82 -15.42
N GLU H 136 34.32 16.05 -14.91
CA GLU H 136 34.29 14.61 -15.20
C GLU H 136 34.29 14.36 -16.70
N ILE H 137 33.46 15.09 -17.44
CA ILE H 137 33.33 14.84 -18.87
C ILE H 137 34.65 15.09 -19.58
N SER H 138 35.33 16.20 -19.27
CA SER H 138 36.58 16.40 -20.00
C SER H 138 37.70 15.50 -19.49
N HIS H 139 37.68 15.11 -18.21
CA HIS H 139 38.77 14.25 -17.71
C HIS H 139 38.61 12.80 -18.13
N THR H 140 37.36 12.29 -18.23
CA THR H 140 37.14 10.86 -18.42
C THR H 140 36.37 10.49 -19.67
N GLN H 141 35.80 11.47 -20.40
CA GLN H 141 34.88 11.22 -21.51
C GLN H 141 33.67 10.40 -21.07
N LYS H 142 33.33 10.48 -19.78
CA LYS H 142 32.15 9.83 -19.23
C LYS H 142 31.40 10.86 -18.39
N ALA H 143 30.13 10.58 -18.12
CA ALA H 143 29.28 11.55 -17.43
C ALA H 143 28.37 10.80 -16.47
N THR H 144 28.46 11.12 -15.19
CA THR H 144 27.69 10.42 -14.15
C THR H 144 26.59 11.36 -13.65
N LEU H 145 25.34 10.93 -13.83
CA LEU H 145 24.19 11.57 -13.21
C LEU H 145 23.96 10.97 -11.85
N VAL H 146 23.45 11.79 -10.92
CA VAL H 146 23.16 11.26 -9.59
C VAL H 146 21.69 11.51 -9.27
N CYS H 147 21.06 10.51 -8.67
CA CYS H 147 19.71 10.64 -8.17
C CYS H 147 19.74 10.46 -6.67
N LEU H 148 19.14 11.39 -5.95
CA LEU H 148 19.01 11.33 -4.50
C LEU H 148 17.54 11.25 -4.14
N ALA H 149 17.21 10.23 -3.34
CA ALA H 149 15.89 10.02 -2.77
C ALA H 149 16.06 10.15 -1.27
N THR H 150 15.54 11.24 -0.69
CA THR H 150 15.87 11.58 0.68
C THR H 150 14.62 11.79 1.51
N GLY H 151 14.77 11.52 2.81
CA GLY H 151 13.74 11.75 3.83
C GLY H 151 12.59 10.76 3.90
N PHE H 152 12.72 9.54 3.38
CA PHE H 152 11.58 8.63 3.35
C PHE H 152 11.60 7.68 4.53
N TYR H 153 10.43 7.12 4.81
CA TYR H 153 10.27 6.18 5.91
C TYR H 153 8.91 5.51 5.79
N PRO H 154 8.80 4.17 5.93
CA PRO H 154 9.88 3.23 6.18
C PRO H 154 10.70 2.98 4.91
N ASP H 155 11.68 2.08 4.97
CA ASP H 155 12.53 1.79 3.82
C ASP H 155 11.80 0.86 2.86
N HIS H 156 10.80 1.42 2.16
CA HIS H 156 9.95 0.69 1.23
C HIS H 156 9.97 1.40 -0.12
N VAL H 157 11.10 1.35 -0.86
CA VAL H 157 11.21 2.11 -2.10
C VAL H 157 11.82 1.24 -3.18
N GLU H 158 11.55 1.62 -4.43
CA GLU H 158 12.18 1.00 -5.59
C GLU H 158 12.58 2.12 -6.53
N LEU H 159 13.86 2.26 -6.80
CA LEU H 159 14.37 3.34 -7.64
C LEU H 159 14.73 2.80 -9.01
N SER H 160 14.34 3.52 -10.05
CA SER H 160 14.67 3.12 -11.40
C SER H 160 15.10 4.33 -12.21
N TRP H 161 15.90 4.08 -13.23
CA TRP H 161 16.30 5.09 -14.21
C TRP H 161 15.59 4.82 -15.53
N TRP H 162 15.19 5.89 -16.20
CA TRP H 162 14.54 5.82 -17.51
C TRP H 162 15.27 6.74 -18.48
N VAL H 163 15.70 6.18 -19.60
CA VAL H 163 16.38 6.94 -20.63
C VAL H 163 15.50 6.91 -21.89
N ASN H 164 15.02 8.06 -22.31
CA ASN H 164 14.19 8.14 -23.51
C ASN H 164 13.00 7.19 -23.39
N GLY H 165 12.41 7.15 -22.19
CA GLY H 165 11.20 6.41 -21.95
C GLY H 165 11.36 4.93 -21.68
N LYS H 166 12.57 4.39 -21.72
CA LYS H 166 12.82 3.00 -21.40
C LYS H 166 13.63 2.88 -20.11
N GLU H 167 13.27 1.93 -19.27
CA GLU H 167 14.06 1.67 -18.06
C GLU H 167 15.41 1.08 -18.44
N VAL H 168 16.47 1.50 -17.74
CA VAL H 168 17.81 1.02 -18.00
C VAL H 168 18.41 0.47 -16.70
N HIS H 169 19.38 -0.43 -16.88
CA HIS H 169 20.09 -1.07 -15.78
C HIS H 169 21.58 -1.02 -16.04
N SER H 170 21.98 -1.02 -17.31
CA SER H 170 23.40 -0.91 -17.61
C SER H 170 23.88 0.48 -17.21
N GLY H 171 25.03 0.52 -16.54
CA GLY H 171 25.59 1.80 -16.13
C GLY H 171 25.01 2.35 -14.85
N VAL H 172 24.15 1.60 -14.18
CA VAL H 172 23.47 2.05 -12.98
C VAL H 172 24.11 1.41 -11.77
N CYS H 173 24.23 2.15 -10.68
CA CYS H 173 24.40 1.49 -9.40
CA CYS H 173 24.51 1.56 -9.37
C CYS H 173 23.70 2.31 -8.32
N THR H 174 22.83 1.61 -7.62
CA THR H 174 21.99 2.16 -6.56
C THR H 174 22.48 1.59 -5.25
N ASP H 175 22.61 2.43 -4.23
CA ASP H 175 23.12 1.93 -2.96
C ASP H 175 22.37 0.65 -2.55
N PRO H 176 23.07 -0.41 -2.16
CA PRO H 176 22.35 -1.61 -1.70
C PRO H 176 21.59 -1.37 -0.41
N GLN H 177 22.08 -0.48 0.44
CA GLN H 177 21.47 -0.17 1.71
C GLN H 177 21.16 1.32 1.82
N PRO H 178 20.01 1.68 2.39
CA PRO H 178 19.72 3.09 2.62
C PRO H 178 20.58 3.65 3.75
N LEU H 179 20.81 4.95 3.69
CA LEU H 179 21.53 5.66 4.72
C LEU H 179 20.53 6.19 5.72
N LYS H 180 20.74 5.91 7.01
CA LYS H 180 19.95 6.58 8.04
C LYS H 180 20.38 8.03 8.15
N GLU H 181 19.43 8.97 7.97
CA GLU H 181 19.75 10.39 8.00
C GLU H 181 20.14 10.87 9.38
N GLN H 182 19.63 10.21 10.42
CA GLN H 182 20.01 10.49 11.80
C GLN H 182 20.32 9.12 12.41
N PRO H 183 21.56 8.66 12.28
CA PRO H 183 21.87 7.25 12.60
C PRO H 183 21.58 6.83 14.04
N ALA H 184 21.40 7.78 14.96
CA ALA H 184 21.17 7.43 16.36
C ALA H 184 19.72 7.08 16.62
N LEU H 185 18.79 7.67 15.88
CA LEU H 185 17.37 7.51 16.17
C LEU H 185 16.85 6.18 15.61
N ASN H 186 15.90 5.59 16.33
CA ASN H 186 15.32 4.32 15.90
C ASN H 186 14.37 4.47 14.72
N ASP H 187 13.71 5.62 14.61
CA ASP H 187 12.75 5.92 13.56
C ASP H 187 13.33 6.81 12.47
N SER H 188 14.66 6.90 12.36
CA SER H 188 15.29 7.84 11.44
C SER H 188 14.74 7.68 10.04
N ARG H 189 14.53 8.80 9.36
CA ARG H 189 14.21 8.74 7.95
C ARG H 189 15.47 8.34 7.17
N TYR H 190 15.26 7.88 5.93
CA TYR H 190 16.31 7.29 5.10
C TYR H 190 16.63 8.15 3.88
N ALA H 191 17.84 7.93 3.37
CA ALA H 191 18.28 8.46 2.08
C ALA H 191 18.88 7.33 1.26
N LEU H 192 18.81 7.49 -0.05
CA LEU H 192 19.27 6.50 -1.00
C LEU H 192 19.87 7.24 -2.20
N SER H 193 21.08 6.86 -2.61
CA SER H 193 21.67 7.48 -3.79
C SER H 193 21.76 6.45 -4.92
N SER H 194 21.67 6.95 -6.14
CA SER H 194 21.89 6.12 -7.32
C SER H 194 22.67 6.92 -8.34
N ARG H 195 23.51 6.22 -9.11
CA ARG H 195 24.27 6.82 -10.17
C ARG H 195 23.92 6.15 -11.49
N LEU H 196 23.90 6.96 -12.55
CA LEU H 196 23.79 6.46 -13.90
C LEU H 196 24.95 7.06 -14.69
N ARG H 197 25.82 6.23 -15.22
CA ARG H 197 26.98 6.73 -15.95
C ARG H 197 26.85 6.33 -17.41
N VAL H 198 27.02 7.32 -18.30
CA VAL H 198 26.94 7.13 -19.75
C VAL H 198 28.18 7.77 -20.35
N SER H 199 28.40 7.50 -21.64
CA SER H 199 29.51 8.17 -22.33
C SER H 199 29.24 9.68 -22.46
N ALA H 200 30.31 10.45 -22.58
CA ALA H 200 30.14 11.88 -22.82
C ALA H 200 29.34 12.14 -24.08
N THR H 201 29.50 11.32 -25.12
CA THR H 201 28.75 11.59 -26.35
CA THR H 201 28.76 11.52 -26.36
C THR H 201 27.27 11.33 -26.16
N PHE H 202 26.89 10.33 -25.36
CA PHE H 202 25.47 10.13 -25.10
C PHE H 202 24.88 11.27 -24.29
N TRP H 203 25.61 11.75 -23.27
CA TRP H 203 25.15 12.90 -22.49
C TRP H 203 25.10 14.16 -23.34
N GLN H 204 25.94 14.27 -24.35
CA GLN H 204 25.99 15.52 -25.11
C GLN H 204 24.94 15.59 -26.23
N ASN H 205 24.08 14.58 -26.36
CA ASN H 205 22.96 14.63 -27.31
C ASN H 205 21.79 15.37 -26.66
N PRO H 206 21.35 16.50 -27.23
CA PRO H 206 20.32 17.30 -26.53
C PRO H 206 18.93 16.68 -26.55
N ARG H 207 18.67 15.64 -27.31
CA ARG H 207 17.37 15.01 -27.23
CA ARG H 207 17.38 14.99 -27.26
C ARG H 207 17.39 13.73 -26.40
N ASN H 208 18.52 13.41 -25.75
CA ASN H 208 18.51 12.30 -24.81
C ASN H 208 17.88 12.76 -23.51
N HIS H 209 17.00 11.93 -22.95
CA HIS H 209 16.18 12.32 -21.81
C HIS H 209 16.41 11.32 -20.68
N PHE H 210 16.57 11.84 -19.45
CA PHE H 210 16.97 11.04 -18.28
C PHE H 210 15.96 11.29 -17.17
N ARG H 211 15.48 10.23 -16.54
CA ARG H 211 14.54 10.34 -15.44
CA ARG H 211 14.54 10.34 -15.44
CA ARG H 211 14.56 10.36 -15.43
C ARG H 211 14.85 9.30 -14.38
N CYS H 212 14.84 9.70 -13.12
CA CYS H 212 14.93 8.81 -11.98
CA CYS H 212 14.90 8.73 -12.05
C CYS H 212 13.56 8.74 -11.34
N GLN H 213 13.05 7.54 -11.09
CA GLN H 213 11.73 7.38 -10.52
C GLN H 213 11.86 6.55 -9.27
N VAL H 214 11.09 6.91 -8.26
CA VAL H 214 11.10 6.15 -7.02
C VAL H 214 9.66 5.79 -6.71
N GLN H 215 9.34 4.50 -6.80
CA GLN H 215 8.09 4.00 -6.28
C GLN H 215 8.20 3.91 -4.75
N PHE H 216 7.28 4.55 -4.04
CA PHE H 216 7.24 4.49 -2.58
C PHE H 216 6.00 3.71 -2.20
N TYR H 217 6.14 2.79 -1.23
CA TYR H 217 5.01 2.01 -0.74
C TYR H 217 4.63 2.55 0.62
N GLY H 218 3.39 3.03 0.73
CA GLY H 218 3.02 3.81 1.88
C GLY H 218 1.63 3.45 2.35
N LEU H 219 0.84 4.46 2.66
CA LEU H 219 -0.48 4.28 3.22
C LEU H 219 -1.48 4.05 2.11
N SER H 220 -2.61 3.47 2.48
CA SER H 220 -3.72 3.22 1.57
C SER H 220 -4.94 4.01 2.03
N GLU H 221 -6.01 3.88 1.24
CA GLU H 221 -7.24 4.63 1.48
C GLU H 221 -7.77 4.40 2.88
N ASN H 222 -7.76 3.16 3.37
CA ASN H 222 -8.35 2.86 4.67
C ASN H 222 -7.50 3.31 5.84
N ASP H 223 -6.19 3.56 5.64
CA ASP H 223 -5.36 4.03 6.73
C ASP H 223 -5.81 5.40 7.22
N GLU H 224 -5.98 5.53 8.52
CA GLU H 224 -6.38 6.80 9.11
C GLU H 224 -5.23 7.80 9.03
N TRP H 225 -5.56 9.06 8.70
CA TRP H 225 -4.55 10.11 8.65
C TRP H 225 -5.05 11.31 9.43
N THR H 226 -4.22 11.81 10.35
CA THR H 226 -4.61 12.98 11.13
C THR H 226 -3.57 14.08 11.17
N GLN H 227 -2.46 13.93 10.45
CA GLN H 227 -1.41 14.94 10.49
C GLN H 227 -1.76 16.11 9.56
N ASP H 228 -1.06 17.23 9.79
CA ASP H 228 -1.27 18.42 8.99
C ASP H 228 -0.70 18.28 7.59
N ARG H 229 0.41 17.57 7.46
CA ARG H 229 1.02 17.39 6.15
C ARG H 229 0.17 16.41 5.34
N ALA H 230 0.53 16.24 4.07
CA ALA H 230 -0.18 15.37 3.16
C ALA H 230 -0.06 13.90 3.57
N LYS H 231 -1.16 13.17 3.44
CA LYS H 231 -1.18 11.74 3.73
C LYS H 231 -0.17 11.00 2.87
N PRO H 232 0.79 10.22 3.46
CA PRO H 232 1.88 9.58 2.69
C PRO H 232 1.45 8.27 2.04
N VAL H 233 0.62 8.41 1.01
CA VAL H 233 0.16 7.26 0.28
C VAL H 233 1.26 6.69 -0.61
N THR H 234 1.07 5.42 -0.97
CA THR H 234 1.82 4.81 -2.06
C THR H 234 1.80 5.67 -3.30
N GLN H 235 2.97 5.93 -3.88
CA GLN H 235 3.06 6.95 -4.92
C GLN H 235 4.41 6.82 -5.60
N ILE H 236 4.50 7.38 -6.79
CA ILE H 236 5.76 7.50 -7.52
C ILE H 236 6.20 8.96 -7.46
N VAL H 237 7.47 9.19 -7.10
CA VAL H 237 8.07 10.52 -7.11
C VAL H 237 9.25 10.46 -8.08
N SER H 238 9.41 11.47 -8.93
CA SER H 238 10.45 11.41 -9.95
CA SER H 238 10.41 11.42 -9.98
C SER H 238 11.06 12.79 -10.21
N ALA H 239 12.19 12.78 -10.91
CA ALA H 239 12.90 13.97 -11.33
C ALA H 239 13.58 13.66 -12.65
N GLU H 240 13.84 14.70 -13.44
CA GLU H 240 14.34 14.48 -14.78
C GLU H 240 15.51 15.38 -15.11
N ALA H 241 16.20 15.03 -16.19
CA ALA H 241 17.24 15.85 -16.79
C ALA H 241 17.28 15.54 -18.29
N TRP H 242 17.60 16.55 -19.08
CA TRP H 242 17.86 16.41 -20.51
C TRP H 242 19.35 16.53 -20.75
N GLY H 243 19.83 15.77 -21.74
CA GLY H 243 21.19 15.92 -22.23
C GLY H 243 21.53 17.35 -22.63
N ARG H 244 22.83 17.68 -22.66
CA ARG H 244 23.29 19.05 -22.77
C ARG H 244 24.33 19.11 -23.86
N ALA H 245 24.07 19.92 -24.90
CA ALA H 245 25.02 20.07 -26.01
C ALA H 245 26.18 20.99 -25.63
C1 GOL I . 14.78 -55.24 -14.86
O1 GOL I . 15.87 -56.05 -14.72
C2 GOL I . 13.94 -56.01 -15.85
O2 GOL I . 13.41 -55.21 -16.81
C3 GOL I . 12.95 -56.76 -14.97
O3 GOL I . 11.95 -57.25 -15.81
C1 P1J J . 13.74 -42.44 7.19
C2 P1J J . 13.41 -43.32 8.34
C4 P1J J . 10.11 -44.10 9.87
C5 P1J J . 9.39 -44.10 11.01
C6 P1J J . 8.17 -44.83 11.08
C7 P1J J . 8.54 -45.54 8.77
N P1J J . 11.99 -43.57 8.50
C P1J J . 13.23 -42.93 5.87
O P1J J . 12.49 -43.89 5.76
C3 P1J J . 11.37 -43.37 9.67
N1 P1J J . 7.84 -45.52 9.94
N2 P1J J . 9.70 -44.81 8.78
O1 P1J J . 13.65 -42.21 4.86
O2 P1J J . 11.83 -42.65 10.55
O3 P1J J . 7.41 -44.88 12.06
O4 P1J J . 8.22 -46.23 7.81
C1 P1J K . -4.20 26.46 -10.88
C2 P1J K . -5.19 26.85 -11.93
C4 P1J K . -4.80 28.92 -15.06
C5 P1J K . -5.47 29.13 -16.23
C6 P1J K . -4.97 30.12 -17.16
C7 P1J K . -3.10 30.53 -15.62
N P1J K . -4.63 27.67 -13.00
C P1J K . -3.55 27.66 -10.23
O P1J K . -2.84 28.38 -10.86
C3 P1J K . -5.37 27.97 -14.07
N1 P1J K . -3.81 30.75 -16.78
N2 P1J K . -3.66 29.61 -14.76
O1 P1J K . -3.83 27.80 -8.95
O2 P1J K . -6.48 27.48 -14.23
O3 P1J K . -5.52 30.44 -18.25
O4 P1J K . -2.02 31.05 -15.41
NA NA L . 17.01 47.80 -30.03
C1 GOL M . 21.20 32.35 -39.98
O1 GOL M . 22.14 31.31 -39.70
C2 GOL M . 19.97 31.76 -40.81
O2 GOL M . 19.32 30.70 -40.14
C3 GOL M . 20.58 31.31 -42.20
O3 GOL M . 19.52 30.85 -43.00
C ACT N . 9.78 -13.27 17.79
O ACT N . 8.89 -13.79 17.04
OXT ACT N . 10.66 -13.84 18.50
CH3 ACT N . 9.81 -11.69 17.85
#